data_7TTD
#
_entry.id   7TTD
#
_cell.length_a   65.795
_cell.length_b   127.211
_cell.length_c   250.461
_cell.angle_alpha   90.000
_cell.angle_beta   90.000
_cell.angle_gamma   90.000
#
_symmetry.space_group_name_H-M   'P 21 21 21'
#
loop_
_entity.id
_entity.type
_entity.pdbx_description
1 polymer 'Tubulin alpha-1B chain'
2 polymer 'Tubulin beta chain'
3 polymer Stathmin-4
4 non-polymer "GUANOSINE-5'-TRIPHOSPHATE"
5 non-polymer 'SULFATE ION'
6 non-polymer "GUANOSINE-5'-DIPHOSPHATE"
7 non-polymer 7-methoxy-4-[2-(morpholin-4-yl)-6,7-dihydro-5H-cyclopenta[d]pyrimidin-4-yl]-3,4-dihydroquinoxalin-2(1H)-one
8 non-polymer 'MAGNESIUM ION'
9 water water
#
loop_
_entity_poly.entity_id
_entity_poly.type
_entity_poly.pdbx_seq_one_letter_code
_entity_poly.pdbx_strand_id
1 'polypeptide(L)'
;MRECISIHVGQAGVQIGNACWELYCLEHGIQPDGQMPSDKTIGGGDDSFNTFFSETGAGKHVPRAVFVDLEPTVIDEVRT
GTYRQLFHPEQLITGKEDAANNYARGHYTIGKEIIDLVLDRIRKLADQCTGLQGFLVFHSFGGGTGSGFTSLLMERLSVD
YGKKSKLEFSIYPAPQVSTAVVEPYNSILTTHTTLEHSDCAFMVDNEAIYDICRRNLDIERPTYTNLNRLISQIVSSITA
SLRFDGALNVDLTEFQTNLVPYPRIHFPLATYAPVISAEKAYHEQLSVAEITNACFEPANQMVKCDPRHGKYMACCLLYR
GDVVPKDVNAAIATIKTKRSIQFVDWCPTGFKVGINYQPPTVVPGGDLAKVQRAVCMLSNTTAIAEAWARLDHKFDLMYA
KRAFVHWYVGEGMEEGEFSEAREDMAALEKDYEEVGVD
;
A,C
2 'polypeptide(L)'
;MREIVHIQAGQCGNQIGAKFWEVISDEHGIDPTGSYHGDSDLQLERINVYYNEATGNKYVPRAILVDLEPGTMDSVRSGP
FGQIFRPDNFVFGQSGAGNNWAKGHYTEGAELVDSVLDVVRKESESCDCLQGFQLTHSLGGGTGSGMGTLLISKIREEYP
DRIMNTFSVMPSPKVSDTVVEPYNATLSVHQLVENTDETYCIDNEALYDICFRTLKLTTPTYGDLNHLVSATMSGVTTCL
RFPGQLNADLRKLAVNMVPFPRLHFFMPGFAPLTSRGSQQYRALTVPELTQQMFDSKNMMAACDPRHGRYLTVAAIFRGR
MSMKEVDEQMLNVQNKNSSYFVEWIPNNVKTAVCDIPPRGLKMSATFIGNSTAIQELFKRISEQFTAMFRRKAFLHWYTG
EGMDEMEFTEAESNMNDLVSEYQQYQDATADEQ
;
B,D
3 'polypeptide(L)'
;MADMEVIELNKATSGQSWEVILKPPSFDGVPEFNASLPRRRDPSLEEIQKKLEAAEERRKYQEAELLKHLAEKREHEREV
IQKAIEENNNFIKMAKEKLAQKMESNKENREAHLAAMLERLQEKDKHAEEVRKNKELKEEASR
;
E
#
loop_
_chem_comp.id
_chem_comp.type
_chem_comp.name
_chem_comp.formula
GDP RNA linking GUANOSINE-5'-DIPHOSPHATE 'C10 H15 N5 O11 P2'
GTP non-polymer GUANOSINE-5'-TRIPHOSPHATE 'C10 H16 N5 O14 P3'
JUL non-polymer 7-methoxy-4-[2-(morpholin-4-yl)-6,7-dihydro-5H-cyclopenta[d]pyrimidin-4-yl]-3,4-dihydroquinoxalin-2(1H)-one 'C20 H23 N5 O3'
MG non-polymer 'MAGNESIUM ION' 'Mg 2'
SO4 non-polymer 'SULFATE ION' 'O4 S -2'
#
# COMPACT_ATOMS: atom_id res chain seq x y z
N MET A 1 -35.11 19.16 -70.35
CA MET A 1 -34.91 19.59 -68.97
C MET A 1 -33.44 19.90 -68.66
N ARG A 2 -33.23 20.65 -67.59
CA ARG A 2 -31.89 21.02 -67.14
C ARG A 2 -31.73 20.66 -65.66
N GLU A 3 -31.84 19.37 -65.33
CA GLU A 3 -31.79 18.93 -63.92
C GLU A 3 -30.48 19.33 -63.25
N CYS A 4 -30.58 19.72 -61.97
CA CYS A 4 -29.45 19.92 -61.06
C CYS A 4 -29.65 19.01 -59.85
N ILE A 5 -28.58 18.40 -59.37
CA ILE A 5 -28.62 17.53 -58.21
C ILE A 5 -27.89 18.22 -57.06
N SER A 6 -28.57 18.33 -55.92
CA SER A 6 -28.02 18.97 -54.72
C SER A 6 -27.47 17.93 -53.75
N ILE A 7 -26.26 18.16 -53.27
CA ILE A 7 -25.60 17.26 -52.32
C ILE A 7 -25.27 18.04 -51.08
N HIS A 8 -25.67 17.52 -49.90
CA HIS A 8 -25.47 18.22 -48.64
C HIS A 8 -24.61 17.36 -47.73
N VAL A 9 -23.43 17.87 -47.36
CA VAL A 9 -22.39 17.10 -46.70
C VAL A 9 -22.08 17.72 -45.34
N GLY A 10 -22.30 16.95 -44.28
CA GLY A 10 -22.00 17.41 -42.94
C GLY A 10 -23.17 18.18 -42.36
N GLN A 11 -23.07 18.51 -41.08
CA GLN A 11 -24.21 19.11 -40.39
C GLN A 11 -24.61 20.45 -41.00
N ALA A 12 -23.63 21.31 -41.29
CA ALA A 12 -23.98 22.62 -41.86
C ALA A 12 -24.66 22.44 -43.22
N GLY A 13 -24.10 21.59 -44.07
CA GLY A 13 -24.70 21.39 -45.39
C GLY A 13 -26.08 20.79 -45.30
N VAL A 14 -26.29 19.87 -44.35
CA VAL A 14 -27.60 19.25 -44.22
C VAL A 14 -28.63 20.25 -43.69
N GLN A 15 -28.26 20.99 -42.64
CA GLN A 15 -29.22 21.92 -42.04
C GLN A 15 -29.53 23.09 -42.95
N ILE A 16 -28.56 23.57 -43.74
CA ILE A 16 -28.87 24.59 -44.75
C ILE A 16 -29.70 24.01 -45.89
N GLY A 17 -29.44 22.76 -46.28
CA GLY A 17 -30.31 22.10 -47.25
C GLY A 17 -31.76 22.04 -46.80
N ASN A 18 -31.99 21.66 -45.54
CA ASN A 18 -33.33 21.70 -44.96
C ASN A 18 -33.98 23.05 -45.17
N ALA A 19 -33.26 24.12 -44.82
CA ALA A 19 -33.80 25.48 -44.97
C ALA A 19 -34.05 25.83 -46.44
N CYS A 20 -33.13 25.45 -47.34
CA CYS A 20 -33.37 25.70 -48.76
C CYS A 20 -34.58 24.94 -49.30
N TRP A 21 -34.66 23.62 -49.06
CA TRP A 21 -35.75 22.85 -49.66
C TRP A 21 -37.12 23.27 -49.12
N GLU A 22 -37.18 23.61 -47.83
CA GLU A 22 -38.41 24.22 -47.31
C GLU A 22 -38.77 25.50 -48.07
N LEU A 23 -37.78 26.36 -48.33
CA LEU A 23 -38.07 27.59 -49.06
C LEU A 23 -38.47 27.29 -50.51
N TYR A 24 -37.81 26.31 -51.16
CA TYR A 24 -38.22 25.96 -52.53
C TYR A 24 -39.66 25.49 -52.56
N CYS A 25 -40.05 24.65 -51.60
CA CYS A 25 -41.42 24.16 -51.54
C CYS A 25 -42.40 25.30 -51.38
N LEU A 26 -42.08 26.27 -50.51
CA LEU A 26 -42.94 27.43 -50.36
C LEU A 26 -43.00 28.25 -51.66
N GLU A 27 -41.87 28.41 -52.35
CA GLU A 27 -41.88 29.18 -53.59
C GLU A 27 -42.66 28.49 -54.70
N HIS A 28 -42.67 27.16 -54.74
CA HIS A 28 -43.28 26.45 -55.87
C HIS A 28 -44.65 25.86 -55.56
N GLY A 29 -45.10 25.93 -54.31
CA GLY A 29 -46.40 25.40 -53.99
C GLY A 29 -46.42 23.94 -53.62
N ILE A 30 -45.28 23.38 -53.19
CA ILE A 30 -45.20 21.98 -52.84
C ILE A 30 -45.48 21.85 -51.35
N GLN A 31 -46.56 21.15 -51.01
CA GLN A 31 -46.92 20.89 -49.63
C GLN A 31 -45.88 19.99 -48.97
N PRO A 32 -45.88 19.90 -47.64
CA PRO A 32 -44.94 18.99 -46.97
C PRO A 32 -45.16 17.52 -47.30
N ASP A 33 -46.37 17.14 -47.69
CA ASP A 33 -46.62 15.76 -48.09
C ASP A 33 -46.09 15.43 -49.48
N GLY A 34 -45.60 16.43 -50.21
CA GLY A 34 -45.11 16.24 -51.57
C GLY A 34 -46.08 16.62 -52.67
N GLN A 35 -47.30 16.99 -52.34
CA GLN A 35 -48.31 17.23 -53.36
C GLN A 35 -48.29 18.69 -53.80
N MET A 36 -48.85 18.93 -54.97
CA MET A 36 -48.89 20.26 -55.55
C MET A 36 -50.16 20.45 -56.39
N PRO A 37 -50.99 21.46 -56.07
CA PRO A 37 -52.19 21.80 -56.86
C PRO A 37 -51.85 22.66 -58.08
N ASP A 46 -45.55 27.30 -65.77
CA ASP A 46 -44.11 27.19 -65.52
C ASP A 46 -43.74 25.84 -64.92
N ASP A 47 -43.00 25.04 -65.69
CA ASP A 47 -42.57 23.71 -65.28
C ASP A 47 -41.07 23.64 -64.96
N SER A 48 -40.41 24.79 -64.79
CA SER A 48 -38.99 24.80 -64.53
C SER A 48 -38.61 24.18 -63.20
N PHE A 49 -39.56 24.08 -62.24
CA PHE A 49 -39.27 23.47 -60.94
C PHE A 49 -38.87 22.00 -61.07
N ASN A 50 -39.16 21.37 -62.21
CA ASN A 50 -38.72 19.99 -62.41
C ASN A 50 -37.20 19.87 -62.50
N THR A 51 -36.47 20.98 -62.71
CA THR A 51 -35.02 20.89 -62.66
C THR A 51 -34.55 20.47 -61.27
N PHE A 52 -35.30 20.85 -60.22
CA PHE A 52 -34.93 20.56 -58.84
C PHE A 52 -35.79 19.49 -58.18
N PHE A 53 -36.95 19.15 -58.76
CA PHE A 53 -37.85 18.13 -58.19
C PHE A 53 -38.19 17.08 -59.22
N SER A 54 -38.05 15.80 -58.86
CA SER A 54 -38.59 14.72 -59.67
C SER A 54 -40.03 14.45 -59.24
N GLU A 55 -40.64 13.39 -59.77
CA GLU A 55 -42.02 13.10 -59.44
C GLU A 55 -42.24 11.60 -59.44
N THR A 56 -42.90 11.10 -58.40
CA THR A 56 -43.15 9.68 -58.27
C THR A 56 -44.49 9.31 -58.91
N GLY A 57 -44.74 8.00 -58.95
CA GLY A 57 -46.00 7.51 -59.47
C GLY A 57 -47.21 7.85 -58.62
N ALA A 58 -47.00 8.27 -57.38
CA ALA A 58 -48.10 8.73 -56.55
C ALA A 58 -48.39 10.21 -56.76
N GLY A 59 -47.73 10.86 -57.72
CA GLY A 59 -47.87 12.30 -57.86
C GLY A 59 -47.13 13.12 -56.82
N LYS A 60 -46.13 12.54 -56.17
CA LYS A 60 -45.33 13.27 -55.18
C LYS A 60 -44.07 13.86 -55.82
N HIS A 61 -43.71 15.06 -55.41
CA HIS A 61 -42.54 15.75 -55.93
C HIS A 61 -41.39 15.64 -54.95
N VAL A 62 -40.24 15.20 -55.43
CA VAL A 62 -39.15 14.75 -54.58
C VAL A 62 -37.91 15.58 -54.91
N PRO A 63 -37.33 16.27 -53.94
CA PRO A 63 -36.06 16.97 -54.17
C PRO A 63 -35.02 16.06 -54.84
N ARG A 64 -34.36 16.57 -55.88
CA ARG A 64 -33.22 15.87 -56.45
C ARG A 64 -32.03 16.11 -55.53
N ALA A 65 -31.95 15.34 -54.44
CA ALA A 65 -30.99 15.67 -53.39
C ALA A 65 -30.49 14.44 -52.67
N VAL A 66 -29.24 14.55 -52.21
CA VAL A 66 -28.60 13.53 -51.38
C VAL A 66 -28.05 14.24 -50.14
N PHE A 67 -28.23 13.62 -48.97
CA PHE A 67 -27.73 14.14 -47.71
C PHE A 67 -26.75 13.13 -47.13
N VAL A 68 -25.56 13.61 -46.77
CA VAL A 68 -24.50 12.75 -46.26
C VAL A 68 -24.10 13.32 -44.91
N ASP A 69 -24.33 12.57 -43.85
CA ASP A 69 -23.84 12.97 -42.52
C ASP A 69 -23.67 11.73 -41.66
N LEU A 70 -22.49 11.57 -41.09
CA LEU A 70 -22.20 10.32 -40.39
C LEU A 70 -22.70 10.30 -38.96
N GLU A 71 -23.44 11.32 -38.55
CA GLU A 71 -24.03 11.38 -37.21
C GLU A 71 -25.54 11.28 -37.37
N PRO A 72 -26.19 10.20 -36.92
CA PRO A 72 -27.58 9.99 -37.31
C PRO A 72 -28.53 11.02 -36.74
N THR A 73 -28.14 11.72 -35.67
CA THR A 73 -29.03 12.69 -35.07
C THR A 73 -29.33 13.83 -36.04
N VAL A 74 -28.34 14.21 -36.85
CA VAL A 74 -28.55 15.27 -37.82
C VAL A 74 -29.49 14.80 -38.93
N ILE A 75 -29.16 13.66 -39.57
CA ILE A 75 -30.04 13.13 -40.62
C ILE A 75 -31.44 12.89 -40.09
N ASP A 76 -31.59 12.62 -38.78
CA ASP A 76 -32.93 12.48 -38.24
C ASP A 76 -33.73 13.78 -38.31
N GLU A 77 -33.05 14.93 -38.31
CA GLU A 77 -33.73 16.19 -38.58
C GLU A 77 -34.42 16.18 -39.94
N VAL A 78 -33.87 15.45 -40.92
CA VAL A 78 -34.52 15.34 -42.22
C VAL A 78 -35.68 14.35 -42.15
N ARG A 79 -35.44 13.13 -41.67
CA ARG A 79 -36.43 12.07 -41.78
C ARG A 79 -37.54 12.15 -40.75
N THR A 80 -37.49 13.11 -39.82
CA THR A 80 -38.62 13.35 -38.92
C THR A 80 -39.07 14.81 -38.95
N GLY A 81 -38.52 15.62 -39.84
CA GLY A 81 -38.90 17.02 -39.94
C GLY A 81 -40.25 17.23 -40.62
N THR A 82 -40.65 18.51 -40.65
CA THR A 82 -41.91 18.90 -41.27
C THR A 82 -42.03 18.38 -42.70
N TYR A 83 -40.92 18.42 -43.45
CA TYR A 83 -40.89 18.03 -44.85
C TYR A 83 -40.34 16.61 -45.05
N ARG A 84 -40.58 15.72 -44.08
CA ARG A 84 -39.94 14.41 -44.11
C ARG A 84 -40.51 13.51 -45.20
N GLN A 85 -41.78 13.68 -45.55
CA GLN A 85 -42.38 12.85 -46.60
C GLN A 85 -41.85 13.18 -47.98
N LEU A 86 -41.08 14.26 -48.11
CA LEU A 86 -40.50 14.61 -49.40
C LEU A 86 -39.37 13.69 -49.79
N PHE A 87 -38.70 13.09 -48.81
CA PHE A 87 -37.46 12.39 -49.04
C PHE A 87 -37.65 10.88 -48.90
N HIS A 88 -36.87 10.14 -49.68
CA HIS A 88 -36.82 8.68 -49.65
C HIS A 88 -35.55 8.25 -48.94
N PRO A 89 -35.62 7.13 -48.22
CA PRO A 89 -34.48 6.73 -47.37
C PRO A 89 -33.17 6.61 -48.13
N GLU A 90 -33.22 6.24 -49.40
CA GLU A 90 -32.02 6.11 -50.22
C GLU A 90 -31.34 7.45 -50.50
N GLN A 91 -31.96 8.56 -50.11
CA GLN A 91 -31.36 9.88 -50.22
C GLN A 91 -30.61 10.31 -48.97
N LEU A 92 -30.81 9.62 -47.85
CA LEU A 92 -30.23 9.99 -46.56
C LEU A 92 -29.16 8.99 -46.21
N ILE A 93 -27.89 9.41 -46.24
CA ILE A 93 -26.78 8.52 -45.94
C ILE A 93 -26.19 8.93 -44.60
N THR A 94 -26.17 8.00 -43.66
CA THR A 94 -25.65 8.24 -42.33
C THR A 94 -24.73 7.10 -41.92
N GLY A 95 -24.13 7.20 -40.75
CA GLY A 95 -23.17 6.22 -40.28
C GLY A 95 -23.20 6.11 -38.77
N LYS A 96 -22.10 5.71 -38.17
CA LYS A 96 -22.00 5.67 -36.71
C LYS A 96 -21.22 6.85 -36.13
N GLU A 97 -19.93 6.98 -36.47
CA GLU A 97 -19.06 8.03 -35.93
C GLU A 97 -18.85 9.13 -36.96
N ASP A 98 -18.88 10.38 -36.53
CA ASP A 98 -18.58 11.44 -37.48
C ASP A 98 -17.06 11.61 -37.55
N ALA A 99 -16.62 12.67 -38.24
CA ALA A 99 -15.19 12.88 -38.47
C ALA A 99 -14.49 13.55 -37.30
N ALA A 100 -15.20 13.86 -36.23
CA ALA A 100 -14.58 14.39 -35.01
C ALA A 100 -13.72 15.62 -35.30
N ASN A 101 -14.20 16.49 -36.20
CA ASN A 101 -13.61 17.79 -36.49
C ASN A 101 -12.29 17.68 -37.23
N ASN A 102 -12.03 16.53 -37.85
CA ASN A 102 -10.72 16.15 -38.39
C ASN A 102 -10.87 15.89 -39.88
N TYR A 103 -10.39 16.82 -40.73
CA TYR A 103 -10.46 16.64 -42.18
C TYR A 103 -9.89 15.28 -42.58
N ALA A 104 -8.78 14.86 -41.97
CA ALA A 104 -8.17 13.60 -42.39
C ALA A 104 -9.09 12.40 -42.12
N ARG A 105 -9.80 12.42 -40.99
CA ARG A 105 -10.75 11.34 -40.71
C ARG A 105 -11.90 11.37 -41.70
N GLY A 106 -12.40 12.56 -42.02
CA GLY A 106 -13.50 12.64 -42.98
C GLY A 106 -13.08 12.25 -44.38
N HIS A 107 -11.85 12.61 -44.77
CA HIS A 107 -11.42 12.42 -46.14
C HIS A 107 -10.89 11.02 -46.36
N TYR A 108 -10.05 10.52 -45.45
CA TYR A 108 -9.33 9.28 -45.64
C TYR A 108 -10.00 8.09 -44.95
N THR A 109 -10.30 8.21 -43.66
CA THR A 109 -10.86 7.09 -42.90
C THR A 109 -12.33 6.85 -43.23
N ILE A 110 -13.17 7.87 -43.04
CA ILE A 110 -14.59 7.74 -43.40
C ILE A 110 -14.76 7.67 -44.92
N GLY A 111 -14.10 8.57 -45.65
CA GLY A 111 -14.36 8.70 -47.07
C GLY A 111 -14.06 7.44 -47.85
N LYS A 112 -13.00 6.73 -47.47
CA LYS A 112 -12.71 5.45 -48.14
C LYS A 112 -13.78 4.42 -47.83
N GLU A 113 -14.50 4.57 -46.71
CA GLU A 113 -15.51 3.59 -46.35
C GLU A 113 -16.87 3.86 -46.99
N ILE A 114 -17.20 5.10 -47.32
CA ILE A 114 -18.56 5.44 -47.76
C ILE A 114 -18.63 6.00 -49.18
N ILE A 115 -17.49 6.27 -49.82
CA ILE A 115 -17.53 7.04 -51.06
C ILE A 115 -18.29 6.29 -52.13
N ASP A 116 -18.11 4.96 -52.20
CA ASP A 116 -18.78 4.18 -53.24
C ASP A 116 -20.28 4.14 -53.04
N LEU A 117 -20.73 3.96 -51.79
CA LEU A 117 -22.14 4.07 -51.47
C LEU A 117 -22.71 5.44 -51.85
N VAL A 118 -21.96 6.51 -51.57
CA VAL A 118 -22.47 7.84 -51.86
C VAL A 118 -22.58 8.06 -53.36
N LEU A 119 -21.55 7.66 -54.12
CA LEU A 119 -21.65 7.84 -55.57
C LEU A 119 -22.76 6.98 -56.14
N ASP A 120 -23.06 5.83 -55.51
CA ASP A 120 -24.16 4.99 -56.00
C ASP A 120 -25.50 5.69 -55.87
N ARG A 121 -25.77 6.32 -54.71
CA ARG A 121 -27.02 7.08 -54.57
C ARG A 121 -27.09 8.23 -55.56
N ILE A 122 -25.98 8.96 -55.74
CA ILE A 122 -25.94 10.04 -56.73
C ILE A 122 -26.21 9.48 -58.11
N ARG A 123 -25.60 8.34 -58.45
CA ARG A 123 -25.83 7.73 -59.75
C ARG A 123 -27.30 7.42 -59.96
N LYS A 124 -28.00 7.00 -58.91
CA LYS A 124 -29.43 6.72 -59.04
C LYS A 124 -30.21 7.97 -59.40
N LEU A 125 -29.87 9.11 -58.78
CA LEU A 125 -30.53 10.36 -59.15
C LEU A 125 -30.17 10.77 -60.58
N ALA A 126 -28.89 10.59 -60.97
CA ALA A 126 -28.47 11.05 -62.29
C ALA A 126 -29.09 10.22 -63.40
N ASP A 127 -29.38 8.95 -63.13
CA ASP A 127 -30.05 8.10 -64.12
C ASP A 127 -31.48 8.55 -64.42
N GLN A 128 -32.06 9.41 -63.59
CA GLN A 128 -33.41 9.93 -63.83
C GLN A 128 -33.41 11.25 -64.58
N CYS A 129 -32.24 11.78 -64.91
CA CYS A 129 -32.16 13.06 -65.61
C CYS A 129 -31.92 12.81 -67.08
N THR A 130 -32.57 13.62 -67.92
CA THR A 130 -32.35 13.55 -69.36
C THR A 130 -31.32 14.56 -69.83
N GLY A 131 -31.03 15.59 -69.05
CA GLY A 131 -30.03 16.60 -69.40
C GLY A 131 -29.33 17.17 -68.17
N LEU A 132 -28.66 16.29 -67.42
CA LEU A 132 -28.08 16.69 -66.14
C LEU A 132 -27.12 17.85 -66.33
N GLN A 133 -27.39 18.97 -65.67
CA GLN A 133 -26.46 20.10 -65.72
C GLN A 133 -25.24 19.86 -64.84
N GLY A 134 -25.45 19.29 -63.68
CA GLY A 134 -24.36 19.16 -62.71
C GLY A 134 -24.90 19.22 -61.29
N PHE A 135 -24.02 19.67 -60.38
CA PHE A 135 -24.22 19.47 -58.95
C PHE A 135 -24.04 20.78 -58.19
N LEU A 136 -24.86 20.93 -57.15
CA LEU A 136 -24.77 22.00 -56.17
C LEU A 136 -24.40 21.35 -54.84
N VAL A 137 -23.21 21.66 -54.34
CA VAL A 137 -22.65 20.98 -53.18
C VAL A 137 -22.61 21.96 -52.03
N PHE A 138 -23.34 21.63 -50.95
CA PHE A 138 -23.42 22.44 -49.75
C PHE A 138 -22.59 21.80 -48.64
N HIS A 139 -21.66 22.57 -48.05
CA HIS A 139 -20.83 21.97 -47.02
C HIS A 139 -20.10 23.05 -46.23
N SER A 140 -19.61 22.68 -45.04
CA SER A 140 -18.77 23.58 -44.26
C SER A 140 -17.31 23.50 -44.68
N PHE A 141 -16.59 24.61 -44.48
CA PHE A 141 -15.12 24.57 -44.49
C PHE A 141 -14.55 23.93 -43.22
N GLY A 142 -15.20 24.12 -42.07
CA GLY A 142 -14.57 23.81 -40.79
C GLY A 142 -14.82 22.43 -40.22
N GLY A 143 -15.99 21.86 -40.51
CA GLY A 143 -16.26 20.50 -40.06
C GLY A 143 -15.33 19.48 -40.67
N GLY A 144 -15.08 18.40 -39.92
CA GLY A 144 -14.27 17.32 -40.47
C GLY A 144 -14.95 16.59 -41.62
N THR A 145 -16.29 16.49 -41.58
CA THR A 145 -16.99 15.82 -42.67
C THR A 145 -17.21 16.78 -43.83
N GLY A 146 -17.75 17.96 -43.53
CA GLY A 146 -17.91 18.98 -44.56
C GLY A 146 -16.63 19.27 -45.30
N SER A 147 -15.48 19.25 -44.60
CA SER A 147 -14.25 19.53 -45.32
C SER A 147 -13.66 18.26 -45.95
N GLY A 148 -13.51 17.21 -45.15
CA GLY A 148 -12.77 16.04 -45.59
C GLY A 148 -13.54 15.19 -46.58
N PHE A 149 -14.82 14.93 -46.33
CA PHE A 149 -15.54 14.08 -47.27
C PHE A 149 -15.87 14.85 -48.55
N THR A 150 -16.36 16.08 -48.41
CA THR A 150 -16.70 16.87 -49.60
C THR A 150 -15.57 16.85 -50.62
N SER A 151 -14.33 17.05 -50.15
CA SER A 151 -13.21 17.14 -51.07
C SER A 151 -12.98 15.81 -51.80
N LEU A 152 -13.12 14.69 -51.08
CA LEU A 152 -13.07 13.39 -51.74
C LEU A 152 -14.19 13.25 -52.76
N LEU A 153 -15.41 13.66 -52.39
CA LEU A 153 -16.55 13.58 -53.30
C LEU A 153 -16.33 14.42 -54.57
N MET A 154 -15.77 15.63 -54.43
CA MET A 154 -15.55 16.47 -55.61
C MET A 154 -14.52 15.86 -56.55
N GLU A 155 -13.46 15.25 -56.02
CA GLU A 155 -12.50 14.53 -56.85
C GLU A 155 -13.20 13.43 -57.65
N ARG A 156 -14.05 12.66 -56.98
CA ARG A 156 -14.73 11.54 -57.64
C ARG A 156 -15.80 12.01 -58.62
N LEU A 157 -16.47 13.12 -58.33
CA LEU A 157 -17.42 13.64 -59.30
C LEU A 157 -16.72 14.13 -60.55
N SER A 158 -15.49 14.64 -60.42
CA SER A 158 -14.73 15.06 -61.58
C SER A 158 -14.38 13.87 -62.45
N VAL A 159 -14.17 12.70 -61.84
CA VAL A 159 -13.90 11.48 -62.58
C VAL A 159 -15.17 10.96 -63.23
N ASP A 160 -16.25 10.80 -62.46
CA ASP A 160 -17.45 10.14 -62.95
C ASP A 160 -18.36 11.06 -63.77
N TYR A 161 -18.14 12.37 -63.76
CA TYR A 161 -19.01 13.31 -64.47
C TYR A 161 -18.18 14.42 -65.11
N GLY A 162 -17.25 14.03 -66.00
CA GLY A 162 -16.18 14.95 -66.40
C GLY A 162 -16.63 16.27 -66.97
N LYS A 163 -17.73 16.28 -67.71
CA LYS A 163 -18.17 17.50 -68.36
C LYS A 163 -19.28 18.22 -67.59
N LYS A 164 -19.57 17.80 -66.36
CA LYS A 164 -20.66 18.38 -65.62
C LYS A 164 -20.17 19.53 -64.74
N SER A 165 -20.96 20.59 -64.66
CA SER A 165 -20.64 21.70 -63.79
C SER A 165 -20.83 21.34 -62.33
N LYS A 166 -19.97 21.87 -61.47
CA LYS A 166 -20.05 21.69 -60.02
C LYS A 166 -19.95 23.04 -59.33
N LEU A 167 -21.02 23.44 -58.65
CA LEU A 167 -21.06 24.64 -57.84
C LEU A 167 -21.09 24.28 -56.37
N GLU A 168 -20.43 25.11 -55.55
CA GLU A 168 -20.41 24.94 -54.10
C GLU A 168 -21.06 26.11 -53.39
N PHE A 169 -21.66 25.80 -52.25
CA PHE A 169 -22.07 26.78 -51.26
C PHE A 169 -21.33 26.38 -49.98
N SER A 170 -20.31 27.16 -49.65
CA SER A 170 -19.34 26.81 -48.62
C SER A 170 -19.55 27.73 -47.43
N ILE A 171 -19.60 27.13 -46.25
CA ILE A 171 -19.74 27.91 -45.01
C ILE A 171 -18.34 28.20 -44.48
N TYR A 172 -17.98 29.45 -44.54
CA TYR A 172 -16.69 29.92 -44.07
C TYR A 172 -16.74 30.13 -42.55
N PRO A 173 -15.75 29.65 -41.79
CA PRO A 173 -15.85 29.63 -40.31
C PRO A 173 -15.86 31.00 -39.67
N ALA A 174 -16.62 31.10 -38.59
CA ALA A 174 -16.58 32.24 -37.65
C ALA A 174 -16.39 31.74 -36.22
N PRO A 175 -15.39 32.25 -35.49
CA PRO A 175 -15.20 31.80 -34.10
C PRO A 175 -16.42 31.97 -33.20
N GLN A 176 -17.28 32.97 -33.43
CA GLN A 176 -18.47 33.16 -32.60
C GLN A 176 -19.29 31.87 -32.48
N VAL A 177 -19.54 31.19 -33.59
CA VAL A 177 -20.40 30.01 -33.57
C VAL A 177 -19.62 28.72 -33.76
N SER A 178 -18.36 28.80 -34.15
CA SER A 178 -17.55 27.61 -34.34
C SER A 178 -17.43 26.83 -33.05
N THR A 179 -17.23 25.53 -33.20
CA THR A 179 -17.03 24.63 -32.08
C THR A 179 -15.66 23.96 -32.11
N ALA A 180 -14.81 24.25 -33.09
CA ALA A 180 -13.57 23.52 -33.23
C ALA A 180 -12.40 24.47 -33.41
N VAL A 181 -11.31 24.17 -32.73
CA VAL A 181 -10.12 25.01 -32.84
C VAL A 181 -9.39 24.76 -34.16
N VAL A 182 -9.62 23.61 -34.79
CA VAL A 182 -8.81 23.23 -35.95
C VAL A 182 -9.50 23.57 -37.27
N GLU A 183 -10.56 24.38 -37.21
CA GLU A 183 -11.26 24.74 -38.44
C GLU A 183 -10.35 25.42 -39.48
N PRO A 184 -9.41 26.31 -39.10
CA PRO A 184 -8.47 26.82 -40.13
C PRO A 184 -7.70 25.73 -40.86
N TYR A 185 -7.30 24.66 -40.16
CA TYR A 185 -6.65 23.55 -40.85
C TYR A 185 -7.59 22.91 -41.87
N ASN A 186 -8.80 22.55 -41.45
CA ASN A 186 -9.72 21.87 -42.33
C ASN A 186 -10.07 22.74 -43.56
N SER A 187 -10.16 24.06 -43.36
CA SER A 187 -10.51 24.98 -44.45
C SER A 187 -9.44 24.99 -45.53
N ILE A 188 -8.17 25.07 -45.12
CA ILE A 188 -7.07 25.10 -46.09
C ILE A 188 -6.94 23.75 -46.77
N LEU A 189 -7.02 22.66 -46.00
CA LEU A 189 -6.94 21.33 -46.59
C LEU A 189 -8.02 21.12 -47.65
N THR A 190 -9.27 21.49 -47.34
CA THR A 190 -10.32 21.19 -48.31
C THR A 190 -10.32 22.17 -49.48
N THR A 191 -9.91 23.42 -49.27
CA THR A 191 -9.79 24.36 -50.38
C THR A 191 -8.71 23.92 -51.35
N HIS A 192 -7.57 23.46 -50.83
CA HIS A 192 -6.50 22.96 -51.69
C HIS A 192 -7.01 21.84 -52.58
N THR A 193 -7.64 20.84 -51.97
CA THR A 193 -7.99 19.62 -52.68
C THR A 193 -9.16 19.85 -53.64
N THR A 194 -10.07 20.75 -53.31
CA THR A 194 -11.29 20.97 -54.09
C THR A 194 -11.09 21.97 -55.22
N LEU A 195 -10.01 22.74 -55.20
CA LEU A 195 -9.91 23.96 -56.02
C LEU A 195 -10.03 23.67 -57.51
N GLU A 196 -9.27 22.70 -58.00
CA GLU A 196 -9.26 22.33 -59.41
C GLU A 196 -10.48 21.52 -59.82
N HIS A 197 -11.43 21.27 -58.90
CA HIS A 197 -12.59 20.43 -59.17
C HIS A 197 -13.93 21.16 -59.06
N SER A 198 -13.93 22.42 -58.67
CA SER A 198 -15.14 23.22 -58.59
C SER A 198 -15.11 24.24 -59.71
N ASP A 199 -16.28 24.62 -60.21
CA ASP A 199 -16.38 25.62 -61.28
C ASP A 199 -16.72 27.01 -60.75
N CYS A 200 -17.39 27.05 -59.60
CA CYS A 200 -17.89 28.29 -59.04
C CYS A 200 -18.31 28.00 -57.61
N ALA A 201 -17.81 28.76 -56.65
CA ALA A 201 -18.00 28.47 -55.24
C ALA A 201 -18.47 29.74 -54.54
N PHE A 202 -19.70 29.73 -54.03
CA PHE A 202 -20.20 30.87 -53.27
C PHE A 202 -19.90 30.62 -51.79
N MET A 203 -18.96 31.38 -51.24
CA MET A 203 -18.64 31.31 -49.82
C MET A 203 -19.64 32.12 -49.01
N VAL A 204 -20.04 31.56 -47.88
CA VAL A 204 -20.93 32.23 -46.95
C VAL A 204 -20.19 32.32 -45.63
N ASP A 205 -19.85 33.54 -45.24
CA ASP A 205 -19.09 33.81 -44.02
C ASP A 205 -20.07 33.84 -42.86
N ASN A 206 -19.96 32.85 -41.95
CA ASN A 206 -20.86 32.81 -40.81
C ASN A 206 -20.84 34.12 -40.02
N GLU A 207 -19.69 34.80 -39.96
CA GLU A 207 -19.65 36.05 -39.19
C GLU A 207 -20.46 37.15 -39.89
N ALA A 208 -20.38 37.24 -41.22
CA ALA A 208 -21.17 38.23 -41.95
C ALA A 208 -22.66 37.98 -41.73
N ILE A 209 -23.10 36.74 -41.94
CA ILE A 209 -24.49 36.37 -41.68
C ILE A 209 -24.89 36.73 -40.25
N TYR A 210 -24.01 36.39 -39.30
CA TYR A 210 -24.29 36.70 -37.88
C TYR A 210 -24.52 38.19 -37.68
N ASP A 211 -23.73 39.03 -38.34
CA ASP A 211 -23.84 40.48 -38.14
C ASP A 211 -25.08 41.04 -38.81
N ILE A 212 -25.43 40.54 -39.99
CA ILE A 212 -26.68 40.95 -40.64
C ILE A 212 -27.89 40.58 -39.80
N CYS A 213 -27.87 39.41 -39.16
CA CYS A 213 -28.97 39.05 -38.26
C CYS A 213 -29.04 39.96 -37.05
N ARG A 214 -27.90 40.26 -36.41
CA ARG A 214 -27.90 41.19 -35.26
C ARG A 214 -28.36 42.59 -35.66
N ARG A 215 -27.80 43.15 -36.73
CA ARG A 215 -28.10 44.54 -37.08
C ARG A 215 -29.46 44.69 -37.73
N ASN A 216 -29.72 43.93 -38.80
CA ASN A 216 -30.94 44.15 -39.58
C ASN A 216 -32.17 43.43 -39.02
N LEU A 217 -31.98 42.37 -38.24
CA LEU A 217 -33.11 41.61 -37.71
C LEU A 217 -33.32 41.81 -36.22
N ASP A 218 -32.41 42.51 -35.53
CA ASP A 218 -32.52 42.78 -34.10
C ASP A 218 -32.64 41.49 -33.32
N ILE A 219 -31.75 40.55 -33.62
CA ILE A 219 -31.59 39.33 -32.85
C ILE A 219 -30.33 39.47 -32.02
N GLU A 220 -30.45 39.22 -30.71
CA GLU A 220 -29.30 39.40 -29.85
C GLU A 220 -28.24 38.34 -30.08
N ARG A 221 -28.65 37.07 -30.17
CA ARG A 221 -27.70 35.95 -30.32
C ARG A 221 -28.24 34.98 -31.36
N PRO A 222 -27.99 35.26 -32.66
CA PRO A 222 -28.56 34.43 -33.72
C PRO A 222 -28.28 32.94 -33.55
N THR A 223 -29.29 32.13 -33.86
CA THR A 223 -29.16 30.69 -33.90
C THR A 223 -28.75 30.23 -35.30
N TYR A 224 -28.36 28.95 -35.40
CA TYR A 224 -28.19 28.34 -36.71
C TYR A 224 -29.44 28.50 -37.56
N THR A 225 -30.62 28.39 -36.95
CA THR A 225 -31.85 28.60 -37.72
C THR A 225 -31.92 30.02 -38.29
N ASN A 226 -31.58 31.02 -37.47
CA ASN A 226 -31.50 32.40 -37.98
C ASN A 226 -30.56 32.47 -39.18
N LEU A 227 -29.33 31.97 -39.02
CA LEU A 227 -28.36 32.01 -40.10
C LEU A 227 -28.87 31.24 -41.31
N ASN A 228 -29.41 30.03 -41.09
CA ASN A 228 -29.83 29.21 -42.23
C ASN A 228 -30.99 29.85 -42.97
N ARG A 229 -31.92 30.48 -42.25
CA ARG A 229 -33.03 31.12 -42.94
C ARG A 229 -32.53 32.23 -43.86
N LEU A 230 -31.59 33.04 -43.37
CA LEU A 230 -31.06 34.10 -44.22
C LEU A 230 -30.25 33.52 -45.37
N ILE A 231 -29.47 32.47 -45.11
CA ILE A 231 -28.72 31.83 -46.17
C ILE A 231 -29.67 31.28 -47.24
N SER A 232 -30.78 30.68 -46.82
CA SER A 232 -31.72 30.12 -47.79
C SER A 232 -32.20 31.17 -48.79
N GLN A 233 -32.39 32.41 -48.33
CA GLN A 233 -32.81 33.50 -49.23
C GLN A 233 -31.78 33.78 -50.30
N ILE A 234 -30.49 33.70 -49.96
CA ILE A 234 -29.44 33.98 -50.94
C ILE A 234 -29.36 32.84 -51.94
N VAL A 235 -29.27 31.61 -51.44
CA VAL A 235 -29.32 30.43 -52.32
C VAL A 235 -30.52 30.53 -53.27
N SER A 236 -31.70 30.81 -52.71
CA SER A 236 -32.90 30.94 -53.53
C SER A 236 -32.72 31.98 -54.62
N SER A 237 -32.15 33.14 -54.29
CA SER A 237 -31.94 34.16 -55.32
C SER A 237 -31.00 33.65 -56.39
N ILE A 238 -29.97 32.90 -55.99
CA ILE A 238 -28.99 32.39 -56.93
C ILE A 238 -29.59 31.29 -57.82
N THR A 239 -30.46 30.44 -57.28
CA THR A 239 -31.07 29.37 -58.07
C THR A 239 -32.40 29.76 -58.70
N ALA A 240 -32.90 30.97 -58.42
CA ALA A 240 -34.25 31.32 -58.85
C ALA A 240 -34.44 31.13 -60.34
N SER A 241 -33.41 31.45 -61.14
CA SER A 241 -33.57 31.33 -62.57
C SER A 241 -33.28 29.93 -63.10
N LEU A 242 -32.86 28.99 -62.24
CA LEU A 242 -32.86 27.58 -62.63
C LEU A 242 -34.23 26.96 -62.44
N ARG A 243 -34.95 27.36 -61.37
CA ARG A 243 -36.22 26.76 -61.00
C ARG A 243 -37.45 27.45 -61.59
N PHE A 244 -37.28 28.67 -62.11
CA PHE A 244 -38.30 29.35 -62.89
C PHE A 244 -37.72 29.67 -64.27
N ASP A 245 -38.59 30.01 -65.21
CA ASP A 245 -38.12 30.31 -66.57
C ASP A 245 -37.61 31.75 -66.61
N GLY A 246 -36.42 31.94 -66.06
CA GLY A 246 -35.78 33.24 -66.02
C GLY A 246 -35.02 33.55 -67.29
N ALA A 247 -34.22 34.60 -67.22
CA ALA A 247 -33.47 35.03 -68.40
C ALA A 247 -31.97 35.07 -68.21
N LEU A 248 -31.50 35.19 -66.97
CA LEU A 248 -30.08 35.26 -66.68
C LEU A 248 -29.71 34.06 -65.81
N ASN A 249 -28.52 33.50 -66.01
CA ASN A 249 -28.07 32.29 -65.33
C ASN A 249 -29.11 31.17 -65.45
N VAL A 250 -29.46 30.82 -66.70
CA VAL A 250 -30.50 29.80 -66.91
C VAL A 250 -29.94 28.38 -66.91
N ASP A 251 -28.62 28.21 -66.93
CA ASP A 251 -28.01 26.92 -66.68
C ASP A 251 -26.70 27.11 -65.90
N LEU A 252 -26.24 26.01 -65.30
CA LEU A 252 -25.09 26.08 -64.42
C LEU A 252 -23.86 26.62 -65.15
N THR A 253 -23.73 26.26 -66.43
CA THR A 253 -22.60 26.72 -67.25
C THR A 253 -22.57 28.24 -67.34
N GLU A 254 -23.74 28.88 -67.38
CA GLU A 254 -23.80 30.33 -67.46
C GLU A 254 -23.20 31.02 -66.22
N PHE A 255 -23.12 30.32 -65.09
CA PHE A 255 -22.45 30.90 -63.91
C PHE A 255 -20.96 31.09 -64.16
N GLN A 256 -20.29 30.11 -64.77
CA GLN A 256 -18.87 30.28 -65.06
C GLN A 256 -18.66 31.31 -66.15
N THR A 257 -19.61 31.41 -67.09
CA THR A 257 -19.50 32.37 -68.18
C THR A 257 -19.63 33.81 -67.67
N ASN A 258 -20.61 34.06 -66.80
CA ASN A 258 -20.91 35.40 -66.34
C ASN A 258 -20.07 35.86 -65.16
N LEU A 259 -19.31 34.97 -64.53
CA LEU A 259 -18.67 35.33 -63.26
C LEU A 259 -17.23 34.84 -63.14
N VAL A 260 -16.79 33.88 -63.95
CA VAL A 260 -15.49 33.25 -63.74
C VAL A 260 -14.66 33.34 -65.01
N PRO A 261 -14.03 34.49 -65.29
CA PRO A 261 -13.10 34.54 -66.44
C PRO A 261 -11.86 33.71 -66.25
N TYR A 262 -11.44 33.49 -65.01
CA TYR A 262 -10.25 32.71 -64.67
C TYR A 262 -10.65 31.55 -63.78
N PRO A 263 -10.37 30.30 -64.18
CA PRO A 263 -10.92 29.16 -63.44
C PRO A 263 -10.51 29.11 -61.97
N ARG A 264 -9.26 29.45 -61.64
CA ARG A 264 -8.86 29.40 -60.23
C ARG A 264 -9.57 30.46 -59.39
N ILE A 265 -9.89 31.60 -60.00
CA ILE A 265 -10.49 32.71 -59.27
C ILE A 265 -11.99 32.56 -59.39
N HIS A 266 -12.56 31.55 -58.73
CA HIS A 266 -13.95 31.22 -58.99
C HIS A 266 -14.81 31.43 -57.77
N PHE A 267 -14.48 32.44 -56.96
CA PHE A 267 -15.15 32.68 -55.69
C PHE A 267 -15.90 34.00 -55.69
N PRO A 268 -17.14 34.02 -56.18
CA PRO A 268 -17.88 35.28 -56.25
C PRO A 268 -18.36 35.75 -54.88
N LEU A 269 -18.42 37.06 -54.75
CA LEU A 269 -19.00 37.73 -53.59
C LEU A 269 -20.49 37.88 -53.83
N ALA A 270 -21.31 37.40 -52.89
CA ALA A 270 -22.75 37.68 -52.92
C ALA A 270 -23.07 38.80 -51.95
N THR A 271 -23.96 39.70 -52.38
CA THR A 271 -24.50 40.78 -51.56
C THR A 271 -26.01 40.73 -51.72
N TYR A 272 -26.74 40.80 -50.62
CA TYR A 272 -28.18 40.60 -50.67
C TYR A 272 -28.89 41.76 -49.98
N ALA A 273 -30.03 42.18 -50.55
CA ALA A 273 -30.81 43.21 -49.89
C ALA A 273 -32.20 43.21 -50.47
N PRO A 274 -33.24 43.58 -49.68
CA PRO A 274 -33.17 44.05 -48.30
C PRO A 274 -33.44 42.96 -47.25
N VAL A 275 -32.78 43.06 -46.09
CA VAL A 275 -33.04 42.22 -44.93
C VAL A 275 -33.77 43.06 -43.90
N ILE A 276 -35.06 42.77 -43.72
CA ILE A 276 -35.98 43.56 -42.91
C ILE A 276 -36.58 42.66 -41.84
N SER A 277 -36.70 43.17 -40.62
CA SER A 277 -37.28 42.39 -39.53
C SER A 277 -38.79 42.27 -39.70
N ALA A 278 -39.31 41.06 -39.42
CA ALA A 278 -40.76 40.87 -39.41
C ALA A 278 -41.43 41.69 -38.32
N GLU A 279 -40.69 42.01 -37.25
CA GLU A 279 -41.24 42.78 -36.14
C GLU A 279 -41.62 44.19 -36.55
N LYS A 280 -40.94 44.75 -37.54
CA LYS A 280 -41.21 46.11 -38.00
C LYS A 280 -42.38 46.14 -38.97
N GLN A 285 -42.00 50.20 -48.04
CA GLN A 285 -41.37 49.36 -49.06
C GLN A 285 -40.22 50.10 -49.74
N LEU A 286 -39.03 49.52 -49.70
CA LEU A 286 -37.86 50.17 -50.28
C LEU A 286 -37.91 50.14 -51.81
N SER A 287 -37.25 51.14 -52.39
CA SER A 287 -37.26 51.35 -53.84
C SER A 287 -36.17 50.54 -54.53
N VAL A 288 -36.22 50.55 -55.85
CA VAL A 288 -35.18 49.89 -56.64
C VAL A 288 -33.83 50.57 -56.39
N ALA A 289 -33.83 51.89 -56.22
CA ALA A 289 -32.57 52.61 -56.02
C ALA A 289 -31.97 52.29 -54.66
N GLU A 290 -32.80 52.20 -53.63
CA GLU A 290 -32.28 51.88 -52.30
C GLU A 290 -31.68 50.49 -52.27
N ILE A 291 -32.40 49.49 -52.80
CA ILE A 291 -31.87 48.14 -52.70
C ILE A 291 -30.66 48.01 -53.61
N THR A 292 -30.62 48.77 -54.70
CA THR A 292 -29.44 48.78 -55.55
C THR A 292 -28.25 49.40 -54.82
N ASN A 293 -28.49 50.48 -54.07
CA ASN A 293 -27.40 51.09 -53.31
C ASN A 293 -26.87 50.12 -52.26
N ALA A 294 -27.78 49.39 -51.61
CA ALA A 294 -27.40 48.43 -50.58
C ALA A 294 -26.47 47.34 -51.13
N CYS A 295 -26.56 47.03 -52.42
CA CYS A 295 -25.63 46.07 -53.02
C CYS A 295 -24.17 46.51 -52.95
N PHE A 296 -23.92 47.81 -52.81
CA PHE A 296 -22.57 48.33 -52.80
C PHE A 296 -22.13 48.77 -51.40
N GLU A 297 -22.77 48.21 -50.38
CA GLU A 297 -22.41 48.47 -49.00
C GLU A 297 -21.82 47.20 -48.41
N PRO A 298 -20.57 47.24 -47.96
CA PRO A 298 -19.94 46.02 -47.43
C PRO A 298 -20.70 45.40 -46.26
N ALA A 299 -21.54 46.16 -45.55
CA ALA A 299 -22.29 45.53 -44.45
C ALA A 299 -23.32 44.53 -44.94
N ASN A 300 -23.56 44.41 -46.25
CA ASN A 300 -24.54 43.48 -46.79
C ASN A 300 -23.92 42.34 -47.55
N GLN A 301 -22.59 42.21 -47.54
CA GLN A 301 -21.93 41.10 -48.24
C GLN A 301 -22.03 39.81 -47.42
N MET A 302 -21.91 38.67 -48.12
CA MET A 302 -21.93 37.37 -47.46
C MET A 302 -20.55 36.93 -47.00
N VAL A 303 -19.51 37.64 -47.41
CA VAL A 303 -18.15 37.44 -46.91
C VAL A 303 -17.63 38.80 -46.50
N LYS A 304 -16.99 38.86 -45.33
CA LYS A 304 -16.37 40.11 -44.88
C LYS A 304 -15.10 40.34 -45.68
N CYS A 305 -15.07 41.46 -46.38
CA CYS A 305 -13.93 41.93 -47.16
C CYS A 305 -14.27 43.31 -47.69
N ASP A 306 -13.25 44.07 -48.09
CA ASP A 306 -13.49 45.43 -48.55
C ASP A 306 -13.27 45.51 -50.05
N PRO A 307 -14.31 45.70 -50.87
CA PRO A 307 -14.09 45.77 -52.32
C PRO A 307 -13.29 46.98 -52.74
N ARG A 308 -13.23 48.02 -51.91
CA ARG A 308 -12.35 49.15 -52.20
C ARG A 308 -10.90 48.69 -52.32
N HIS A 309 -10.56 47.56 -51.73
CA HIS A 309 -9.22 46.98 -51.84
C HIS A 309 -9.11 46.01 -53.01
N GLY A 310 -9.97 46.11 -54.01
CA GLY A 310 -9.88 45.16 -55.08
C GLY A 310 -10.43 45.72 -56.38
N LYS A 311 -10.46 44.86 -57.38
CA LYS A 311 -11.03 45.19 -58.67
C LYS A 311 -11.98 44.08 -59.07
N TYR A 312 -13.12 44.49 -59.64
CA TYR A 312 -14.12 43.57 -60.13
C TYR A 312 -13.69 42.95 -61.46
N MET A 313 -14.06 41.68 -61.64
CA MET A 313 -13.95 41.01 -62.92
C MET A 313 -15.28 40.82 -63.60
N ALA A 314 -16.35 40.74 -62.81
CA ALA A 314 -17.67 40.50 -63.34
C ALA A 314 -18.66 40.97 -62.30
N CYS A 315 -19.88 41.25 -62.74
CA CYS A 315 -20.86 41.78 -61.80
C CYS A 315 -22.26 41.56 -62.35
N CYS A 316 -23.08 40.79 -61.63
CA CYS A 316 -24.46 40.53 -62.03
C CYS A 316 -25.41 40.98 -60.94
N LEU A 317 -26.50 41.66 -61.33
CA LEU A 317 -27.57 42.04 -60.43
C LEU A 317 -28.79 41.17 -60.71
N LEU A 318 -29.27 40.47 -59.69
CA LEU A 318 -30.39 39.54 -59.82
C LEU A 318 -31.58 40.09 -59.04
N TYR A 319 -32.52 40.70 -59.74
CA TYR A 319 -33.70 41.28 -59.11
C TYR A 319 -34.82 40.27 -59.03
N ARG A 320 -35.62 40.37 -57.97
CA ARG A 320 -36.78 39.51 -57.80
C ARG A 320 -37.98 40.36 -57.42
N GLY A 321 -39.12 40.03 -58.01
CA GLY A 321 -40.35 40.68 -57.65
C GLY A 321 -40.64 41.88 -58.53
N ASP A 322 -41.24 42.92 -57.95
CA ASP A 322 -41.76 44.07 -58.67
C ASP A 322 -40.60 45.03 -59.02
N VAL A 323 -39.93 44.74 -60.13
CA VAL A 323 -38.77 45.50 -60.56
C VAL A 323 -38.93 45.85 -62.04
N VAL A 324 -38.75 47.12 -62.37
CA VAL A 324 -38.90 47.57 -63.76
C VAL A 324 -37.55 48.01 -64.31
N PRO A 325 -37.21 47.63 -65.55
CA PRO A 325 -35.89 47.97 -66.10
C PRO A 325 -35.58 49.46 -66.07
N LYS A 326 -36.58 50.31 -66.21
CA LYS A 326 -36.32 51.75 -66.18
C LYS A 326 -35.79 52.17 -64.83
N ASP A 327 -36.31 51.58 -63.75
CA ASP A 327 -35.86 51.93 -62.42
C ASP A 327 -34.45 51.40 -62.16
N VAL A 328 -34.09 50.24 -62.73
CA VAL A 328 -32.75 49.68 -62.55
C VAL A 328 -31.70 50.58 -63.21
N ASN A 329 -31.82 50.76 -64.53
CA ASN A 329 -30.87 51.61 -65.24
C ASN A 329 -30.73 52.99 -64.57
N ALA A 330 -31.84 53.57 -64.10
CA ALA A 330 -31.75 54.82 -63.36
C ALA A 330 -30.90 54.67 -62.11
N ALA A 331 -31.05 53.56 -61.38
CA ALA A 331 -30.28 53.39 -60.15
C ALA A 331 -28.80 53.25 -60.47
N ILE A 332 -28.47 52.46 -61.51
CA ILE A 332 -27.08 52.22 -61.90
C ILE A 332 -26.42 53.51 -62.36
N ALA A 333 -27.13 54.32 -63.15
CA ALA A 333 -26.58 55.60 -63.58
C ALA A 333 -26.20 56.47 -62.38
N THR A 334 -27.03 56.47 -61.34
CA THR A 334 -26.70 57.26 -60.15
C THR A 334 -25.47 56.72 -59.42
N ILE A 335 -25.24 55.40 -59.48
CA ILE A 335 -24.12 54.82 -58.76
C ILE A 335 -22.80 55.15 -59.44
N LYS A 336 -22.72 54.94 -60.76
CA LYS A 336 -21.49 55.22 -61.48
C LYS A 336 -21.09 56.69 -61.34
N THR A 337 -22.07 57.59 -61.19
CA THR A 337 -21.78 59.00 -61.02
C THR A 337 -21.07 59.27 -59.69
N LYS A 338 -21.64 58.79 -58.58
CA LYS A 338 -21.15 59.15 -57.25
C LYS A 338 -20.06 58.22 -56.73
N ARG A 339 -19.94 57.02 -57.28
CA ARG A 339 -18.97 56.05 -56.80
C ARG A 339 -17.99 55.70 -57.91
N SER A 340 -16.82 55.21 -57.52
CA SER A 340 -15.86 54.68 -58.49
C SER A 340 -15.78 53.17 -58.29
N ILE A 341 -16.30 52.43 -59.25
CA ILE A 341 -16.31 50.97 -59.25
C ILE A 341 -15.22 50.51 -60.21
N GLN A 342 -14.12 49.97 -59.69
CA GLN A 342 -12.93 49.74 -60.51
C GLN A 342 -12.93 48.31 -61.02
N PHE A 343 -13.13 48.15 -62.32
CA PHE A 343 -12.95 46.87 -62.99
C PHE A 343 -11.50 46.71 -63.41
N VAL A 344 -11.07 45.47 -63.60
CA VAL A 344 -9.75 45.20 -64.17
C VAL A 344 -9.68 45.78 -65.59
N ASP A 345 -8.46 45.86 -66.13
CA ASP A 345 -8.25 46.47 -67.44
C ASP A 345 -8.98 45.72 -68.54
N TRP A 346 -8.83 44.40 -68.55
CA TRP A 346 -9.26 43.56 -69.65
C TRP A 346 -10.75 43.24 -69.63
N CYS A 347 -11.49 43.65 -68.60
CA CYS A 347 -12.92 43.42 -68.51
C CYS A 347 -13.68 44.70 -68.75
N PRO A 348 -14.84 44.62 -69.42
CA PRO A 348 -15.70 45.81 -69.50
C PRO A 348 -16.25 46.18 -68.13
N THR A 349 -16.34 47.48 -67.90
CA THR A 349 -16.93 48.01 -66.69
C THR A 349 -18.45 48.05 -66.89
N GLY A 350 -19.16 47.15 -66.22
CA GLY A 350 -20.60 47.11 -66.38
C GLY A 350 -21.20 45.93 -65.66
N PHE A 351 -22.51 45.76 -65.85
CA PHE A 351 -23.31 44.77 -65.15
C PHE A 351 -24.15 43.97 -66.11
N LYS A 352 -24.32 42.69 -65.80
CA LYS A 352 -25.42 41.91 -66.35
C LYS A 352 -26.57 41.96 -65.35
N VAL A 353 -27.75 42.33 -65.83
CA VAL A 353 -28.93 42.47 -64.99
C VAL A 353 -29.95 41.41 -65.41
N GLY A 354 -30.57 40.79 -64.43
CA GLY A 354 -31.73 39.96 -64.67
C GLY A 354 -32.81 40.34 -63.70
N ILE A 355 -34.05 40.23 -64.15
CA ILE A 355 -35.19 40.34 -63.27
C ILE A 355 -35.92 39.02 -63.33
N ASN A 356 -36.26 38.49 -62.15
CA ASN A 356 -37.15 37.35 -62.05
C ASN A 356 -38.41 37.88 -61.38
N TYR A 357 -39.55 37.69 -62.05
CA TYR A 357 -40.78 38.27 -61.56
C TYR A 357 -41.32 37.54 -60.34
N GLN A 358 -40.90 36.31 -60.10
CA GLN A 358 -41.37 35.57 -58.95
C GLN A 358 -41.05 36.33 -57.67
N PRO A 359 -42.04 36.58 -56.80
CA PRO A 359 -41.81 37.44 -55.66
C PRO A 359 -40.92 36.75 -54.63
N PRO A 360 -40.08 37.50 -53.92
CA PRO A 360 -39.33 36.91 -52.81
C PRO A 360 -40.28 36.29 -51.80
N THR A 361 -39.85 35.18 -51.21
CA THR A 361 -40.70 34.43 -50.30
C THR A 361 -39.96 34.22 -49.00
N VAL A 362 -40.67 34.30 -47.89
CA VAL A 362 -40.10 34.02 -46.58
C VAL A 362 -40.88 32.89 -45.92
N VAL A 363 -40.21 32.22 -44.98
CA VAL A 363 -40.90 31.21 -44.18
C VAL A 363 -41.96 31.91 -43.31
N PRO A 364 -43.22 31.46 -43.34
CA PRO A 364 -44.20 32.01 -42.39
C PRO A 364 -43.75 31.81 -40.95
N GLY A 365 -43.95 32.85 -40.14
CA GLY A 365 -43.60 32.79 -38.73
C GLY A 365 -42.15 33.06 -38.41
N GLY A 366 -41.29 33.24 -39.41
CA GLY A 366 -39.88 33.50 -39.19
C GLY A 366 -39.61 34.98 -38.95
N ASP A 367 -38.32 35.30 -38.92
CA ASP A 367 -37.91 36.65 -38.54
C ASP A 367 -37.67 37.57 -39.73
N LEU A 368 -37.68 37.05 -40.96
CA LEU A 368 -37.54 37.87 -42.14
C LEU A 368 -38.92 38.32 -42.61
N ALA A 369 -39.06 39.63 -42.84
CA ALA A 369 -40.30 40.17 -43.36
C ALA A 369 -40.38 39.94 -44.86
N LYS A 370 -41.62 39.82 -45.36
CA LYS A 370 -41.86 39.66 -46.78
C LYS A 370 -41.81 41.03 -47.44
N VAL A 371 -40.99 41.17 -48.48
CA VAL A 371 -40.86 42.41 -49.23
C VAL A 371 -41.40 42.18 -50.64
N GLN A 372 -41.62 43.29 -51.36
CA GLN A 372 -42.12 43.24 -52.73
C GLN A 372 -41.02 43.09 -53.75
N ARG A 373 -39.83 43.61 -53.48
CA ARG A 373 -38.68 43.50 -54.38
C ARG A 373 -37.43 43.25 -53.57
N ALA A 374 -36.51 42.49 -54.16
CA ALA A 374 -35.24 42.18 -53.50
C ALA A 374 -34.20 42.07 -54.58
N VAL A 375 -32.93 41.95 -54.19
CA VAL A 375 -31.89 41.87 -55.21
C VAL A 375 -30.71 41.13 -54.61
N CYS A 376 -30.01 40.41 -55.47
CA CYS A 376 -28.77 39.76 -55.08
C CYS A 376 -27.73 40.12 -56.11
N MET A 377 -26.63 40.70 -55.67
CA MET A 377 -25.52 40.99 -56.55
C MET A 377 -24.46 39.91 -56.36
N LEU A 378 -24.03 39.32 -57.46
CA LEU A 378 -22.93 38.37 -57.50
C LEU A 378 -21.79 39.04 -58.24
N SER A 379 -20.68 39.24 -57.56
CA SER A 379 -19.55 39.94 -58.16
C SER A 379 -18.31 39.12 -57.93
N ASN A 380 -17.41 39.12 -58.91
CA ASN A 380 -16.12 38.45 -58.75
C ASN A 380 -15.05 39.52 -58.57
N THR A 381 -14.72 39.80 -57.33
CA THR A 381 -13.74 40.81 -56.96
C THR A 381 -12.50 40.15 -56.36
N THR A 382 -11.33 40.73 -56.65
CA THR A 382 -10.09 40.31 -56.04
C THR A 382 -10.08 40.55 -54.53
N ALA A 383 -11.03 41.33 -54.00
CA ALA A 383 -11.04 41.64 -52.58
C ALA A 383 -11.29 40.40 -51.73
N ILE A 384 -12.03 39.42 -52.25
CA ILE A 384 -12.37 38.23 -51.49
C ILE A 384 -11.14 37.46 -51.04
N ALA A 385 -9.96 37.79 -51.57
CA ALA A 385 -8.71 37.16 -51.12
C ALA A 385 -8.35 37.51 -49.69
N GLU A 386 -8.91 38.61 -49.15
CA GLU A 386 -8.73 38.90 -47.74
C GLU A 386 -9.26 37.77 -46.88
N ALA A 387 -10.39 37.19 -47.27
CA ALA A 387 -10.94 36.09 -46.49
C ALA A 387 -9.97 34.92 -46.46
N TRP A 388 -9.25 34.67 -47.56
CA TRP A 388 -8.25 33.61 -47.56
C TRP A 388 -7.06 33.97 -46.69
N ALA A 389 -6.71 35.26 -46.66
CA ALA A 389 -5.55 35.71 -45.89
C ALA A 389 -5.83 35.57 -44.40
N ARG A 390 -7.04 35.93 -43.95
CA ARG A 390 -7.38 35.67 -42.55
C ARG A 390 -7.22 34.18 -42.22
N LEU A 391 -7.81 33.30 -43.06
CA LEU A 391 -7.69 31.86 -42.82
C LEU A 391 -6.24 31.40 -42.84
N ASP A 392 -5.46 31.85 -43.83
CA ASP A 392 -4.06 31.45 -43.93
C ASP A 392 -3.27 31.82 -42.68
N HIS A 393 -3.58 32.98 -42.07
CA HIS A 393 -2.81 33.44 -40.92
C HIS A 393 -3.01 32.53 -39.70
N LYS A 394 -4.27 32.20 -39.38
CA LYS A 394 -4.51 31.30 -38.24
C LYS A 394 -3.86 29.96 -38.48
N PHE A 395 -3.99 29.43 -39.70
CA PHE A 395 -3.28 28.22 -40.10
C PHE A 395 -1.78 28.32 -39.81
N ASP A 396 -1.16 29.44 -40.20
CA ASP A 396 0.28 29.59 -39.98
C ASP A 396 0.61 29.60 -38.49
N LEU A 397 -0.19 30.29 -37.67
CA LEU A 397 0.13 30.35 -36.24
C LEU A 397 0.18 28.94 -35.65
N MET A 398 -0.78 28.08 -36.01
CA MET A 398 -0.81 26.75 -35.42
C MET A 398 0.23 25.83 -36.03
N TYR A 399 0.38 25.90 -37.37
CA TYR A 399 1.23 24.94 -38.06
C TYR A 399 2.71 25.18 -37.77
N ALA A 400 3.10 26.40 -37.41
CA ALA A 400 4.50 26.67 -37.10
C ALA A 400 4.94 25.89 -35.86
N LYS A 401 4.01 25.62 -34.94
CA LYS A 401 4.30 24.77 -33.80
C LYS A 401 3.84 23.33 -34.03
N ARG A 402 3.34 23.02 -35.24
CA ARG A 402 2.76 21.71 -35.54
C ARG A 402 1.66 21.33 -34.56
N ALA A 403 0.95 22.32 -34.02
CA ALA A 403 -0.10 22.03 -33.05
C ALA A 403 -1.22 21.23 -33.72
N PHE A 404 -1.68 20.18 -33.06
CA PHE A 404 -2.78 19.30 -33.49
C PHE A 404 -2.45 18.45 -34.72
N VAL A 405 -1.27 18.60 -35.32
CA VAL A 405 -0.96 17.89 -36.56
C VAL A 405 -1.02 16.38 -36.36
N HIS A 406 -0.72 15.89 -35.16
CA HIS A 406 -0.66 14.46 -34.91
C HIS A 406 -2.04 13.80 -35.02
N TRP A 407 -3.13 14.54 -34.79
CA TRP A 407 -4.45 13.94 -35.02
C TRP A 407 -4.69 13.66 -36.50
N TYR A 408 -4.14 14.50 -37.39
CA TYR A 408 -4.32 14.30 -38.81
C TYR A 408 -3.43 13.18 -39.30
N VAL A 409 -2.17 13.16 -38.87
CA VAL A 409 -1.25 12.08 -39.22
C VAL A 409 -1.76 10.74 -38.68
N GLY A 410 -2.33 10.73 -37.46
CA GLY A 410 -2.87 9.50 -36.90
C GLY A 410 -3.94 8.86 -37.76
N GLU A 411 -4.59 9.63 -38.65
CA GLU A 411 -5.58 9.11 -39.56
C GLU A 411 -5.00 8.74 -40.93
N GLY A 412 -3.67 8.71 -41.05
CA GLY A 412 -3.01 8.30 -42.28
C GLY A 412 -2.66 9.42 -43.23
N MET A 413 -2.98 10.67 -42.89
CA MET A 413 -2.54 11.79 -43.70
C MET A 413 -1.05 12.03 -43.48
N GLU A 414 -0.39 12.48 -44.53
CA GLU A 414 1.03 12.79 -44.45
C GLU A 414 1.19 14.26 -44.07
N GLU A 415 2.13 14.51 -43.16
CA GLU A 415 2.39 15.88 -42.71
C GLU A 415 2.54 16.82 -43.88
N GLY A 416 3.30 16.41 -44.90
CA GLY A 416 3.57 17.24 -46.06
C GLY A 416 2.34 17.71 -46.81
N GLU A 417 1.17 17.09 -46.57
CA GLU A 417 -0.04 17.60 -47.22
C GLU A 417 -0.46 18.95 -46.64
N PHE A 418 -0.18 19.19 -45.35
CA PHE A 418 -0.29 20.54 -44.79
C PHE A 418 0.50 21.54 -45.61
N SER A 419 1.79 21.27 -45.82
CA SER A 419 2.66 22.17 -46.56
C SER A 419 2.14 22.40 -47.97
N GLU A 420 1.80 21.33 -48.69
CA GLU A 420 1.33 21.47 -50.07
C GLU A 420 0.07 22.32 -50.12
N ALA A 421 -0.92 21.99 -49.28
CA ALA A 421 -2.15 22.77 -49.22
C ALA A 421 -1.87 24.25 -48.94
N ARG A 422 -0.93 24.52 -48.04
CA ARG A 422 -0.62 25.91 -47.70
C ARG A 422 0.06 26.64 -48.86
N GLU A 423 0.98 25.97 -49.58
CA GLU A 423 1.59 26.57 -50.76
C GLU A 423 0.55 26.91 -51.82
N ASP A 424 -0.41 26.01 -52.03
CA ASP A 424 -1.46 26.29 -53.01
C ASP A 424 -2.22 27.56 -52.65
N MET A 425 -2.50 27.77 -51.35
CA MET A 425 -3.19 28.98 -50.91
C MET A 425 -2.30 30.22 -51.07
N ALA A 426 -0.99 30.06 -50.91
CA ALA A 426 -0.11 31.18 -51.21
C ALA A 426 -0.17 31.48 -52.71
N ALA A 427 -0.16 30.44 -53.55
CA ALA A 427 -0.28 30.65 -54.98
C ALA A 427 -1.62 31.29 -55.33
N LEU A 428 -2.69 30.88 -54.66
CA LEU A 428 -3.99 31.52 -54.88
C LEU A 428 -3.94 32.99 -54.51
N GLU A 429 -3.28 33.32 -53.39
CA GLU A 429 -3.10 34.72 -53.00
C GLU A 429 -2.34 35.50 -54.06
N LYS A 430 -1.25 34.94 -54.57
CA LYS A 430 -0.48 35.62 -55.61
C LYS A 430 -1.29 35.75 -56.90
N ASP A 431 -2.18 34.78 -57.21
CA ASP A 431 -3.03 34.93 -58.39
C ASP A 431 -3.99 36.10 -58.22
N TYR A 432 -4.65 36.18 -57.08
CA TYR A 432 -5.57 37.29 -56.83
C TYR A 432 -4.86 38.63 -56.92
N GLU A 433 -3.61 38.70 -56.45
CA GLU A 433 -2.85 39.96 -56.51
C GLU A 433 -2.49 40.33 -57.95
N GLU A 434 -1.98 39.36 -58.72
CA GLU A 434 -1.52 39.64 -60.07
C GLU A 434 -2.69 40.03 -60.96
N VAL A 435 -3.86 39.44 -60.74
CA VAL A 435 -5.05 39.85 -61.49
C VAL A 435 -5.45 41.27 -61.14
N GLY A 436 -5.22 41.70 -59.89
CA GLY A 436 -5.71 42.95 -59.38
C GLY A 436 -4.85 44.19 -59.56
N VAL A 437 -3.78 44.15 -60.35
CA VAL A 437 -3.00 45.38 -60.61
C VAL A 437 -2.76 45.58 -62.10
N MET B 1 -21.15 7.11 -31.76
CA MET B 1 -20.50 7.39 -30.48
C MET B 1 -21.49 7.88 -29.44
N ARG B 2 -21.99 6.93 -28.65
CA ARG B 2 -22.95 7.24 -27.61
C ARG B 2 -22.45 6.76 -26.25
N GLU B 3 -22.11 5.50 -26.12
CA GLU B 3 -21.98 4.87 -24.82
C GLU B 3 -20.58 5.06 -24.24
N ILE B 4 -20.55 5.41 -22.97
CA ILE B 4 -19.32 5.41 -22.20
C ILE B 4 -19.41 4.24 -21.22
N VAL B 5 -18.32 3.51 -21.08
CA VAL B 5 -18.19 2.47 -20.08
C VAL B 5 -17.35 3.02 -18.93
N HIS B 6 -17.91 3.05 -17.74
CA HIS B 6 -17.28 3.68 -16.59
C HIS B 6 -16.71 2.62 -15.65
N ILE B 7 -15.51 2.86 -15.15
CA ILE B 7 -14.80 1.94 -14.28
C ILE B 7 -14.31 2.70 -13.08
N GLN B 8 -14.46 2.12 -11.89
CA GLN B 8 -13.97 2.75 -10.68
C GLN B 8 -13.18 1.72 -9.90
N ALA B 9 -11.95 2.07 -9.52
CA ALA B 9 -11.00 1.10 -9.00
C ALA B 9 -10.36 1.60 -7.72
N GLY B 10 -10.28 0.69 -6.73
CA GLY B 10 -9.67 1.00 -5.45
C GLY B 10 -10.61 1.79 -4.57
N GLN B 11 -10.09 2.13 -3.38
CA GLN B 11 -10.92 2.76 -2.36
C GLN B 11 -11.37 4.14 -2.83
N CYS B 12 -10.41 5.00 -3.14
CA CYS B 12 -10.75 6.35 -3.62
C CYS B 12 -11.60 6.27 -4.88
N GLY B 13 -11.19 5.44 -5.84
CA GLY B 13 -11.94 5.36 -7.09
C GLY B 13 -13.40 5.04 -6.86
N ASN B 14 -13.68 4.13 -5.92
CA ASN B 14 -15.04 3.71 -5.67
C ASN B 14 -15.82 4.70 -4.81
N GLN B 15 -15.13 5.42 -3.91
CA GLN B 15 -15.81 6.44 -3.10
C GLN B 15 -16.24 7.64 -3.96
N ILE B 16 -15.32 8.22 -4.75
CA ILE B 16 -15.76 9.30 -5.63
C ILE B 16 -16.62 8.76 -6.77
N GLY B 17 -16.37 7.53 -7.22
CA GLY B 17 -17.22 6.96 -8.25
C GLY B 17 -18.67 6.88 -7.79
N ALA B 18 -18.89 6.40 -6.56
CA ALA B 18 -20.22 6.33 -6.00
C ALA B 18 -20.87 7.71 -5.93
N LYS B 19 -20.16 8.68 -5.37
CA LYS B 19 -20.73 10.03 -5.29
C LYS B 19 -21.04 10.57 -6.68
N PHE B 20 -20.23 10.24 -7.69
CA PHE B 20 -20.56 10.66 -9.05
C PHE B 20 -21.91 10.10 -9.48
N TRP B 21 -22.12 8.80 -9.29
CA TRP B 21 -23.35 8.20 -9.77
C TRP B 21 -24.56 8.69 -8.99
N GLU B 22 -24.37 8.99 -7.72
CA GLU B 22 -25.38 9.69 -6.93
C GLU B 22 -25.77 11.03 -7.57
N VAL B 23 -24.77 11.85 -7.88
CA VAL B 23 -25.05 13.22 -8.32
C VAL B 23 -25.77 13.21 -9.67
N ILE B 24 -25.22 12.50 -10.65
CA ILE B 24 -25.84 12.51 -11.97
C ILE B 24 -27.11 11.68 -12.03
N SER B 25 -27.31 10.72 -11.12
CA SER B 25 -28.61 10.05 -11.07
C SER B 25 -29.70 11.02 -10.64
N ASP B 26 -29.39 11.89 -9.67
CA ASP B 26 -30.31 12.95 -9.28
C ASP B 26 -30.63 13.87 -10.47
N GLU B 27 -29.59 14.30 -11.19
CA GLU B 27 -29.79 15.23 -12.31
C GLU B 27 -30.65 14.60 -13.39
N HIS B 28 -30.40 13.34 -13.71
CA HIS B 28 -31.17 12.64 -14.73
C HIS B 28 -32.46 12.04 -14.19
N GLY B 29 -32.82 12.32 -12.94
CA GLY B 29 -34.10 11.87 -12.41
C GLY B 29 -34.21 10.38 -12.13
N ILE B 30 -33.10 9.72 -11.78
CA ILE B 30 -33.09 8.30 -11.52
C ILE B 30 -32.99 8.10 -10.02
N ASP B 31 -33.91 7.35 -9.45
CA ASP B 31 -33.90 7.00 -8.04
C ASP B 31 -33.06 5.75 -7.82
N PRO B 32 -32.81 5.34 -6.57
CA PRO B 32 -31.92 4.18 -6.37
C PRO B 32 -32.49 2.86 -6.87
N THR B 33 -33.79 2.77 -7.12
CA THR B 33 -34.33 1.56 -7.73
C THR B 33 -34.19 1.55 -9.24
N GLY B 34 -33.57 2.58 -9.81
CA GLY B 34 -33.40 2.66 -11.24
C GLY B 34 -34.57 3.21 -11.99
N SER B 35 -35.63 3.61 -11.30
CA SER B 35 -36.81 4.13 -11.97
C SER B 35 -36.64 5.61 -12.28
N TYR B 36 -37.08 5.99 -13.48
CA TYR B 36 -37.13 7.39 -13.84
C TYR B 36 -38.35 8.03 -13.20
N HIS B 37 -38.14 9.15 -12.52
CA HIS B 37 -39.25 9.91 -11.95
C HIS B 37 -39.05 11.40 -12.16
N GLY B 38 -38.40 11.79 -13.27
CA GLY B 38 -38.03 13.17 -13.49
C GLY B 38 -39.12 13.97 -14.19
N ASP B 39 -38.81 15.26 -14.37
CA ASP B 39 -39.78 16.23 -14.86
C ASP B 39 -39.63 16.56 -16.34
N SER B 40 -38.47 16.32 -16.93
CA SER B 40 -38.20 16.73 -18.30
C SER B 40 -37.61 15.59 -19.11
N ASP B 41 -37.74 15.68 -20.43
CA ASP B 41 -37.18 14.71 -21.35
C ASP B 41 -35.78 15.08 -21.83
N LEU B 42 -35.29 16.29 -21.50
CA LEU B 42 -33.87 16.56 -21.67
C LEU B 42 -33.03 15.63 -20.80
N GLN B 43 -33.60 15.18 -19.69
CA GLN B 43 -32.93 14.24 -18.79
C GLN B 43 -32.76 12.85 -19.41
N LEU B 44 -33.49 12.52 -20.48
CA LEU B 44 -33.46 11.18 -21.04
C LEU B 44 -32.94 11.10 -22.46
N GLU B 45 -32.75 12.23 -23.15
CA GLU B 45 -32.36 12.15 -24.55
C GLU B 45 -30.96 11.58 -24.71
N ARG B 46 -30.05 11.84 -23.77
CA ARG B 46 -28.72 11.27 -23.83
C ARG B 46 -28.39 10.42 -22.61
N ILE B 47 -29.42 9.91 -21.91
CA ILE B 47 -29.17 9.10 -20.73
C ILE B 47 -28.44 7.80 -21.07
N ASN B 48 -28.52 7.33 -22.32
CA ASN B 48 -27.83 6.10 -22.69
C ASN B 48 -26.31 6.25 -22.77
N VAL B 49 -25.79 7.49 -22.76
CA VAL B 49 -24.34 7.66 -22.67
C VAL B 49 -23.80 6.94 -21.45
N TYR B 50 -24.52 7.04 -20.33
CA TYR B 50 -24.08 6.49 -19.05
C TYR B 50 -24.92 5.35 -18.49
N TYR B 51 -26.17 5.16 -18.95
CA TYR B 51 -27.07 4.16 -18.38
C TYR B 51 -27.54 3.17 -19.44
N ASN B 52 -27.60 1.89 -19.05
CA ASN B 52 -28.25 0.84 -19.85
C ASN B 52 -29.72 0.79 -19.45
N GLU B 53 -30.57 0.54 -20.44
CA GLU B 53 -32.01 0.43 -20.18
C GLU B 53 -32.35 -1.03 -19.90
N ALA B 54 -32.83 -1.31 -18.68
CA ALA B 54 -33.26 -2.67 -18.36
C ALA B 54 -34.68 -2.92 -18.87
N THR B 55 -35.21 -4.08 -18.48
CA THR B 55 -36.54 -4.48 -18.95
C THR B 55 -37.62 -3.63 -18.27
N GLY B 56 -37.70 -3.70 -16.94
CA GLY B 56 -38.83 -3.10 -16.25
C GLY B 56 -38.79 -1.60 -16.09
N ASN B 57 -38.67 -0.87 -17.21
CA ASN B 57 -38.60 0.60 -17.21
C ASN B 57 -37.40 1.12 -16.42
N LYS B 58 -36.35 0.31 -16.29
CA LYS B 58 -35.26 0.57 -15.38
C LYS B 58 -34.03 1.10 -16.12
N TYR B 59 -33.21 1.88 -15.40
CA TYR B 59 -31.94 2.38 -15.92
C TYR B 59 -30.83 1.97 -14.95
N VAL B 60 -29.85 1.22 -15.46
CA VAL B 60 -28.74 0.73 -14.64
C VAL B 60 -27.45 1.40 -15.13
N PRO B 61 -26.66 1.99 -14.24
CA PRO B 61 -25.39 2.61 -14.67
C PRO B 61 -24.49 1.62 -15.39
N ARG B 62 -23.85 2.08 -16.45
CA ARG B 62 -22.89 1.25 -17.18
C ARG B 62 -21.54 1.28 -16.45
N ALA B 63 -21.56 0.78 -15.22
CA ALA B 63 -20.44 0.97 -14.29
C ALA B 63 -19.86 -0.36 -13.85
N ILE B 64 -18.55 -0.42 -13.78
CA ILE B 64 -17.84 -1.60 -13.29
C ILE B 64 -17.04 -1.20 -12.07
N LEU B 65 -17.22 -1.93 -10.97
CA LEU B 65 -16.67 -1.58 -9.65
C LEU B 65 -15.62 -2.60 -9.28
N VAL B 66 -14.39 -2.15 -9.09
CA VAL B 66 -13.21 -3.01 -8.98
C VAL B 66 -12.46 -2.67 -7.71
N ASP B 67 -11.96 -3.70 -7.04
CA ASP B 67 -11.03 -3.56 -5.93
C ASP B 67 -10.39 -4.90 -5.62
N LEU B 68 -9.19 -4.85 -5.05
CA LEU B 68 -8.48 -6.02 -4.58
C LEU B 68 -8.91 -6.41 -3.17
N GLU B 69 -9.74 -5.59 -2.54
CA GLU B 69 -10.20 -5.75 -1.18
C GLU B 69 -11.72 -5.57 -1.19
N PRO B 70 -12.47 -6.44 -0.51
CA PRO B 70 -13.94 -6.35 -0.60
C PRO B 70 -14.56 -5.24 0.26
N GLY B 71 -13.81 -4.69 1.22
CA GLY B 71 -14.42 -3.82 2.20
C GLY B 71 -15.15 -2.64 1.59
N THR B 72 -14.45 -1.87 0.74
CA THR B 72 -15.02 -0.62 0.23
C THR B 72 -16.23 -0.84 -0.66
N MET B 73 -16.26 -1.94 -1.40
CA MET B 73 -17.40 -2.16 -2.27
C MET B 73 -18.62 -2.64 -1.49
N ASP B 74 -18.43 -3.37 -0.39
CA ASP B 74 -19.55 -3.65 0.49
C ASP B 74 -20.12 -2.36 1.06
N SER B 75 -19.28 -1.35 1.31
CA SER B 75 -19.77 -0.08 1.80
C SER B 75 -20.57 0.68 0.75
N VAL B 76 -20.18 0.58 -0.54
CA VAL B 76 -21.00 1.26 -1.55
C VAL B 76 -22.31 0.50 -1.79
N ARG B 77 -22.30 -0.84 -1.73
CA ARG B 77 -23.55 -1.58 -1.83
C ARG B 77 -24.56 -1.08 -0.80
N SER B 78 -24.06 -0.73 0.40
CA SER B 78 -24.88 -0.21 1.48
C SER B 78 -25.11 1.30 1.39
N GLY B 79 -24.44 1.99 0.47
CA GLY B 79 -24.62 3.41 0.33
C GLY B 79 -25.98 3.75 -0.26
N PRO B 80 -26.24 5.06 -0.40
CA PRO B 80 -27.57 5.51 -0.86
C PRO B 80 -28.03 4.84 -2.13
N PHE B 81 -27.23 4.95 -3.19
CA PHE B 81 -27.56 4.41 -4.50
C PHE B 81 -26.92 3.05 -4.75
N GLY B 82 -26.65 2.30 -3.68
CA GLY B 82 -25.92 1.04 -3.83
C GLY B 82 -26.64 0.00 -4.65
N GLN B 83 -27.96 0.02 -4.64
CA GLN B 83 -28.77 -0.99 -5.32
C GLN B 83 -29.00 -0.68 -6.80
N ILE B 84 -28.53 0.48 -7.29
CA ILE B 84 -28.72 0.80 -8.70
C ILE B 84 -27.73 0.07 -9.60
N PHE B 85 -26.59 -0.36 -9.05
CA PHE B 85 -25.55 -1.04 -9.83
C PHE B 85 -25.88 -2.51 -10.07
N ARG B 86 -25.47 -3.00 -11.24
CA ARG B 86 -25.65 -4.40 -11.58
C ARG B 86 -24.84 -5.26 -10.63
N PRO B 87 -25.44 -6.27 -9.99
CA PRO B 87 -24.69 -7.07 -9.01
C PRO B 87 -23.47 -7.77 -9.57
N ASP B 88 -23.54 -8.29 -10.80
CA ASP B 88 -22.40 -8.96 -11.45
C ASP B 88 -21.33 -8.00 -11.96
N ASN B 89 -21.49 -6.68 -11.76
CA ASN B 89 -20.47 -5.70 -12.14
C ASN B 89 -19.53 -5.35 -11.00
N PHE B 90 -19.79 -5.86 -9.79
CA PHE B 90 -18.79 -5.80 -8.73
C PHE B 90 -17.76 -6.90 -8.98
N VAL B 91 -16.49 -6.54 -9.11
CA VAL B 91 -15.42 -7.52 -9.27
C VAL B 91 -14.38 -7.18 -8.22
N PHE B 92 -14.26 -8.03 -7.20
CA PHE B 92 -13.39 -7.76 -6.07
C PHE B 92 -12.60 -9.00 -5.68
N GLY B 93 -11.30 -8.82 -5.49
CA GLY B 93 -10.43 -9.86 -4.99
C GLY B 93 -10.48 -9.87 -3.48
N GLN B 94 -9.55 -10.56 -2.87
CA GLN B 94 -9.61 -10.72 -1.43
C GLN B 94 -8.41 -10.20 -0.67
N SER B 95 -7.21 -10.23 -1.24
CA SER B 95 -6.00 -10.00 -0.48
C SER B 95 -5.52 -8.55 -0.42
N GLY B 96 -6.08 -7.64 -1.24
CA GLY B 96 -5.64 -6.26 -1.23
C GLY B 96 -4.31 -6.03 -1.94
N ALA B 97 -3.93 -4.75 -2.04
CA ALA B 97 -2.70 -4.38 -2.74
C ALA B 97 -1.61 -3.91 -1.80
N GLY B 98 -1.91 -3.72 -0.53
CA GLY B 98 -0.87 -3.35 0.42
C GLY B 98 -0.35 -1.94 0.24
N ASN B 99 -1.19 -1.03 -0.22
CA ASN B 99 -0.77 0.34 -0.57
C ASN B 99 0.44 0.33 -1.54
N ASN B 100 0.61 -0.75 -2.31
CA ASN B 100 1.83 -0.98 -3.08
C ASN B 100 1.48 -1.02 -4.57
N TRP B 101 2.06 -0.09 -5.34
CA TRP B 101 1.82 -0.04 -6.78
C TRP B 101 2.24 -1.34 -7.45
N ALA B 102 3.41 -1.87 -7.09
CA ALA B 102 3.86 -3.09 -7.76
C ALA B 102 2.92 -4.25 -7.52
N LYS B 103 2.22 -4.27 -6.37
CA LYS B 103 1.30 -5.37 -6.13
C LYS B 103 0.05 -5.23 -6.99
N GLY B 104 -0.48 -4.02 -7.07
CA GLY B 104 -1.64 -3.80 -7.92
C GLY B 104 -1.33 -3.94 -9.40
N HIS B 105 -0.11 -3.59 -9.82
CA HIS B 105 0.19 -3.58 -11.24
C HIS B 105 0.71 -4.90 -11.74
N TYR B 106 1.47 -5.63 -10.92
CA TYR B 106 2.02 -6.90 -11.36
C TYR B 106 1.27 -8.00 -10.63
N THR B 107 1.81 -8.55 -9.56
CA THR B 107 1.37 -9.87 -9.07
C THR B 107 -0.13 -9.91 -8.73
N GLU B 108 -0.59 -9.06 -7.80
CA GLU B 108 -1.99 -9.18 -7.35
C GLU B 108 -2.96 -8.70 -8.42
N GLY B 109 -2.68 -7.59 -9.09
CA GLY B 109 -3.62 -7.10 -10.10
C GLY B 109 -3.79 -8.04 -11.27
N ALA B 110 -2.69 -8.70 -11.67
CA ALA B 110 -2.74 -9.63 -12.80
C ALA B 110 -3.70 -10.78 -12.55
N GLU B 111 -3.86 -11.17 -11.28
CA GLU B 111 -4.73 -12.31 -10.96
C GLU B 111 -6.21 -11.95 -11.08
N LEU B 112 -6.55 -10.68 -10.90
CA LEU B 112 -7.93 -10.23 -10.97
C LEU B 112 -8.27 -9.55 -12.31
N VAL B 113 -7.28 -9.20 -13.13
CA VAL B 113 -7.56 -8.27 -14.22
C VAL B 113 -8.40 -8.91 -15.31
N ASP B 114 -8.28 -10.22 -15.53
CA ASP B 114 -9.09 -10.85 -16.57
C ASP B 114 -10.55 -11.03 -16.13
N SER B 115 -10.82 -11.13 -14.83
CA SER B 115 -12.21 -11.07 -14.36
C SER B 115 -12.82 -9.70 -14.67
N VAL B 116 -12.03 -8.63 -14.49
CA VAL B 116 -12.54 -7.29 -14.81
C VAL B 116 -12.79 -7.15 -16.30
N LEU B 117 -11.84 -7.61 -17.13
CA LEU B 117 -11.96 -7.41 -18.58
C LEU B 117 -13.15 -8.18 -19.15
N ASP B 118 -13.52 -9.30 -18.54
CA ASP B 118 -14.70 -10.02 -19.02
C ASP B 118 -15.97 -9.19 -18.79
N VAL B 119 -16.07 -8.52 -17.64
CA VAL B 119 -17.21 -7.64 -17.39
C VAL B 119 -17.16 -6.41 -18.29
N VAL B 120 -15.97 -5.86 -18.49
CA VAL B 120 -15.79 -4.74 -19.44
C VAL B 120 -16.25 -5.16 -20.82
N ARG B 121 -15.79 -6.34 -21.27
CA ARG B 121 -16.11 -6.81 -22.62
C ARG B 121 -17.59 -7.12 -22.77
N LYS B 122 -18.26 -7.57 -21.70
CA LYS B 122 -19.70 -7.77 -21.81
C LYS B 122 -20.43 -6.43 -21.90
N GLU B 123 -20.00 -5.43 -21.13
CA GLU B 123 -20.61 -4.11 -21.23
C GLU B 123 -20.35 -3.45 -22.59
N SER B 124 -19.16 -3.69 -23.17
CA SER B 124 -18.81 -3.08 -24.45
C SER B 124 -19.63 -3.66 -25.60
N GLU B 125 -19.90 -4.96 -25.58
CA GLU B 125 -20.58 -5.59 -26.72
C GLU B 125 -22.06 -5.26 -26.79
N SER B 126 -22.68 -4.91 -25.67
CA SER B 126 -24.06 -4.44 -25.68
C SER B 126 -24.17 -2.94 -25.93
N CYS B 127 -23.17 -2.33 -26.55
CA CYS B 127 -23.18 -0.91 -26.91
C CYS B 127 -23.42 -0.77 -28.41
N ASP B 128 -24.38 0.07 -28.79
CA ASP B 128 -24.57 0.36 -30.19
C ASP B 128 -23.31 0.96 -30.79
N CYS B 129 -22.76 2.01 -30.17
CA CYS B 129 -21.53 2.61 -30.67
C CYS B 129 -20.72 3.13 -29.49
N LEU B 130 -19.62 2.44 -29.20
CA LEU B 130 -18.84 2.67 -27.99
C LEU B 130 -17.95 3.90 -28.17
N GLN B 131 -18.26 4.94 -27.40
CA GLN B 131 -17.48 6.16 -27.40
C GLN B 131 -16.11 5.94 -26.76
N GLY B 132 -16.08 5.35 -25.57
CA GLY B 132 -14.82 5.05 -24.90
C GLY B 132 -15.01 4.77 -23.41
N PHE B 133 -13.90 4.91 -22.66
CA PHE B 133 -13.81 4.47 -21.27
C PHE B 133 -13.47 5.62 -20.34
N GLN B 134 -14.06 5.57 -19.14
CA GLN B 134 -13.90 6.61 -18.13
C GLN B 134 -13.56 5.91 -16.82
N LEU B 135 -12.35 6.14 -16.33
CA LEU B 135 -11.83 5.46 -15.15
C LEU B 135 -11.63 6.46 -14.02
N THR B 136 -12.13 6.14 -12.83
CA THR B 136 -11.86 6.91 -11.62
C THR B 136 -10.96 6.11 -10.68
N HIS B 137 -9.95 6.77 -10.13
CA HIS B 137 -8.96 6.10 -9.30
C HIS B 137 -8.09 7.16 -8.67
N SER B 138 -7.38 6.76 -7.60
CA SER B 138 -6.27 7.55 -7.10
C SER B 138 -4.95 7.03 -7.66
N LEU B 139 -3.95 7.91 -7.64
CA LEU B 139 -2.59 7.53 -8.02
C LEU B 139 -1.72 7.15 -6.82
N GLY B 140 -2.13 7.50 -5.60
CA GLY B 140 -1.27 7.33 -4.44
C GLY B 140 -1.35 5.96 -3.76
N GLY B 141 -2.44 5.23 -3.98
CA GLY B 141 -2.64 3.95 -3.33
C GLY B 141 -2.06 2.82 -4.15
N GLY B 142 -2.60 1.62 -3.94
CA GLY B 142 -2.05 0.45 -4.59
C GLY B 142 -2.96 -0.10 -5.66
N THR B 143 -4.26 -0.10 -5.41
CA THR B 143 -5.17 -0.76 -6.33
C THR B 143 -5.54 0.18 -7.47
N GLY B 144 -6.12 1.34 -7.13
CA GLY B 144 -6.48 2.30 -8.17
C GLY B 144 -5.29 2.68 -9.01
N SER B 145 -4.17 2.92 -8.38
CA SER B 145 -2.95 3.35 -9.02
C SER B 145 -2.35 2.23 -9.89
N GLY B 146 -1.86 1.17 -9.24
CA GLY B 146 -1.18 0.10 -9.95
C GLY B 146 -2.13 -0.73 -10.81
N MET B 147 -3.26 -1.14 -10.25
CA MET B 147 -4.14 -1.98 -11.05
C MET B 147 -4.93 -1.15 -12.04
N GLY B 148 -5.31 0.07 -11.67
CA GLY B 148 -5.93 0.97 -12.64
C GLY B 148 -5.10 1.15 -13.89
N THR B 149 -3.79 1.41 -13.74
CA THR B 149 -2.99 1.60 -14.94
C THR B 149 -2.77 0.29 -15.70
N LEU B 150 -2.67 -0.84 -14.99
CA LEU B 150 -2.64 -2.11 -15.69
C LEU B 150 -3.93 -2.32 -16.48
N LEU B 151 -5.07 -1.96 -15.87
CA LEU B 151 -6.35 -2.06 -16.55
C LEU B 151 -6.38 -1.17 -17.80
N ILE B 152 -5.91 0.08 -17.66
CA ILE B 152 -5.85 0.99 -18.81
C ILE B 152 -5.04 0.36 -19.93
N SER B 153 -3.88 -0.18 -19.59
CA SER B 153 -3.02 -0.77 -20.61
C SER B 153 -3.72 -1.92 -21.33
N LYS B 154 -4.38 -2.82 -20.57
CA LYS B 154 -5.01 -3.97 -21.22
C LYS B 154 -6.22 -3.56 -22.03
N ILE B 155 -6.92 -2.50 -21.62
CA ILE B 155 -8.09 -2.06 -22.36
C ILE B 155 -7.65 -1.41 -23.67
N ARG B 156 -6.60 -0.60 -23.62
CA ARG B 156 -6.00 -0.02 -24.82
C ARG B 156 -5.62 -1.10 -25.84
N GLU B 157 -5.01 -2.20 -25.38
CA GLU B 157 -4.63 -3.28 -26.30
C GLU B 157 -5.83 -3.94 -26.95
N GLU B 158 -6.98 -3.95 -26.27
CA GLU B 158 -8.15 -4.63 -26.80
C GLU B 158 -9.09 -3.68 -27.52
N TYR B 159 -9.05 -2.39 -27.19
CA TYR B 159 -9.86 -1.36 -27.85
C TYR B 159 -8.98 -0.19 -28.26
N PRO B 160 -7.98 -0.41 -29.12
CA PRO B 160 -6.98 0.64 -29.37
C PRO B 160 -7.53 1.88 -30.06
N ASP B 161 -8.73 1.83 -30.63
CA ASP B 161 -9.33 2.95 -31.33
C ASP B 161 -10.40 3.64 -30.50
N ARG B 162 -10.51 3.34 -29.21
CA ARG B 162 -11.47 4.00 -28.34
C ARG B 162 -10.76 5.00 -27.43
N ILE B 163 -11.48 6.04 -27.04
CA ILE B 163 -10.90 7.08 -26.19
C ILE B 163 -10.78 6.54 -24.77
N MET B 164 -9.63 6.79 -24.13
CA MET B 164 -9.41 6.45 -22.73
C MET B 164 -9.30 7.73 -21.91
N ASN B 165 -10.20 7.86 -20.95
CA ASN B 165 -10.40 9.06 -20.14
C ASN B 165 -10.31 8.68 -18.66
N THR B 166 -9.47 9.36 -17.88
CA THR B 166 -9.40 9.10 -16.45
C THR B 166 -9.69 10.36 -15.65
N PHE B 167 -10.31 10.16 -14.49
CA PHE B 167 -10.29 11.13 -13.39
C PHE B 167 -9.33 10.55 -12.36
N SER B 168 -8.18 11.21 -12.19
CA SER B 168 -7.07 10.65 -11.43
C SER B 168 -6.78 11.57 -10.25
N VAL B 169 -6.90 11.03 -9.04
CA VAL B 169 -6.73 11.83 -7.83
C VAL B 169 -5.27 11.75 -7.41
N MET B 170 -4.58 12.95 -7.33
CA MET B 170 -3.17 13.07 -6.93
C MET B 170 -3.06 13.15 -5.41
N PRO B 171 -2.09 12.46 -4.80
CA PRO B 171 -1.96 12.49 -3.35
C PRO B 171 -1.34 13.80 -2.90
N SER B 172 -1.47 14.07 -1.60
CA SER B 172 -0.92 15.21 -0.91
C SER B 172 -0.60 14.81 0.52
N PRO B 173 0.57 15.19 1.04
CA PRO B 173 0.88 14.91 2.46
C PRO B 173 -0.18 15.44 3.40
N LYS B 174 -0.92 16.46 2.94
CA LYS B 174 -1.97 17.06 3.74
C LYS B 174 -3.13 16.12 4.01
N VAL B 175 -3.37 15.13 3.17
CA VAL B 175 -4.39 14.15 3.52
C VAL B 175 -3.97 12.81 2.95
N SER B 176 -2.94 12.23 3.56
CA SER B 176 -2.33 11.00 3.11
C SER B 176 -2.92 9.78 3.80
N ASP B 177 -2.77 8.63 3.15
CA ASP B 177 -3.13 7.35 3.73
C ASP B 177 -1.99 6.36 3.72
N THR B 178 -0.87 6.65 3.06
CA THR B 178 0.25 5.73 3.06
C THR B 178 1.53 6.49 2.72
N VAL B 179 2.65 6.01 3.28
CA VAL B 179 3.91 6.75 3.22
C VAL B 179 4.58 6.65 1.85
N VAL B 180 4.12 5.75 0.98
CA VAL B 180 4.75 5.52 -0.31
C VAL B 180 3.98 6.17 -1.44
N GLU B 181 3.02 7.04 -1.12
CA GLU B 181 2.27 7.77 -2.14
C GLU B 181 3.16 8.37 -3.23
N PRO B 182 4.31 8.99 -2.92
CA PRO B 182 5.15 9.54 -3.98
C PRO B 182 5.63 8.51 -4.98
N TYR B 183 5.95 7.29 -4.54
CA TYR B 183 6.31 6.23 -5.49
C TYR B 183 5.11 5.84 -6.34
N ASN B 184 3.98 5.57 -5.67
CA ASN B 184 2.82 5.06 -6.38
C ASN B 184 2.37 6.06 -7.45
N ALA B 185 2.40 7.36 -7.14
CA ALA B 185 1.89 8.36 -8.07
C ALA B 185 2.82 8.51 -9.27
N THR B 186 4.13 8.52 -9.02
CA THR B 186 5.09 8.72 -10.11
C THR B 186 5.09 7.53 -11.05
N LEU B 187 4.90 6.33 -10.52
CA LEU B 187 4.80 5.16 -11.39
C LEU B 187 3.51 5.19 -12.19
N SER B 188 2.45 5.77 -11.64
CA SER B 188 1.20 5.88 -12.39
C SER B 188 1.24 7.01 -13.42
N VAL B 189 1.81 8.17 -13.06
CA VAL B 189 1.83 9.29 -14.00
C VAL B 189 2.53 8.85 -15.29
N HIS B 190 3.61 8.07 -15.16
CA HIS B 190 4.31 7.52 -16.32
C HIS B 190 3.39 6.68 -17.20
N GLN B 191 2.53 5.87 -16.60
CA GLN B 191 1.59 5.06 -17.38
C GLN B 191 0.55 5.94 -18.08
N LEU B 192 0.06 6.99 -17.42
CA LEU B 192 -0.98 7.84 -18.00
C LEU B 192 -0.45 8.67 -19.15
N VAL B 193 0.78 9.18 -19.02
CA VAL B 193 1.42 9.91 -20.12
C VAL B 193 1.31 9.09 -21.39
N GLU B 194 1.58 7.80 -21.31
CA GLU B 194 1.69 6.95 -22.48
C GLU B 194 0.34 6.45 -22.98
N ASN B 195 -0.61 6.18 -22.08
CA ASN B 195 -1.75 5.33 -22.40
C ASN B 195 -3.12 5.97 -22.25
N THR B 196 -3.25 7.19 -21.74
CA THR B 196 -4.57 7.82 -21.72
C THR B 196 -4.66 8.91 -22.77
N ASP B 197 -5.89 9.24 -23.15
CA ASP B 197 -6.13 10.30 -24.11
C ASP B 197 -6.47 11.63 -23.43
N GLU B 198 -7.08 11.58 -22.25
CA GLU B 198 -7.53 12.76 -21.50
C GLU B 198 -7.54 12.38 -20.03
N THR B 199 -6.87 13.16 -19.19
CA THR B 199 -6.85 12.92 -17.75
C THR B 199 -7.23 14.21 -17.05
N TYR B 200 -8.25 14.15 -16.21
CA TYR B 200 -8.57 15.27 -15.34
C TYR B 200 -7.77 15.10 -14.05
N CYS B 201 -6.93 16.09 -13.74
CA CYS B 201 -6.07 16.05 -12.56
C CYS B 201 -6.86 16.57 -11.37
N ILE B 202 -7.29 15.64 -10.51
CA ILE B 202 -8.00 15.97 -9.27
C ILE B 202 -6.99 15.92 -8.13
N ASP B 203 -6.62 17.09 -7.60
CA ASP B 203 -5.49 17.20 -6.68
C ASP B 203 -5.97 17.32 -5.24
N ASN B 204 -5.78 16.24 -4.45
CA ASN B 204 -6.12 16.29 -3.02
C ASN B 204 -5.48 17.49 -2.32
N GLU B 205 -4.28 17.88 -2.72
CA GLU B 205 -3.68 19.10 -2.19
C GLU B 205 -4.62 20.28 -2.35
N ALA B 206 -5.20 20.42 -3.55
CA ALA B 206 -6.05 21.57 -3.82
C ALA B 206 -7.42 21.41 -3.16
N LEU B 207 -7.98 20.19 -3.20
CA LEU B 207 -9.23 19.95 -2.49
C LEU B 207 -9.10 20.33 -1.02
N TYR B 208 -8.01 19.89 -0.37
CA TYR B 208 -7.81 20.25 1.03
C TYR B 208 -7.76 21.75 1.19
N ASP B 209 -6.95 22.43 0.36
CA ASP B 209 -6.79 23.88 0.51
C ASP B 209 -8.10 24.62 0.27
N ILE B 210 -8.93 24.14 -0.66
CA ILE B 210 -10.23 24.79 -0.88
C ILE B 210 -11.09 24.66 0.35
N CYS B 211 -11.14 23.47 0.92
CA CYS B 211 -11.94 23.26 2.11
C CYS B 211 -11.44 24.09 3.28
N PHE B 212 -10.11 24.15 3.48
CA PHE B 212 -9.60 24.82 4.67
C PHE B 212 -9.63 26.34 4.52
N ARG B 213 -9.37 26.85 3.32
CA ARG B 213 -9.17 28.30 3.14
C ARG B 213 -10.44 29.02 2.73
N THR B 214 -11.15 28.55 1.69
CA THR B 214 -12.35 29.26 1.27
C THR B 214 -13.59 28.77 2.00
N LEU B 215 -13.64 27.51 2.39
CA LEU B 215 -14.83 26.96 3.01
C LEU B 215 -14.76 27.00 4.54
N LYS B 216 -13.66 27.48 5.12
CA LYS B 216 -13.47 27.62 6.57
C LYS B 216 -13.62 26.30 7.31
N LEU B 217 -13.40 25.19 6.63
CA LEU B 217 -13.48 23.86 7.23
C LEU B 217 -12.11 23.56 7.84
N THR B 218 -11.98 23.76 9.16
CA THR B 218 -10.66 23.69 9.77
C THR B 218 -10.10 22.27 9.80
N THR B 219 -10.95 21.25 9.72
CA THR B 219 -10.46 19.87 9.57
C THR B 219 -11.29 19.20 8.48
N PRO B 220 -10.79 19.23 7.24
CA PRO B 220 -11.50 18.59 6.14
C PRO B 220 -11.42 17.08 6.20
N THR B 221 -12.51 16.43 5.83
CA THR B 221 -12.60 14.99 5.67
C THR B 221 -12.78 14.66 4.19
N TYR B 222 -12.66 13.36 3.88
CA TYR B 222 -12.92 12.91 2.53
C TYR B 222 -14.33 13.31 2.05
N GLY B 223 -15.30 13.35 2.96
CA GLY B 223 -16.63 13.78 2.56
C GLY B 223 -16.63 15.19 1.99
N ASP B 224 -15.91 16.11 2.67
CA ASP B 224 -15.80 17.47 2.17
C ASP B 224 -15.07 17.50 0.83
N LEU B 225 -13.94 16.79 0.71
CA LEU B 225 -13.22 16.74 -0.54
C LEU B 225 -14.08 16.15 -1.66
N ASN B 226 -14.77 15.05 -1.37
CA ASN B 226 -15.50 14.38 -2.45
C ASN B 226 -16.73 15.18 -2.88
N HIS B 227 -17.21 16.10 -2.04
CA HIS B 227 -18.27 16.99 -2.49
C HIS B 227 -17.75 17.94 -3.57
N LEU B 228 -16.48 18.34 -3.49
CA LEU B 228 -15.89 19.14 -4.58
C LEU B 228 -15.67 18.28 -5.82
N VAL B 229 -15.20 17.04 -5.64
CA VAL B 229 -14.97 16.16 -6.79
C VAL B 229 -16.27 15.86 -7.53
N SER B 230 -17.35 15.62 -6.78
CA SER B 230 -18.60 15.26 -7.43
C SER B 230 -19.18 16.46 -8.17
N ALA B 231 -19.02 17.65 -7.61
CA ALA B 231 -19.48 18.85 -8.29
C ALA B 231 -18.70 19.07 -9.58
N THR B 232 -17.40 18.79 -9.54
CA THR B 232 -16.56 18.95 -10.72
C THR B 232 -16.88 17.91 -11.79
N MET B 233 -17.02 16.65 -11.38
CA MET B 233 -17.31 15.58 -12.34
C MET B 233 -18.67 15.76 -12.98
N SER B 234 -19.65 16.27 -12.24
CA SER B 234 -20.91 16.59 -12.88
C SER B 234 -20.73 17.72 -13.89
N GLY B 235 -19.89 18.70 -13.56
CA GLY B 235 -19.73 19.84 -14.44
C GLY B 235 -19.03 19.49 -15.74
N VAL B 236 -17.95 18.70 -15.65
CA VAL B 236 -17.19 18.44 -16.86
C VAL B 236 -17.95 17.51 -17.79
N THR B 237 -18.81 16.64 -17.25
CA THR B 237 -19.57 15.74 -18.12
C THR B 237 -20.87 16.35 -18.62
N THR B 238 -21.19 17.60 -18.27
CA THR B 238 -22.45 18.23 -18.66
C THR B 238 -22.77 18.00 -20.13
N CYS B 239 -21.84 18.37 -21.02
CA CYS B 239 -22.10 18.34 -22.45
C CYS B 239 -22.13 16.92 -23.01
N LEU B 240 -21.61 15.95 -22.27
CA LEU B 240 -21.79 14.56 -22.66
C LEU B 240 -23.20 14.09 -22.39
N ARG B 241 -23.86 14.65 -21.37
CA ARG B 241 -25.08 14.07 -20.82
C ARG B 241 -26.36 14.80 -21.22
N PHE B 242 -26.27 16.07 -21.56
CA PHE B 242 -27.46 16.82 -21.89
C PHE B 242 -27.40 17.33 -23.32
N PRO B 243 -28.53 17.33 -24.03
CA PRO B 243 -28.53 17.74 -25.44
C PRO B 243 -28.23 19.23 -25.58
N GLY B 244 -27.29 19.55 -26.47
CA GLY B 244 -26.96 20.93 -26.74
C GLY B 244 -26.43 21.08 -28.14
N GLN B 245 -26.33 22.34 -28.59
CA GLN B 245 -25.90 22.62 -29.96
C GLN B 245 -24.49 22.11 -30.22
N LEU B 246 -23.71 21.90 -29.16
CA LEU B 246 -22.44 21.20 -29.27
C LEU B 246 -22.70 19.71 -29.15
N ASN B 247 -22.44 18.96 -30.22
CA ASN B 247 -22.58 17.50 -30.18
C ASN B 247 -21.30 16.90 -29.58
N ALA B 248 -21.05 17.26 -28.32
CA ALA B 248 -19.76 16.96 -27.70
C ALA B 248 -19.62 15.46 -27.42
N ASP B 249 -18.42 14.95 -27.65
CA ASP B 249 -18.10 13.58 -27.28
C ASP B 249 -16.64 13.55 -26.87
N LEU B 250 -16.17 12.35 -26.51
CA LEU B 250 -14.83 12.24 -25.94
C LEU B 250 -13.76 12.44 -27.00
N ARG B 251 -13.98 12.02 -28.25
CA ARG B 251 -12.95 12.24 -29.27
C ARG B 251 -12.87 13.71 -29.67
N LYS B 252 -14.01 14.37 -29.79
CA LYS B 252 -13.96 15.80 -30.11
C LYS B 252 -13.28 16.58 -29.00
N LEU B 253 -13.47 16.20 -27.74
CA LEU B 253 -12.75 16.88 -26.67
C LEU B 253 -11.25 16.73 -26.86
N ALA B 254 -10.79 15.50 -27.11
CA ALA B 254 -9.35 15.29 -27.28
C ALA B 254 -8.81 16.06 -28.49
N VAL B 255 -9.52 16.00 -29.62
CA VAL B 255 -9.04 16.67 -30.83
C VAL B 255 -8.79 18.15 -30.59
N ASN B 256 -9.70 18.83 -29.91
CA ASN B 256 -9.64 20.27 -29.73
C ASN B 256 -8.89 20.71 -28.47
N MET B 257 -8.60 19.81 -27.52
CA MET B 257 -7.91 20.20 -26.30
C MET B 257 -6.44 19.78 -26.26
N VAL B 258 -6.04 18.80 -27.04
CA VAL B 258 -4.71 18.17 -26.96
C VAL B 258 -3.87 18.50 -28.19
N PRO B 259 -3.14 19.63 -28.20
CA PRO B 259 -2.31 19.94 -29.38
C PRO B 259 -1.13 19.02 -29.58
N PHE B 260 -0.69 18.31 -28.54
CA PHE B 260 0.44 17.40 -28.67
C PHE B 260 0.13 16.22 -27.76
N PRO B 261 0.36 14.99 -28.22
CA PRO B 261 -0.26 13.83 -27.56
C PRO B 261 0.06 13.70 -26.08
N ARG B 262 1.30 13.95 -25.66
CA ARG B 262 1.64 13.79 -24.25
C ARG B 262 0.94 14.81 -23.36
N LEU B 263 0.52 15.95 -23.89
CA LEU B 263 0.03 17.06 -23.08
C LEU B 263 -1.50 16.97 -22.92
N HIS B 264 -1.95 15.97 -22.17
CA HIS B 264 -3.38 15.70 -22.07
C HIS B 264 -3.86 15.68 -20.61
N PHE B 265 -3.21 16.47 -19.75
CA PHE B 265 -3.55 16.60 -18.33
C PHE B 265 -4.26 17.93 -18.11
N PHE B 266 -5.54 17.87 -17.76
CA PHE B 266 -6.38 19.05 -17.66
C PHE B 266 -6.51 19.51 -16.21
N MET B 267 -6.51 20.83 -16.03
CA MET B 267 -6.85 21.47 -14.76
C MET B 267 -8.35 21.69 -14.72
N PRO B 268 -9.09 21.00 -13.87
CA PRO B 268 -10.51 21.31 -13.70
C PRO B 268 -10.72 22.49 -12.76
N GLY B 269 -11.82 23.20 -12.96
CA GLY B 269 -12.20 24.29 -12.08
C GLY B 269 -13.70 24.38 -11.93
N PHE B 270 -14.13 24.96 -10.81
CA PHE B 270 -15.56 25.03 -10.53
C PHE B 270 -15.87 26.30 -9.77
N ALA B 271 -17.03 26.89 -10.08
CA ALA B 271 -17.59 28.03 -9.36
C ALA B 271 -19.10 27.85 -9.33
N PRO B 272 -19.76 28.19 -8.21
CA PRO B 272 -19.17 28.62 -6.94
C PRO B 272 -18.73 27.44 -6.06
N LEU B 273 -17.79 27.69 -5.16
CA LEU B 273 -17.33 26.66 -4.23
C LEU B 273 -18.29 26.59 -3.06
N THR B 274 -18.68 25.36 -2.68
CA THR B 274 -19.70 25.15 -1.67
C THR B 274 -19.28 24.04 -0.72
N SER B 275 -19.74 24.15 0.52
CA SER B 275 -19.62 23.08 1.51
C SER B 275 -20.96 22.38 1.70
N ARG B 276 -20.93 21.26 2.41
CA ARG B 276 -22.15 20.50 2.64
C ARG B 276 -22.95 21.08 3.82
N LEU B 284 -23.02 35.71 -7.00
CA LEU B 284 -22.89 34.64 -7.99
C LEU B 284 -23.38 35.07 -9.38
N THR B 285 -22.81 36.16 -9.93
CA THR B 285 -23.24 36.71 -11.21
C THR B 285 -22.43 36.14 -12.37
N VAL B 286 -22.94 36.38 -13.59
CA VAL B 286 -22.26 35.88 -14.78
C VAL B 286 -20.84 36.43 -14.91
N PRO B 287 -20.60 37.76 -14.79
CA PRO B 287 -19.21 38.24 -14.95
C PRO B 287 -18.25 37.64 -13.93
N GLU B 288 -18.67 37.45 -12.69
CA GLU B 288 -17.76 36.86 -11.70
C GLU B 288 -17.49 35.39 -12.00
N LEU B 289 -18.50 34.68 -12.52
CA LEU B 289 -18.30 33.30 -12.91
C LEU B 289 -17.21 33.18 -13.97
N THR B 290 -17.21 34.07 -14.96
CA THR B 290 -16.20 33.96 -16.01
C THR B 290 -14.79 34.25 -15.47
N GLN B 291 -14.68 35.08 -14.42
CA GLN B 291 -13.35 35.40 -13.91
C GLN B 291 -12.76 34.27 -13.09
N GLN B 292 -13.57 33.36 -12.54
CA GLN B 292 -13.04 32.23 -11.78
C GLN B 292 -12.06 31.39 -12.61
N MET B 293 -12.15 31.47 -13.94
CA MET B 293 -11.22 30.80 -14.87
C MET B 293 -9.75 31.04 -14.55
N PHE B 294 -9.40 32.20 -13.99
CA PHE B 294 -8.03 32.47 -13.54
C PHE B 294 -7.92 32.52 -12.03
N ASP B 295 -8.97 32.16 -11.32
CA ASP B 295 -8.91 32.17 -9.86
C ASP B 295 -8.29 30.86 -9.43
N SER B 296 -7.05 30.92 -8.94
CA SER B 296 -6.38 29.74 -8.41
C SER B 296 -7.18 29.09 -7.29
N LYS B 297 -7.96 29.89 -6.55
CA LYS B 297 -8.75 29.34 -5.47
C LYS B 297 -9.84 28.41 -5.98
N ASN B 298 -10.14 28.41 -7.27
CA ASN B 298 -11.22 27.61 -7.81
C ASN B 298 -10.71 26.41 -8.61
N MET B 299 -9.40 26.17 -8.64
CA MET B 299 -8.81 25.09 -9.43
C MET B 299 -8.73 23.80 -8.61
N MET B 300 -9.20 22.69 -9.19
CA MET B 300 -9.08 21.40 -8.51
C MET B 300 -7.71 20.78 -8.69
N ALA B 301 -6.77 21.49 -9.30
CA ALA B 301 -5.35 21.11 -9.30
C ALA B 301 -4.59 22.26 -8.66
N ALA B 302 -3.65 21.92 -7.77
CA ALA B 302 -2.97 22.92 -6.93
C ALA B 302 -1.90 23.63 -7.77
N CYS B 303 -2.39 24.34 -8.77
CA CYS B 303 -1.57 25.09 -9.69
C CYS B 303 -2.22 26.45 -9.84
N ASP B 304 -1.40 27.46 -10.11
CA ASP B 304 -1.90 28.80 -10.35
C ASP B 304 -1.92 29.02 -11.85
N PRO B 305 -3.09 29.15 -12.48
CA PRO B 305 -3.13 29.38 -13.94
C PRO B 305 -2.34 30.60 -14.38
N ARG B 306 -2.21 31.61 -13.53
CA ARG B 306 -1.42 32.78 -13.92
C ARG B 306 0.08 32.53 -13.79
N HIS B 307 0.48 31.33 -13.41
CA HIS B 307 1.87 30.90 -13.46
C HIS B 307 2.25 30.31 -14.82
N GLY B 308 1.32 30.18 -15.74
CA GLY B 308 1.62 29.67 -17.06
C GLY B 308 0.68 30.24 -18.08
N ARG B 309 0.41 29.46 -19.12
CA ARG B 309 -0.45 29.90 -20.22
C ARG B 309 -1.41 28.76 -20.56
N TYR B 310 -2.65 29.14 -20.85
CA TYR B 310 -3.63 28.18 -21.35
C TYR B 310 -3.34 27.83 -22.80
N LEU B 311 -3.15 26.55 -23.07
CA LEU B 311 -3.13 26.08 -24.46
C LEU B 311 -4.54 26.09 -25.06
N THR B 312 -5.50 25.53 -24.32
CA THR B 312 -6.89 25.44 -24.73
C THR B 312 -7.74 25.41 -23.48
N VAL B 313 -9.00 25.85 -23.62
CA VAL B 313 -9.91 25.89 -22.48
C VAL B 313 -11.31 25.54 -22.98
N ALA B 314 -12.00 24.70 -22.22
CA ALA B 314 -13.44 24.48 -22.37
C ALA B 314 -14.12 24.99 -21.12
N ALA B 315 -15.21 25.72 -21.29
CA ALA B 315 -16.00 26.24 -20.17
C ALA B 315 -17.45 25.84 -20.35
N ILE B 316 -18.10 25.44 -19.27
CA ILE B 316 -19.51 25.06 -19.33
C ILE B 316 -20.26 25.86 -18.27
N PHE B 317 -21.29 26.57 -18.68
CA PHE B 317 -22.13 27.38 -17.81
C PHE B 317 -23.47 26.70 -17.70
N ARG B 318 -24.00 26.62 -16.49
CA ARG B 318 -25.22 25.89 -16.20
C ARG B 318 -26.15 26.77 -15.40
N GLY B 319 -27.42 26.74 -15.75
CA GLY B 319 -28.41 27.63 -15.19
C GLY B 319 -29.01 28.53 -16.24
N ARG B 320 -30.04 29.26 -15.84
CA ARG B 320 -30.70 30.19 -16.74
C ARG B 320 -29.98 31.54 -16.67
N MET B 321 -29.53 32.01 -17.82
CA MET B 321 -28.66 33.17 -17.92
C MET B 321 -28.55 33.52 -19.39
N SER B 322 -28.11 34.75 -19.65
CA SER B 322 -28.07 35.28 -21.02
C SER B 322 -26.86 34.72 -21.77
N MET B 323 -27.12 33.99 -22.86
CA MET B 323 -26.01 33.47 -23.66
C MET B 323 -25.20 34.60 -24.29
N LYS B 324 -25.82 35.76 -24.50
CA LYS B 324 -25.08 36.92 -25.00
C LYS B 324 -24.18 37.51 -23.92
N GLU B 325 -24.69 37.65 -22.69
CA GLU B 325 -23.87 38.13 -21.59
C GLU B 325 -22.73 37.17 -21.26
N VAL B 326 -22.94 35.86 -21.44
CA VAL B 326 -21.84 34.91 -21.26
C VAL B 326 -20.76 35.14 -22.30
N ASP B 327 -21.14 35.13 -23.59
CA ASP B 327 -20.12 35.30 -24.63
C ASP B 327 -19.43 36.66 -24.54
N GLU B 328 -20.13 37.69 -24.04
CA GLU B 328 -19.47 38.99 -23.84
C GLU B 328 -18.36 38.90 -22.80
N GLN B 329 -18.68 38.38 -21.62
CA GLN B 329 -17.73 38.32 -20.53
C GLN B 329 -16.63 37.30 -20.78
N MET B 330 -16.91 36.20 -21.49
CA MET B 330 -15.83 35.31 -21.85
C MET B 330 -14.80 36.04 -22.72
N LEU B 331 -15.26 36.78 -23.72
CA LEU B 331 -14.32 37.50 -24.57
C LEU B 331 -13.60 38.59 -23.81
N ASN B 332 -14.26 39.21 -22.83
CA ASN B 332 -13.58 40.25 -22.06
C ASN B 332 -12.56 39.64 -21.08
N VAL B 333 -12.82 38.46 -20.53
CA VAL B 333 -11.79 37.80 -19.75
C VAL B 333 -10.60 37.44 -20.63
N GLN B 334 -10.88 36.86 -21.81
CA GLN B 334 -9.79 36.48 -22.69
C GLN B 334 -8.93 37.67 -23.10
N ASN B 335 -9.52 38.85 -23.27
CA ASN B 335 -8.72 39.98 -23.73
C ASN B 335 -7.92 40.61 -22.59
N LYS B 336 -8.54 40.83 -21.42
CA LYS B 336 -7.81 41.40 -20.29
C LYS B 336 -6.68 40.49 -19.84
N ASN B 337 -6.85 39.18 -20.04
CA ASN B 337 -5.87 38.18 -19.62
C ASN B 337 -5.09 37.62 -20.81
N SER B 338 -4.90 38.43 -21.87
CA SER B 338 -4.39 37.88 -23.13
C SER B 338 -3.03 37.25 -22.94
N SER B 339 -2.25 37.76 -22.01
CA SER B 339 -0.90 37.27 -21.75
C SER B 339 -0.87 35.91 -21.05
N TYR B 340 -2.02 35.27 -20.78
CA TYR B 340 -2.03 33.94 -20.19
C TYR B 340 -2.64 32.90 -21.11
N PHE B 341 -2.84 33.24 -22.38
CA PHE B 341 -3.24 32.32 -23.44
C PHE B 341 -2.14 32.29 -24.49
N VAL B 342 -1.84 31.12 -25.04
CA VAL B 342 -0.85 31.10 -26.11
C VAL B 342 -1.45 31.75 -27.35
N GLU B 343 -0.64 32.54 -28.04
CA GLU B 343 -1.15 33.24 -29.21
C GLU B 343 -1.07 32.39 -30.46
N TRP B 344 -0.44 31.23 -30.42
CA TRP B 344 -0.33 30.39 -31.61
C TRP B 344 -1.41 29.33 -31.70
N ILE B 345 -2.44 29.39 -30.86
CA ILE B 345 -3.65 28.62 -31.03
C ILE B 345 -4.79 29.63 -31.00
N PRO B 346 -5.16 30.21 -32.14
CA PRO B 346 -6.26 31.19 -32.17
C PRO B 346 -7.56 30.60 -31.65
N ASN B 347 -8.35 31.42 -30.96
CA ASN B 347 -9.71 31.07 -30.56
C ASN B 347 -9.71 29.81 -29.69
N ASN B 348 -8.90 29.81 -28.64
CA ASN B 348 -8.69 28.54 -27.95
C ASN B 348 -9.60 28.35 -26.74
N VAL B 349 -10.65 29.14 -26.60
CA VAL B 349 -11.65 28.97 -25.55
C VAL B 349 -12.99 28.72 -26.22
N LYS B 350 -13.65 27.62 -25.84
CA LYS B 350 -14.97 27.29 -26.37
C LYS B 350 -15.95 27.13 -25.21
N THR B 351 -17.13 27.70 -25.36
CA THR B 351 -18.08 27.82 -24.27
C THR B 351 -19.37 27.13 -24.64
N ALA B 352 -19.92 26.37 -23.71
CA ALA B 352 -21.28 25.85 -23.81
C ALA B 352 -22.09 26.41 -22.65
N VAL B 353 -23.37 26.63 -22.90
CA VAL B 353 -24.35 26.94 -21.85
C VAL B 353 -25.43 25.87 -21.86
N CYS B 354 -25.78 25.37 -20.67
CA CYS B 354 -26.84 24.39 -20.48
C CYS B 354 -27.80 24.91 -19.42
N ASP B 355 -29.11 24.85 -19.72
CA ASP B 355 -30.10 25.53 -18.89
C ASP B 355 -30.39 24.78 -17.59
N ILE B 356 -29.99 23.52 -17.48
CA ILE B 356 -30.27 22.71 -16.30
C ILE B 356 -29.15 22.96 -15.28
N PRO B 357 -29.43 23.61 -14.15
CA PRO B 357 -28.40 23.82 -13.14
C PRO B 357 -28.21 22.58 -12.29
N PRO B 358 -27.05 22.43 -11.65
CA PRO B 358 -26.87 21.34 -10.70
C PRO B 358 -27.77 21.50 -9.48
N ARG B 359 -27.94 20.38 -8.76
CA ARG B 359 -28.80 20.37 -7.58
C ARG B 359 -28.33 21.41 -6.57
N GLY B 360 -29.28 22.22 -6.09
CA GLY B 360 -28.99 23.19 -5.05
C GLY B 360 -28.29 24.45 -5.50
N LEU B 361 -27.97 24.59 -6.79
CA LEU B 361 -27.36 25.80 -7.31
C LEU B 361 -28.23 26.36 -8.44
N LYS B 362 -28.23 27.68 -8.55
CA LYS B 362 -29.01 28.31 -9.60
C LYS B 362 -28.16 28.56 -10.84
N MET B 363 -26.87 28.85 -10.65
CA MET B 363 -25.94 29.07 -11.74
C MET B 363 -24.57 28.54 -11.33
N SER B 364 -23.87 27.94 -12.30
CA SER B 364 -22.55 27.38 -12.05
C SER B 364 -21.69 27.54 -13.31
N ALA B 365 -20.38 27.44 -13.11
CA ALA B 365 -19.43 27.41 -14.20
C ALA B 365 -18.39 26.33 -13.91
N THR B 366 -17.94 25.67 -14.96
CA THR B 366 -16.94 24.62 -14.85
C THR B 366 -15.94 24.79 -15.98
N PHE B 367 -14.67 24.69 -15.65
CA PHE B 367 -13.61 24.95 -16.61
C PHE B 367 -12.78 23.69 -16.75
N ILE B 368 -12.44 23.35 -17.99
CA ILE B 368 -11.48 22.31 -18.30
C ILE B 368 -10.35 23.00 -19.03
N GLY B 369 -9.24 23.21 -18.34
CA GLY B 369 -8.12 23.95 -18.89
C GLY B 369 -6.93 23.03 -19.15
N ASN B 370 -6.30 23.22 -20.29
CA ASN B 370 -5.03 22.56 -20.58
C ASN B 370 -3.97 23.66 -20.44
N SER B 371 -3.47 23.83 -19.21
CA SER B 371 -2.55 24.90 -18.86
C SER B 371 -1.14 24.37 -18.66
N THR B 372 -0.14 25.16 -19.11
CA THR B 372 1.23 24.77 -18.83
C THR B 372 1.59 24.91 -17.35
N ALA B 373 0.74 25.55 -16.54
CA ALA B 373 0.97 25.60 -15.10
C ALA B 373 0.77 24.25 -14.41
N ILE B 374 0.16 23.27 -15.08
CA ILE B 374 0.04 21.94 -14.50
C ILE B 374 1.39 21.32 -14.22
N GLN B 375 2.44 21.83 -14.84
CA GLN B 375 3.78 21.36 -14.49
C GLN B 375 4.07 21.50 -12.99
N GLU B 376 3.38 22.41 -12.29
CA GLU B 376 3.63 22.57 -10.86
C GLU B 376 3.17 21.34 -10.08
N LEU B 377 1.99 20.81 -10.41
CA LEU B 377 1.54 19.57 -9.80
C LEU B 377 2.59 18.49 -9.95
N PHE B 378 3.13 18.32 -11.17
CA PHE B 378 4.06 17.22 -11.39
C PHE B 378 5.43 17.49 -10.77
N LYS B 379 5.84 18.76 -10.71
CA LYS B 379 7.08 19.09 -10.03
C LYS B 379 6.98 18.78 -8.54
N ARG B 380 5.79 18.99 -7.95
CA ARG B 380 5.60 18.72 -6.54
C ARG B 380 5.67 17.22 -6.25
N ILE B 381 5.10 16.39 -7.13
CA ILE B 381 5.26 14.94 -6.98
C ILE B 381 6.72 14.55 -7.18
N SER B 382 7.37 15.13 -8.19
CA SER B 382 8.75 14.75 -8.49
C SER B 382 9.68 15.00 -7.29
N GLU B 383 9.52 16.15 -6.62
CA GLU B 383 10.36 16.47 -5.46
C GLU B 383 10.13 15.50 -4.31
N GLN B 384 8.88 15.10 -4.06
CA GLN B 384 8.62 14.11 -3.02
C GLN B 384 9.17 12.74 -3.42
N PHE B 385 9.02 12.36 -4.68
CA PHE B 385 9.63 11.12 -5.16
C PHE B 385 11.14 11.15 -4.94
N THR B 386 11.80 12.24 -5.35
CA THR B 386 13.26 12.27 -5.30
C THR B 386 13.75 12.24 -3.86
N ALA B 387 13.03 12.86 -2.93
CA ALA B 387 13.49 12.87 -1.55
C ALA B 387 13.47 11.46 -0.96
N MET B 388 12.45 10.66 -1.29
CA MET B 388 12.42 9.27 -0.84
C MET B 388 13.42 8.42 -1.61
N PHE B 389 13.48 8.59 -2.93
CA PHE B 389 14.17 7.63 -3.77
C PHE B 389 15.68 7.77 -3.67
N ARG B 390 16.19 8.96 -3.34
CA ARG B 390 17.63 9.13 -3.22
C ARG B 390 18.19 8.38 -2.00
N ARG B 391 17.36 8.07 -1.01
CA ARG B 391 17.72 7.21 0.11
C ARG B 391 17.18 5.80 -0.04
N LYS B 392 16.49 5.51 -1.15
CA LYS B 392 15.89 4.20 -1.43
C LYS B 392 14.93 3.75 -0.32
N ALA B 393 14.38 4.72 0.40
CA ALA B 393 13.39 4.43 1.44
C ALA B 393 12.23 3.61 0.90
N PHE B 394 11.93 2.47 1.56
CA PHE B 394 10.81 1.59 1.23
C PHE B 394 10.93 0.91 -0.13
N LEU B 395 12.06 1.05 -0.81
CA LEU B 395 12.22 0.43 -2.13
C LEU B 395 12.05 -1.09 -2.08
N HIS B 396 12.47 -1.75 -1.00
CA HIS B 396 12.51 -3.21 -1.03
C HIS B 396 11.13 -3.83 -1.17
N TRP B 397 10.07 -3.11 -0.81
CA TRP B 397 8.74 -3.63 -1.02
C TRP B 397 8.33 -3.63 -2.49
N TYR B 398 9.08 -2.95 -3.34
CA TYR B 398 8.81 -2.97 -4.78
C TYR B 398 9.73 -3.93 -5.52
N THR B 399 11.02 -3.92 -5.20
CA THR B 399 11.93 -4.92 -5.74
C THR B 399 11.51 -6.33 -5.35
N GLY B 400 11.00 -6.50 -4.12
CA GLY B 400 10.48 -7.79 -3.70
C GLY B 400 9.34 -8.30 -4.55
N GLU B 401 8.60 -7.40 -5.22
CA GLU B 401 7.58 -7.79 -6.19
C GLU B 401 8.17 -8.03 -7.57
N GLY B 402 9.49 -7.97 -7.72
CA GLY B 402 10.15 -8.27 -8.97
C GLY B 402 10.52 -7.06 -9.80
N MET B 403 10.16 -5.85 -9.36
CA MET B 403 10.51 -4.65 -10.12
C MET B 403 12.00 -4.37 -10.03
N ASP B 404 12.55 -3.89 -11.14
CA ASP B 404 13.89 -3.34 -11.16
C ASP B 404 13.85 -1.89 -10.68
N GLU B 405 14.94 -1.46 -10.05
CA GLU B 405 15.13 -0.04 -9.75
C GLU B 405 15.02 0.83 -11.00
N MET B 406 15.41 0.31 -12.16
CA MET B 406 15.39 1.11 -13.38
C MET B 406 13.99 1.56 -13.73
N GLU B 407 12.96 0.78 -13.38
CA GLU B 407 11.61 1.24 -13.62
C GLU B 407 11.33 2.53 -12.88
N PHE B 408 11.92 2.69 -11.69
CA PHE B 408 11.70 3.90 -10.91
C PHE B 408 12.33 5.10 -11.58
N THR B 409 13.61 5.00 -11.97
CA THR B 409 14.27 6.14 -12.60
C THR B 409 13.62 6.48 -13.95
N GLU B 410 13.22 5.47 -14.73
CA GLU B 410 12.56 5.74 -16.00
C GLU B 410 11.22 6.44 -15.81
N ALA B 411 10.48 6.09 -14.76
CA ALA B 411 9.20 6.74 -14.58
C ALA B 411 9.38 8.19 -14.14
N GLU B 412 10.45 8.51 -13.42
CA GLU B 412 10.64 9.89 -12.98
C GLU B 412 11.27 10.75 -14.08
N SER B 413 12.20 10.16 -14.85
CA SER B 413 12.70 10.80 -16.04
C SER B 413 11.54 11.20 -16.97
N ASN B 414 10.60 10.27 -17.19
CA ASN B 414 9.46 10.57 -18.05
C ASN B 414 8.62 11.70 -17.48
N MET B 415 8.43 11.72 -16.14
CA MET B 415 7.64 12.78 -15.53
C MET B 415 8.35 14.13 -15.62
N ASN B 416 9.67 14.15 -15.39
CA ASN B 416 10.42 15.40 -15.54
C ASN B 416 10.46 15.85 -17.00
N ASP B 417 10.38 14.90 -17.94
CA ASP B 417 10.28 15.26 -19.35
C ASP B 417 8.96 15.94 -19.64
N LEU B 418 7.86 15.36 -19.13
CA LEU B 418 6.56 16.00 -19.26
C LEU B 418 6.61 17.42 -18.74
N VAL B 419 7.26 17.61 -17.58
CA VAL B 419 7.41 18.95 -17.01
C VAL B 419 8.12 19.87 -18.00
N SER B 420 9.22 19.39 -18.59
CA SER B 420 9.99 20.23 -19.52
C SER B 420 9.19 20.55 -20.77
N GLU B 421 8.41 19.58 -21.26
CA GLU B 421 7.62 19.82 -22.46
C GLU B 421 6.57 20.90 -22.21
N TYR B 422 5.91 20.86 -21.04
CA TYR B 422 4.98 21.92 -20.66
C TYR B 422 5.70 23.26 -20.59
N GLN B 423 6.93 23.26 -20.05
CA GLN B 423 7.74 24.48 -20.00
C GLN B 423 8.06 24.96 -21.41
N GLN B 424 8.37 24.03 -22.30
CA GLN B 424 8.79 24.38 -23.65
C GLN B 424 7.70 25.18 -24.36
N TYR B 425 6.44 24.75 -24.21
CA TYR B 425 5.35 25.47 -24.87
C TYR B 425 4.89 26.68 -24.09
N GLN B 426 5.27 26.79 -22.82
CA GLN B 426 4.96 28.00 -22.07
C GLN B 426 5.81 29.18 -22.55
N ASP B 427 7.01 28.90 -23.03
CA ASP B 427 7.94 29.94 -23.47
C ASP B 427 7.91 30.14 -24.98
N ALA B 428 7.14 29.33 -25.71
CA ALA B 428 7.10 29.45 -27.15
C ALA B 428 6.40 30.74 -27.55
N THR B 429 6.99 31.47 -28.49
CA THR B 429 6.42 32.70 -29.01
C THR B 429 5.87 32.47 -30.41
N ALA B 430 4.90 33.30 -30.79
CA ALA B 430 4.52 33.41 -32.20
C ALA B 430 5.44 34.38 -32.92
N MET C 1 -10.57 -17.01 4.09
CA MET C 1 -9.97 -15.87 3.41
C MET C 1 -9.15 -15.06 4.41
N ARG C 2 -7.98 -14.57 3.97
CA ARG C 2 -7.15 -13.63 4.72
C ARG C 2 -6.74 -14.14 6.10
N GLU C 3 -6.52 -15.46 6.23
CA GLU C 3 -6.20 -16.04 7.54
C GLU C 3 -4.81 -15.62 8.02
N CYS C 4 -4.68 -15.50 9.35
CA CYS C 4 -3.42 -15.29 10.03
C CYS C 4 -3.25 -16.42 11.02
N ILE C 5 -2.08 -17.07 11.01
CA ILE C 5 -1.79 -18.17 11.92
C ILE C 5 -0.90 -17.61 13.02
N SER C 6 -1.24 -17.90 14.28
CA SER C 6 -0.49 -17.41 15.43
C SER C 6 0.33 -18.53 16.06
N ILE C 7 1.59 -18.25 16.36
CA ILE C 7 2.49 -19.22 16.97
C ILE C 7 3.06 -18.63 18.25
N HIS C 8 2.92 -19.37 19.35
CA HIS C 8 3.32 -18.92 20.67
C HIS C 8 4.37 -19.88 21.18
N VAL C 9 5.56 -19.34 21.46
CA VAL C 9 6.76 -20.13 21.74
C VAL C 9 7.25 -19.84 23.14
N GLY C 10 7.45 -20.89 23.95
CA GLY C 10 8.05 -20.72 25.26
C GLY C 10 7.09 -20.10 26.26
N GLN C 11 7.53 -20.00 27.53
CA GLN C 11 6.66 -19.50 28.61
C GLN C 11 6.03 -18.15 28.25
N ALA C 12 6.85 -17.13 28.01
CA ALA C 12 6.32 -15.81 27.68
C ALA C 12 5.35 -15.89 26.49
N GLY C 13 5.78 -16.52 25.40
CA GLY C 13 4.91 -16.61 24.23
C GLY C 13 3.59 -17.27 24.54
N VAL C 14 3.62 -18.33 25.36
CA VAL C 14 2.41 -19.09 25.64
C VAL C 14 1.48 -18.30 26.57
N GLN C 15 2.04 -17.70 27.62
CA GLN C 15 1.20 -16.99 28.57
C GLN C 15 0.55 -15.77 27.93
N ILE C 16 1.30 -15.03 27.11
CA ILE C 16 0.71 -13.93 26.35
C ILE C 16 -0.38 -14.45 25.40
N GLY C 17 -0.13 -15.59 24.75
CA GLY C 17 -1.18 -16.26 24.00
C GLY C 17 -2.46 -16.45 24.79
N ASN C 18 -2.34 -16.89 26.05
CA ASN C 18 -3.53 -17.02 26.90
C ASN C 18 -4.28 -15.70 27.01
N ALA C 19 -3.58 -14.61 27.31
CA ALA C 19 -4.28 -13.34 27.47
C ALA C 19 -4.95 -12.92 26.17
N CYS C 20 -4.23 -13.02 25.04
CA CYS C 20 -4.79 -12.61 23.75
C CYS C 20 -6.01 -13.44 23.36
N TRP C 21 -5.86 -14.77 23.35
CA TRP C 21 -6.95 -15.61 22.85
C TRP C 21 -8.18 -15.53 23.76
N GLU C 22 -7.97 -15.40 25.07
CA GLU C 22 -9.07 -15.09 25.98
C GLU C 22 -9.75 -13.78 25.56
N LEU C 23 -8.96 -12.76 25.31
CA LEU C 23 -9.53 -11.46 24.95
C LEU C 23 -10.28 -11.54 23.63
N TYR C 24 -9.74 -12.29 22.67
CA TYR C 24 -10.42 -12.46 21.38
C TYR C 24 -11.79 -13.11 21.57
N CYS C 25 -11.87 -14.14 22.42
CA CYS C 25 -13.15 -14.80 22.63
C CYS C 25 -14.17 -13.83 23.21
N LEU C 26 -13.76 -13.04 24.20
CA LEU C 26 -14.66 -12.03 24.77
C LEU C 26 -15.08 -11.02 23.71
N GLU C 27 -14.12 -10.57 22.88
CA GLU C 27 -14.41 -9.56 21.88
C GLU C 27 -15.38 -10.05 20.83
N HIS C 28 -15.35 -11.34 20.50
CA HIS C 28 -16.21 -11.90 19.47
C HIS C 28 -17.35 -12.73 20.04
N GLY C 29 -17.46 -12.88 21.36
CA GLY C 29 -18.56 -13.64 21.93
C GLY C 29 -18.41 -15.13 21.76
N ILE C 30 -17.19 -15.63 21.81
CA ILE C 30 -16.92 -17.06 21.71
C ILE C 30 -16.76 -17.60 23.12
N GLN C 31 -17.55 -18.60 23.47
CA GLN C 31 -17.47 -19.17 24.80
C GLN C 31 -16.31 -20.16 24.88
N PRO C 32 -15.87 -20.51 26.09
CA PRO C 32 -14.66 -21.35 26.22
C PRO C 32 -14.73 -22.72 25.53
N ASP C 33 -15.90 -23.19 25.09
CA ASP C 33 -16.00 -24.41 24.29
C ASP C 33 -16.05 -24.13 22.79
N GLY C 34 -15.88 -22.89 22.36
CA GLY C 34 -15.85 -22.60 20.94
C GLY C 34 -17.16 -22.19 20.35
N GLN C 35 -18.24 -22.17 21.12
CA GLN C 35 -19.56 -21.88 20.60
C GLN C 35 -19.93 -20.40 20.77
N MET C 36 -20.71 -19.89 19.83
CA MET C 36 -21.21 -18.53 19.94
C MET C 36 -22.64 -18.43 19.45
N PRO C 37 -23.56 -17.92 20.29
CA PRO C 37 -25.01 -17.72 20.03
C PRO C 37 -25.38 -17.38 18.59
N ASP C 46 -20.75 -9.41 10.91
CA ASP C 46 -19.30 -9.34 10.80
C ASP C 46 -18.66 -10.72 10.90
N ASP C 47 -18.11 -11.19 9.77
CA ASP C 47 -17.57 -12.53 9.63
C ASP C 47 -16.06 -12.60 9.79
N SER C 48 -15.37 -11.47 9.87
CA SER C 48 -13.92 -11.44 9.73
C SER C 48 -13.16 -11.93 10.96
N PHE C 49 -13.85 -12.32 12.05
CA PHE C 49 -13.15 -13.10 13.06
C PHE C 49 -12.67 -14.44 12.49
N ASN C 50 -13.17 -14.86 11.32
CA ASN C 50 -12.74 -16.11 10.69
C ASN C 50 -11.28 -16.07 10.26
N THR C 51 -10.68 -14.89 10.08
CA THR C 51 -9.24 -14.80 9.84
C THR C 51 -8.43 -15.42 10.98
N PHE C 52 -8.98 -15.48 12.20
CA PHE C 52 -8.26 -16.03 13.33
C PHE C 52 -8.86 -17.30 13.90
N PHE C 53 -10.08 -17.67 13.49
CA PHE C 53 -10.76 -18.86 13.96
C PHE C 53 -11.24 -19.66 12.76
N SER C 54 -10.78 -20.89 12.63
CA SER C 54 -11.47 -21.80 11.75
C SER C 54 -12.78 -22.23 12.41
N GLU C 55 -13.63 -22.93 11.66
CA GLU C 55 -14.92 -23.39 12.18
C GLU C 55 -15.09 -24.87 11.83
N THR C 56 -15.56 -25.65 12.81
CA THR C 56 -15.94 -27.03 12.56
C THR C 56 -17.42 -27.08 12.15
N GLY C 57 -17.84 -28.26 11.68
CA GLY C 57 -19.23 -28.42 11.32
C GLY C 57 -20.18 -28.28 12.48
N ALA C 58 -19.70 -28.57 13.69
CA ALA C 58 -20.51 -28.43 14.90
C ALA C 58 -20.70 -26.97 15.30
N GLY C 59 -20.24 -26.01 14.50
CA GLY C 59 -20.26 -24.62 14.89
C GLY C 59 -19.25 -24.24 15.96
N LYS C 60 -18.22 -25.05 16.14
CA LYS C 60 -17.14 -24.77 17.09
C LYS C 60 -16.07 -23.94 16.39
N HIS C 61 -15.65 -22.85 17.02
CA HIS C 61 -14.68 -21.94 16.44
C HIS C 61 -13.33 -22.15 17.12
N VAL C 62 -12.31 -22.48 16.34
CA VAL C 62 -11.03 -22.99 16.83
C VAL C 62 -9.90 -22.04 16.43
N PRO C 63 -9.15 -21.49 17.38
CA PRO C 63 -8.04 -20.59 17.03
C PRO C 63 -7.10 -21.22 16.01
N ARG C 64 -6.73 -20.42 14.99
CA ARG C 64 -5.70 -20.80 14.03
C ARG C 64 -4.34 -20.55 14.70
N ALA C 65 -4.00 -21.41 15.65
CA ALA C 65 -2.88 -21.12 16.54
C ALA C 65 -2.19 -22.40 16.94
N VAL C 66 -0.87 -22.30 17.13
CA VAL C 66 -0.07 -23.33 17.77
C VAL C 66 0.57 -22.76 19.03
N PHE C 67 0.54 -23.53 20.11
CA PHE C 67 1.28 -23.26 21.34
C PHE C 67 2.40 -24.28 21.41
N VAL C 68 3.64 -23.82 21.55
CA VAL C 68 4.78 -24.71 21.63
C VAL C 68 5.63 -24.32 22.83
N ASP C 69 6.10 -25.32 23.58
CA ASP C 69 7.05 -25.11 24.67
C ASP C 69 7.83 -26.40 24.83
N LEU C 70 9.09 -26.28 25.25
CA LEU C 70 9.95 -27.46 25.35
C LEU C 70 9.71 -28.26 26.63
N GLU C 71 9.25 -27.61 27.69
CA GLU C 71 8.76 -28.35 28.85
C GLU C 71 7.24 -28.22 28.91
N PRO C 72 6.55 -29.09 29.64
CA PRO C 72 5.09 -29.13 29.54
C PRO C 72 4.31 -28.30 30.56
N THR C 73 4.96 -27.63 31.52
CA THR C 73 4.20 -27.20 32.71
C THR C 73 3.29 -26.02 32.39
N VAL C 74 3.76 -25.05 31.63
CA VAL C 74 2.91 -23.91 31.31
C VAL C 74 1.76 -24.34 30.41
N ILE C 75 2.05 -25.16 29.41
CA ILE C 75 0.98 -25.58 28.51
C ILE C 75 0.04 -26.55 29.20
N ASP C 76 0.51 -27.27 30.23
CA ASP C 76 -0.41 -28.11 31.01
C ASP C 76 -1.51 -27.29 31.67
N GLU C 77 -1.22 -26.03 32.01
CA GLU C 77 -2.27 -25.18 32.58
C GLU C 77 -3.32 -24.83 31.53
N VAL C 78 -2.91 -24.62 30.28
CA VAL C 78 -3.89 -24.44 29.21
C VAL C 78 -4.72 -25.70 29.06
N ARG C 79 -4.05 -26.86 29.04
CA ARG C 79 -4.71 -28.14 28.84
C ARG C 79 -5.70 -28.47 29.96
N THR C 80 -5.56 -27.88 31.14
CA THR C 80 -6.47 -28.16 32.24
C THR C 80 -7.26 -26.93 32.71
N GLY C 81 -7.09 -25.77 32.06
CA GLY C 81 -7.69 -24.53 32.53
C GLY C 81 -9.04 -24.24 31.91
N THR C 82 -9.41 -22.95 31.95
CA THR C 82 -10.75 -22.53 31.52
C THR C 82 -11.02 -22.84 30.05
N TYR C 83 -10.01 -22.65 29.20
CA TYR C 83 -10.16 -22.75 27.76
C TYR C 83 -9.64 -24.07 27.20
N ARG C 84 -9.57 -25.10 28.04
CA ARG C 84 -9.04 -26.39 27.62
C ARG C 84 -9.80 -27.01 26.45
N GLN C 85 -11.06 -26.62 26.24
CA GLN C 85 -11.79 -27.11 25.06
C GLN C 85 -11.72 -26.15 23.89
N LEU C 86 -11.05 -25.00 24.04
CA LEU C 86 -10.98 -24.06 22.92
C LEU C 86 -10.05 -24.57 21.83
N PHE C 87 -8.91 -25.13 22.24
CA PHE C 87 -7.91 -25.70 21.34
C PHE C 87 -8.09 -27.21 21.17
N HIS C 88 -7.82 -27.70 19.97
CA HIS C 88 -7.62 -29.12 19.77
C HIS C 88 -6.30 -29.52 20.43
N PRO C 89 -6.23 -30.72 21.04
CA PRO C 89 -4.98 -31.14 21.71
C PRO C 89 -3.75 -31.03 20.84
N GLU C 90 -3.86 -31.38 19.55
CA GLU C 90 -2.74 -31.38 18.61
C GLU C 90 -2.17 -29.99 18.38
N GLN C 91 -2.90 -28.94 18.76
CA GLN C 91 -2.36 -27.61 18.68
C GLN C 91 -1.44 -27.26 19.83
N LEU C 92 -1.54 -27.99 20.95
CA LEU C 92 -0.76 -27.73 22.16
C LEU C 92 0.37 -28.75 22.21
N ILE C 93 1.58 -28.29 21.92
CA ILE C 93 2.74 -29.14 21.67
C ILE C 93 3.77 -28.88 22.75
N THR C 94 4.22 -29.94 23.44
CA THR C 94 5.25 -29.85 24.46
C THR C 94 6.20 -31.04 24.38
N GLY C 95 7.45 -30.79 24.71
CA GLY C 95 8.41 -31.84 24.98
C GLY C 95 8.50 -32.14 26.46
N LYS C 96 9.67 -32.60 26.89
CA LYS C 96 9.90 -32.96 28.29
C LYS C 96 10.87 -32.02 28.98
N GLU C 97 12.08 -31.88 28.45
CA GLU C 97 13.07 -30.96 28.99
C GLU C 97 12.92 -29.60 28.31
N ASP C 98 13.15 -28.52 29.07
CA ASP C 98 13.15 -27.21 28.45
C ASP C 98 14.57 -26.89 28.03
N ALA C 99 14.82 -25.65 27.62
CA ALA C 99 16.12 -25.30 27.08
C ALA C 99 17.07 -24.80 28.15
N ALA C 100 16.64 -24.80 29.41
CA ALA C 100 17.50 -24.40 30.53
C ALA C 100 18.15 -23.04 30.28
N ASN C 101 17.36 -22.08 29.77
CA ASN C 101 17.77 -20.69 29.56
C ASN C 101 18.91 -20.57 28.54
N ASN C 102 19.09 -21.60 27.71
CA ASN C 102 20.26 -21.72 26.82
C ASN C 102 19.78 -21.76 25.36
N TYR C 103 20.02 -20.67 24.63
CA TYR C 103 19.66 -20.59 23.20
C TYR C 103 20.10 -21.83 22.44
N ALA C 104 21.33 -22.28 22.68
CA ALA C 104 21.86 -23.42 21.93
C ALA C 104 21.01 -24.67 22.14
N ARG C 105 20.44 -24.85 23.34
CA ARG C 105 19.58 -26.00 23.57
C ARG C 105 18.23 -25.81 22.90
N GLY C 106 17.67 -24.60 22.97
CA GLY C 106 16.41 -24.36 22.31
C GLY C 106 16.50 -24.51 20.80
N HIS C 107 17.65 -24.16 20.21
CA HIS C 107 17.83 -24.15 18.75
C HIS C 107 18.36 -25.46 18.19
N TYR C 108 19.21 -26.17 18.93
CA TYR C 108 19.78 -27.42 18.44
C TYR C 108 19.37 -28.60 19.31
N THR C 109 20.05 -28.77 20.44
CA THR C 109 20.00 -30.00 21.23
C THR C 109 18.57 -30.44 21.53
N ILE C 110 17.78 -29.58 22.16
CA ILE C 110 16.42 -29.95 22.51
C ILE C 110 15.45 -29.60 21.40
N GLY C 111 15.64 -28.45 20.76
CA GLY C 111 14.68 -28.00 19.76
C GLY C 111 14.56 -28.91 18.55
N LYS C 112 15.67 -29.53 18.13
CA LYS C 112 15.65 -30.41 16.97
C LYS C 112 14.73 -31.59 17.14
N GLU C 113 14.42 -31.99 18.37
CA GLU C 113 13.60 -33.17 18.64
C GLU C 113 12.11 -32.90 18.46
N ILE C 114 11.69 -31.65 18.34
CA ILE C 114 10.26 -31.39 18.27
C ILE C 114 9.92 -30.50 17.07
N ILE C 115 10.92 -30.03 16.33
CA ILE C 115 10.66 -29.01 15.31
C ILE C 115 9.81 -29.58 14.17
N ASP C 116 10.05 -30.83 13.75
CA ASP C 116 9.27 -31.41 12.65
C ASP C 116 7.80 -31.54 13.03
N LEU C 117 7.53 -31.95 14.27
CA LEU C 117 6.15 -32.05 14.73
C LEU C 117 5.46 -30.69 14.65
N VAL C 118 6.16 -29.62 15.05
CA VAL C 118 5.57 -28.28 15.01
C VAL C 118 5.29 -27.84 13.58
N LEU C 119 6.27 -28.05 12.68
CA LEU C 119 6.05 -27.69 11.28
C LEU C 119 4.93 -28.52 10.66
N ASP C 120 4.78 -29.80 11.06
CA ASP C 120 3.67 -30.60 10.56
C ASP C 120 2.33 -30.03 11.00
N ARG C 121 2.24 -29.58 12.25
CA ARG C 121 1.00 -28.99 12.75
C ARG C 121 0.70 -27.65 12.09
N ILE C 122 1.73 -26.83 11.85
CA ILE C 122 1.53 -25.57 11.15
C ILE C 122 1.10 -25.84 9.71
N ARG C 123 1.75 -26.79 9.04
CA ARG C 123 1.35 -27.17 7.69
C ARG C 123 -0.11 -27.58 7.64
N LYS C 124 -0.60 -28.25 8.70
CA LYS C 124 -2.02 -28.60 8.71
C LYS C 124 -2.90 -27.36 8.88
N LEU C 125 -2.50 -26.40 9.72
CA LEU C 125 -3.26 -25.16 9.82
C LEU C 125 -3.25 -24.37 8.51
N ALA C 126 -2.11 -24.35 7.80
CA ALA C 126 -2.04 -23.66 6.51
C ALA C 126 -2.97 -24.28 5.49
N ASP C 127 -3.10 -25.61 5.50
CA ASP C 127 -3.98 -26.30 4.58
C ASP C 127 -5.44 -25.89 4.77
N GLN C 128 -5.77 -25.23 5.87
CA GLN C 128 -7.14 -24.80 6.15
C GLN C 128 -7.38 -23.35 5.76
N CYS C 129 -6.39 -22.68 5.18
CA CYS C 129 -6.50 -21.27 4.82
C CYS C 129 -6.65 -21.16 3.30
N THR C 130 -7.56 -20.30 2.86
CA THR C 130 -7.72 -20.08 1.43
C THR C 130 -7.01 -18.82 0.95
N GLY C 131 -6.63 -17.92 1.87
CA GLY C 131 -5.77 -16.80 1.54
C GLY C 131 -4.87 -16.42 2.70
N LEU C 132 -3.94 -17.29 3.07
CA LEU C 132 -3.03 -17.04 4.19
C LEU C 132 -2.25 -15.75 4.04
N GLN C 133 -2.55 -14.76 4.90
CA GLN C 133 -1.77 -13.52 4.99
C GLN C 133 -0.36 -13.76 5.51
N GLY C 134 -0.23 -14.49 6.61
CA GLY C 134 1.08 -14.66 7.21
C GLY C 134 1.01 -15.23 8.61
N PHE C 135 2.16 -15.16 9.28
CA PHE C 135 2.35 -15.73 10.61
C PHE C 135 2.63 -14.63 11.61
N LEU C 136 2.05 -14.76 12.79
CA LEU C 136 2.36 -13.92 13.94
C LEU C 136 3.02 -14.80 14.99
N VAL C 137 4.25 -14.47 15.37
CA VAL C 137 5.07 -15.31 16.22
C VAL C 137 5.34 -14.59 17.54
N PHE C 138 4.86 -15.17 18.64
CA PHE C 138 4.98 -14.58 19.97
C PHE C 138 6.06 -15.28 20.77
N HIS C 139 7.01 -14.52 21.31
CA HIS C 139 8.10 -15.12 22.07
C HIS C 139 8.85 -14.05 22.86
N SER C 140 9.63 -14.50 23.84
CA SER C 140 10.59 -13.64 24.51
C SER C 140 11.96 -13.72 23.86
N PHE C 141 12.75 -12.66 24.06
CA PHE C 141 14.16 -12.70 23.66
C PHE C 141 15.00 -13.54 24.61
N GLY C 142 14.68 -13.53 25.90
CA GLY C 142 15.63 -13.98 26.90
C GLY C 142 15.60 -15.45 27.24
N GLY C 143 14.47 -16.12 26.99
CA GLY C 143 14.37 -17.53 27.33
C GLY C 143 15.17 -18.40 26.39
N GLY C 144 15.51 -19.59 26.87
CA GLY C 144 16.15 -20.57 26.01
C GLY C 144 15.25 -21.02 24.87
N THR C 145 13.97 -21.21 25.16
CA THR C 145 13.04 -21.59 24.10
C THR C 145 12.62 -20.38 23.28
N GLY C 146 12.19 -19.31 23.95
CA GLY C 146 11.79 -18.11 23.24
C GLY C 146 12.83 -17.63 22.26
N SER C 147 14.10 -17.79 22.59
CA SER C 147 15.17 -17.33 21.71
C SER C 147 15.62 -18.43 20.73
N GLY C 148 16.01 -19.59 21.25
CA GLY C 148 16.61 -20.61 20.42
C GLY C 148 15.62 -21.34 19.54
N PHE C 149 14.46 -21.68 20.10
CA PHE C 149 13.48 -22.43 19.31
C PHE C 149 12.77 -21.54 18.31
N THR C 150 12.53 -20.27 18.66
CA THR C 150 11.96 -19.32 17.72
C THR C 150 12.87 -19.10 16.52
N SER C 151 14.19 -19.00 16.76
CA SER C 151 15.12 -18.86 15.65
C SER C 151 15.03 -20.06 14.70
N LEU C 152 15.03 -21.27 15.26
CA LEU C 152 14.85 -22.47 14.44
C LEU C 152 13.52 -22.42 13.71
N LEU C 153 12.45 -22.03 14.42
CA LEU C 153 11.13 -21.99 13.81
C LEU C 153 11.11 -21.04 12.61
N MET C 154 11.62 -19.81 12.79
CA MET C 154 11.59 -18.81 11.73
C MET C 154 12.33 -19.29 10.49
N GLU C 155 13.52 -19.85 10.69
CA GLU C 155 14.28 -20.40 9.58
C GLU C 155 13.49 -21.48 8.85
N ARG C 156 12.80 -22.35 9.58
CA ARG C 156 12.03 -23.41 8.91
C ARG C 156 10.80 -22.85 8.22
N LEU C 157 10.20 -21.79 8.75
CA LEU C 157 9.07 -21.18 8.07
C LEU C 157 9.49 -20.56 6.75
N SER C 158 10.71 -19.99 6.68
CA SER C 158 11.21 -19.47 5.42
C SER C 158 11.39 -20.58 4.39
N VAL C 159 11.84 -21.74 4.81
CA VAL C 159 12.00 -22.84 3.86
C VAL C 159 10.63 -23.28 3.36
N ASP C 160 9.69 -23.52 4.27
CA ASP C 160 8.39 -24.05 3.90
C ASP C 160 7.52 -23.01 3.20
N TYR C 161 7.58 -21.75 3.62
CA TYR C 161 6.65 -20.74 3.11
C TYR C 161 7.33 -19.58 2.38
N GLY C 162 8.63 -19.69 2.11
CA GLY C 162 9.28 -18.66 1.31
C GLY C 162 9.15 -17.32 1.98
N LYS C 163 8.78 -16.31 1.20
CA LYS C 163 8.69 -14.94 1.69
C LYS C 163 7.33 -14.60 2.29
N LYS C 164 6.45 -15.58 2.45
CA LYS C 164 5.19 -15.36 3.15
C LYS C 164 5.44 -14.57 4.45
N SER C 165 4.64 -13.53 4.67
CA SER C 165 4.85 -12.61 5.77
C SER C 165 5.01 -13.30 7.13
N LYS C 166 6.03 -12.91 7.87
CA LYS C 166 6.24 -13.33 9.24
C LYS C 166 6.49 -12.11 10.10
N LEU C 167 5.63 -11.90 11.08
CA LEU C 167 5.78 -10.80 12.03
C LEU C 167 5.95 -11.38 13.44
N GLU C 168 6.66 -10.64 14.30
CA GLU C 168 6.91 -11.06 15.66
C GLU C 168 6.29 -10.10 16.66
N PHE C 169 5.92 -10.65 17.82
CA PHE C 169 5.77 -9.91 19.07
C PHE C 169 6.81 -10.43 20.04
N SER C 170 7.73 -9.57 20.43
CA SER C 170 8.93 -9.98 21.14
C SER C 170 9.02 -9.24 22.46
N ILE C 171 9.24 -10.01 23.53
CA ILE C 171 9.45 -9.46 24.85
C ILE C 171 10.94 -9.23 25.03
N TYR C 172 11.32 -7.97 25.08
CA TYR C 172 12.64 -7.44 25.40
C TYR C 172 12.86 -7.53 26.92
N PRO C 173 14.03 -8.03 27.34
CA PRO C 173 14.20 -8.44 28.74
C PRO C 173 14.31 -7.28 29.72
N ALA C 174 13.83 -7.52 30.94
CA ALA C 174 13.94 -6.54 32.04
C ALA C 174 14.49 -7.20 33.29
N PRO C 175 15.62 -6.72 33.82
CA PRO C 175 16.22 -7.33 35.02
C PRO C 175 15.24 -7.58 36.16
N GLN C 176 14.36 -6.62 36.46
CA GLN C 176 13.38 -6.76 37.54
C GLN C 176 12.71 -8.14 37.53
N VAL C 177 12.05 -8.48 36.42
CA VAL C 177 11.27 -9.72 36.36
C VAL C 177 12.02 -10.91 35.79
N SER C 178 13.19 -10.70 35.19
CA SER C 178 13.94 -11.79 34.57
C SER C 178 14.40 -12.80 35.60
N THR C 179 14.60 -14.04 35.16
CA THR C 179 15.23 -15.06 35.99
C THR C 179 16.36 -15.76 35.25
N ALA C 180 17.05 -15.03 34.37
CA ALA C 180 18.29 -15.58 33.81
C ALA C 180 19.32 -14.48 33.56
N VAL C 181 20.60 -14.85 33.79
CA VAL C 181 21.76 -13.99 33.65
C VAL C 181 22.26 -13.96 32.21
N VAL C 182 21.99 -15.02 31.44
CA VAL C 182 22.45 -15.11 30.06
C VAL C 182 21.47 -14.48 29.07
N GLU C 183 20.40 -13.86 29.56
CA GLU C 183 19.44 -13.22 28.65
C GLU C 183 20.08 -12.32 27.60
N PRO C 184 21.11 -11.52 27.92
CA PRO C 184 21.71 -10.72 26.83
C PRO C 184 22.35 -11.58 25.75
N TYR C 185 22.83 -12.78 26.07
CA TYR C 185 23.34 -13.68 25.04
C TYR C 185 22.21 -14.21 24.16
N ASN C 186 21.14 -14.71 24.80
CA ASN C 186 20.03 -15.26 24.04
C ASN C 186 19.42 -14.20 23.13
N SER C 187 19.31 -12.96 23.63
CA SER C 187 18.74 -11.87 22.88
C SER C 187 19.51 -11.60 21.60
N ILE C 188 20.82 -11.39 21.71
CA ILE C 188 21.60 -11.07 20.52
C ILE C 188 21.63 -12.25 19.57
N LEU C 189 21.74 -13.47 20.09
CA LEU C 189 21.81 -14.64 19.23
C LEU C 189 20.51 -14.83 18.44
N THR C 190 19.35 -14.71 19.10
CA THR C 190 18.13 -14.89 18.30
C THR C 190 17.89 -13.71 17.36
N THR C 191 18.34 -12.50 17.74
CA THR C 191 18.14 -11.36 16.87
C THR C 191 18.99 -11.49 15.60
N HIS C 192 20.22 -11.96 15.75
CA HIS C 192 21.07 -12.13 14.59
C HIS C 192 20.48 -13.16 13.63
N THR C 193 20.08 -14.33 14.14
CA THR C 193 19.62 -15.39 13.23
C THR C 193 18.23 -15.12 12.66
N THR C 194 17.37 -14.43 13.41
CA THR C 194 16.00 -14.15 12.97
C THR C 194 15.90 -12.97 12.02
N LEU C 195 16.90 -12.08 12.01
CA LEU C 195 16.80 -10.78 11.35
C LEU C 195 16.35 -10.92 9.89
N GLU C 196 17.01 -11.79 9.13
CA GLU C 196 16.71 -11.91 7.71
C GLU C 196 15.45 -12.72 7.43
N HIS C 197 14.82 -13.28 8.47
CA HIS C 197 13.64 -14.13 8.29
C HIS C 197 12.35 -13.44 8.70
N SER C 198 12.41 -12.31 9.36
CA SER C 198 11.23 -11.66 9.89
C SER C 198 11.00 -10.38 9.12
N ASP C 199 9.74 -10.11 8.79
CA ASP C 199 9.38 -8.89 8.07
C ASP C 199 9.18 -7.70 9.00
N CYS C 200 8.81 -7.95 10.26
CA CYS C 200 8.46 -6.86 11.17
C CYS C 200 8.36 -7.41 12.59
N ALA C 201 9.01 -6.77 13.55
CA ALA C 201 9.04 -7.24 14.92
C ALA C 201 8.56 -6.13 15.83
N PHE C 202 7.44 -6.36 16.51
CA PHE C 202 6.90 -5.43 17.50
C PHE C 202 7.52 -5.78 18.86
N MET C 203 8.46 -4.96 19.33
CA MET C 203 9.12 -5.19 20.60
C MET C 203 8.34 -4.59 21.74
N VAL C 204 8.23 -5.36 22.82
CA VAL C 204 7.63 -4.95 24.08
C VAL C 204 8.67 -5.11 25.17
N ASP C 205 8.89 -4.04 25.93
CA ASP C 205 9.84 -4.02 27.03
C ASP C 205 9.11 -4.33 28.34
N ASN C 206 9.50 -5.43 29.00
CA ASN C 206 8.83 -5.79 30.25
C ASN C 206 8.98 -4.70 31.30
N GLU C 207 10.09 -3.96 31.27
CA GLU C 207 10.25 -2.90 32.26
C GLU C 207 9.25 -1.78 32.03
N ALA C 208 9.04 -1.39 30.77
CA ALA C 208 8.08 -0.32 30.50
C ALA C 208 6.68 -0.73 30.94
N ILE C 209 6.28 -1.95 30.59
CA ILE C 209 4.96 -2.43 30.98
C ILE C 209 4.86 -2.54 32.49
N TYR C 210 5.95 -2.98 33.13
CA TYR C 210 5.99 -3.01 34.59
C TYR C 210 5.73 -1.63 35.17
N ASP C 211 6.44 -0.61 34.65
CA ASP C 211 6.32 0.77 35.16
C ASP C 211 4.94 1.35 34.90
N ILE C 212 4.36 1.08 33.73
CA ILE C 212 3.02 1.58 33.45
C ILE C 212 2.01 0.97 34.43
N CYS C 213 2.19 -0.31 34.77
CA CYS C 213 1.29 -0.98 35.69
C CYS C 213 1.37 -0.42 37.10
N ARG C 214 2.57 0.01 37.53
CA ARG C 214 2.69 0.67 38.82
C ARG C 214 2.06 2.06 38.77
N ARG C 215 2.50 2.89 37.82
CA ARG C 215 2.07 4.28 37.75
C ARG C 215 0.58 4.39 37.44
N ASN C 216 0.17 3.93 36.25
CA ASN C 216 -1.22 4.14 35.85
C ASN C 216 -2.21 3.22 36.57
N LEU C 217 -1.78 2.05 37.05
CA LEU C 217 -2.74 1.07 37.55
C LEU C 217 -2.67 0.80 39.04
N ASP C 218 -1.79 1.49 39.78
CA ASP C 218 -1.76 1.43 41.25
C ASP C 218 -1.51 0.01 41.75
N ILE C 219 -0.63 -0.71 41.07
CA ILE C 219 -0.25 -2.06 41.45
C ILE C 219 1.18 -2.03 41.97
N GLU C 220 1.35 -2.35 43.25
CA GLU C 220 2.66 -2.29 43.88
C GLU C 220 3.68 -3.18 43.17
N ARG C 221 3.33 -4.45 42.98
CA ARG C 221 4.26 -5.45 42.46
C ARG C 221 3.55 -6.20 41.34
N PRO C 222 3.56 -5.65 40.12
CA PRO C 222 2.82 -6.27 39.02
C PRO C 222 3.28 -7.69 38.77
N THR C 223 2.31 -8.58 38.56
CA THR C 223 2.60 -9.96 38.18
C THR C 223 2.54 -10.08 36.66
N TYR C 224 3.08 -11.19 36.16
CA TYR C 224 2.97 -11.52 34.75
C TYR C 224 1.52 -11.41 34.26
N THR C 225 0.56 -11.76 35.12
CA THR C 225 -0.84 -11.63 34.74
C THR C 225 -1.23 -10.18 34.53
N ASN C 226 -0.73 -9.28 35.40
CA ASN C 226 -0.92 -7.85 35.17
C ASN C 226 -0.27 -7.43 33.86
N LEU C 227 1.00 -7.82 33.67
CA LEU C 227 1.72 -7.42 32.45
C LEU C 227 1.05 -7.99 31.21
N ASN C 228 0.65 -9.28 31.26
CA ASN C 228 0.14 -9.94 30.08
C ASN C 228 -1.23 -9.38 29.68
N ARG C 229 -2.06 -9.03 30.65
CA ARG C 229 -3.35 -8.46 30.27
C ARG C 229 -3.18 -7.09 29.63
N LEU C 230 -2.18 -6.32 30.05
CA LEU C 230 -1.89 -5.07 29.35
C LEU C 230 -1.33 -5.34 27.97
N ILE C 231 -0.42 -6.32 27.87
CA ILE C 231 0.12 -6.68 26.55
C ILE C 231 -0.98 -7.17 25.63
N SER C 232 -2.00 -7.84 26.18
CA SER C 232 -3.10 -8.34 25.36
C SER C 232 -3.81 -7.20 24.65
N GLN C 233 -4.01 -6.07 25.34
CA GLN C 233 -4.69 -4.94 24.72
C GLN C 233 -3.93 -4.43 23.51
N ILE C 234 -2.60 -4.32 23.64
CA ILE C 234 -1.80 -3.87 22.50
C ILE C 234 -1.95 -4.85 21.34
N VAL C 235 -1.69 -6.13 21.61
CA VAL C 235 -1.85 -7.16 20.58
C VAL C 235 -3.25 -7.08 19.97
N SER C 236 -4.27 -6.88 20.81
CA SER C 236 -5.63 -6.83 20.30
C SER C 236 -5.86 -5.63 19.41
N SER C 237 -5.36 -4.45 19.81
CA SER C 237 -5.46 -3.28 18.94
C SER C 237 -4.85 -3.55 17.58
N ILE C 238 -3.72 -4.24 17.55
CA ILE C 238 -3.02 -4.45 16.29
C ILE C 238 -3.79 -5.43 15.41
N THR C 239 -4.28 -6.52 15.99
CA THR C 239 -4.99 -7.50 15.16
C THR C 239 -6.46 -7.17 15.00
N ALA C 240 -6.97 -6.14 15.69
CA ALA C 240 -8.38 -5.80 15.55
C ALA C 240 -8.72 -5.45 14.11
N SER C 241 -7.78 -4.82 13.41
CA SER C 241 -8.03 -4.46 12.00
C SER C 241 -8.28 -5.69 11.16
N LEU C 242 -7.64 -6.82 11.50
CA LEU C 242 -7.80 -8.08 10.79
C LEU C 242 -9.04 -8.85 11.24
N ARG C 243 -9.50 -8.65 12.47
CA ARG C 243 -10.57 -9.47 13.02
C ARG C 243 -11.95 -8.83 12.92
N PHE C 244 -12.01 -7.52 12.69
CA PHE C 244 -13.26 -6.80 12.56
C PHE C 244 -13.33 -6.08 11.22
N ASP C 245 -14.55 -5.75 10.80
CA ASP C 245 -14.77 -4.87 9.66
C ASP C 245 -15.00 -3.46 10.16
N GLY C 246 -13.97 -2.60 10.04
CA GLY C 246 -14.04 -1.22 10.45
C GLY C 246 -13.89 -0.26 9.28
N ALA C 247 -13.98 1.04 9.62
CA ALA C 247 -13.93 2.11 8.63
C ALA C 247 -12.60 2.11 7.87
N LEU C 248 -11.50 2.27 8.59
CA LEU C 248 -10.16 2.17 8.04
C LEU C 248 -9.49 0.92 8.59
N ASN C 249 -9.12 0.00 7.69
CA ASN C 249 -8.54 -1.28 8.07
C ASN C 249 -7.09 -1.37 7.60
N VAL C 250 -6.29 -2.14 8.33
CA VAL C 250 -4.86 -2.32 8.06
C VAL C 250 -4.54 -3.80 8.11
N ASP C 251 -4.11 -4.37 6.99
CA ASP C 251 -3.80 -5.79 6.96
C ASP C 251 -2.28 -5.98 7.10
N LEU C 252 -1.85 -7.25 7.16
CA LEU C 252 -0.45 -7.54 7.46
C LEU C 252 0.48 -6.83 6.50
N THR C 253 0.20 -6.91 5.20
CA THR C 253 1.13 -6.33 4.24
C THR C 253 1.18 -4.81 4.36
N GLU C 254 0.06 -4.17 4.74
CA GLU C 254 0.08 -2.73 4.92
C GLU C 254 0.93 -2.32 6.12
N PHE C 255 0.92 -3.13 7.21
CA PHE C 255 1.83 -2.90 8.33
C PHE C 255 3.27 -2.84 7.86
N GLN C 256 3.71 -3.90 7.17
CA GLN C 256 5.07 -3.96 6.65
C GLN C 256 5.38 -2.78 5.74
N THR C 257 4.49 -2.49 4.78
CA THR C 257 4.81 -1.50 3.78
C THR C 257 4.98 -0.13 4.39
N ASN C 258 4.15 0.20 5.39
CA ASN C 258 4.15 1.54 5.95
C ASN C 258 5.06 1.70 7.17
N LEU C 259 5.52 0.62 7.81
CA LEU C 259 6.37 0.79 8.99
C LEU C 259 7.83 0.45 8.77
N VAL C 260 8.17 -0.20 7.67
CA VAL C 260 9.49 -0.80 7.50
C VAL C 260 10.22 -0.16 6.31
N PRO C 261 11.00 0.90 6.50
CA PRO C 261 11.67 1.55 5.36
C PRO C 261 12.83 0.77 4.77
N TYR C 262 13.50 -0.07 5.57
CA TYR C 262 14.56 -0.93 5.08
C TYR C 262 14.39 -2.29 5.75
N PRO C 263 14.81 -3.38 5.08
CA PRO C 263 14.52 -4.71 5.64
C PRO C 263 15.04 -4.90 7.06
N ARG C 264 16.25 -4.42 7.37
CA ARG C 264 16.77 -4.60 8.73
C ARG C 264 16.11 -3.65 9.74
N ILE C 265 15.62 -2.50 9.29
CA ILE C 265 15.05 -1.49 10.18
C ILE C 265 13.59 -1.80 10.44
N HIS C 266 13.29 -2.94 11.06
CA HIS C 266 11.90 -3.43 11.08
C HIS C 266 11.33 -3.59 12.49
N PHE C 267 11.75 -2.74 13.42
CA PHE C 267 11.40 -2.89 14.82
C PHE C 267 10.58 -1.69 15.28
N PRO C 268 9.28 -1.67 15.01
CA PRO C 268 8.45 -0.55 15.45
C PRO C 268 8.26 -0.55 16.95
N LEU C 269 8.04 0.65 17.47
CA LEU C 269 7.77 0.87 18.89
C LEU C 269 6.27 1.03 19.11
N ALA C 270 5.69 0.21 19.99
CA ALA C 270 4.29 0.33 20.35
C ALA C 270 4.06 1.34 21.49
N THR C 271 2.92 2.02 21.44
CA THR C 271 2.43 2.86 22.51
C THR C 271 0.91 2.73 22.56
N TYR C 272 0.37 2.57 23.76
CA TYR C 272 -1.07 2.39 23.95
C TYR C 272 -1.61 3.42 24.93
N ALA C 273 -2.80 3.94 24.63
CA ALA C 273 -3.48 4.88 25.51
C ALA C 273 -4.98 4.76 25.27
N PRO C 274 -5.81 4.92 26.31
CA PRO C 274 -5.43 5.19 27.70
C PRO C 274 -5.29 3.94 28.56
N VAL C 275 -4.36 3.96 29.51
CA VAL C 275 -4.22 2.94 30.54
C VAL C 275 -4.74 3.56 31.83
N ILE C 276 -5.93 3.14 32.26
CA ILE C 276 -6.64 3.80 33.36
C ILE C 276 -7.02 2.76 34.40
N SER C 277 -6.77 3.08 35.66
CA SER C 277 -7.14 2.20 36.76
C SER C 277 -8.65 1.93 36.77
N ALA C 278 -9.02 0.67 36.92
CA ALA C 278 -10.43 0.32 36.98
C ALA C 278 -11.11 0.88 38.22
N GLU C 279 -10.38 1.08 39.31
CA GLU C 279 -10.94 1.65 40.53
C GLU C 279 -11.02 3.17 40.52
N LYS C 280 -10.40 3.83 39.54
CA LYS C 280 -10.35 5.29 39.53
C LYS C 280 -11.75 5.89 39.45
N GLN C 285 -14.45 10.88 30.09
CA GLN C 285 -13.82 10.13 28.99
C GLN C 285 -12.76 10.94 28.26
N LEU C 286 -11.60 10.33 28.08
CA LEU C 286 -10.52 10.96 27.34
C LEU C 286 -10.91 11.11 25.87
N SER C 287 -10.56 12.26 25.29
CA SER C 287 -10.92 12.55 23.90
C SER C 287 -9.89 11.96 22.93
N VAL C 288 -10.26 11.98 21.65
CA VAL C 288 -9.36 11.50 20.61
C VAL C 288 -8.05 12.28 20.66
N ALA C 289 -8.12 13.59 20.83
CA ALA C 289 -6.92 14.41 20.91
C ALA C 289 -6.03 13.97 22.06
N GLU C 290 -6.58 13.92 23.27
CA GLU C 290 -5.78 13.57 24.45
C GLU C 290 -5.11 12.21 24.30
N ILE C 291 -5.85 11.19 23.84
CA ILE C 291 -5.22 9.87 23.75
C ILE C 291 -4.18 9.84 22.64
N THR C 292 -4.30 10.73 21.64
CA THR C 292 -3.28 10.79 20.60
C THR C 292 -2.02 11.45 21.12
N ASN C 293 -2.17 12.57 21.81
CA ASN C 293 -1.02 13.20 22.45
C ASN C 293 -0.31 12.26 23.41
N ALA C 294 -1.07 11.40 24.12
CA ALA C 294 -0.46 10.45 25.03
C ALA C 294 0.50 9.50 24.33
N CYS C 295 0.24 9.13 23.07
CA CYS C 295 1.13 8.21 22.37
C CYS C 295 2.52 8.78 22.12
N PHE C 296 2.68 10.10 22.13
CA PHE C 296 3.99 10.71 21.94
C PHE C 296 4.67 11.11 23.24
N GLU C 297 4.07 10.79 24.40
CA GLU C 297 4.73 11.02 25.68
C GLU C 297 5.64 9.84 26.02
N PRO C 298 6.92 10.08 26.33
CA PRO C 298 7.83 8.95 26.58
C PRO C 298 7.43 8.04 27.73
N ALA C 299 6.53 8.46 28.62
CA ALA C 299 6.14 7.58 29.73
C ALA C 299 5.28 6.42 29.24
N ASN C 300 4.49 6.62 28.21
CA ASN C 300 3.55 5.61 27.74
C ASN C 300 4.14 4.69 26.67
N GLN C 301 5.45 4.76 26.41
CA GLN C 301 6.08 3.92 25.42
C GLN C 301 6.20 2.47 25.91
N MET C 302 5.89 1.51 25.04
CA MET C 302 6.04 0.12 25.45
C MET C 302 7.49 -0.36 25.39
N VAL C 303 8.42 0.49 24.98
CA VAL C 303 9.85 0.25 25.15
C VAL C 303 10.48 1.50 25.76
N LYS C 304 11.33 1.32 26.77
CA LYS C 304 12.05 2.45 27.37
C LYS C 304 13.08 2.99 26.38
N CYS C 305 12.81 4.19 25.87
CA CYS C 305 13.69 4.96 25.00
C CYS C 305 13.08 6.35 24.92
N ASP C 306 13.84 7.30 24.38
CA ASP C 306 13.38 8.69 24.29
C ASP C 306 13.23 9.16 22.86
N PRO C 307 12.01 9.16 22.30
CA PRO C 307 11.85 9.53 20.87
C PRO C 307 12.31 10.94 20.57
N ARG C 308 12.31 11.86 21.55
CA ARG C 308 12.86 13.19 21.33
C ARG C 308 14.35 13.12 20.97
N HIS C 309 15.03 12.07 21.43
CA HIS C 309 16.43 11.85 21.05
C HIS C 309 16.58 11.38 19.60
N GLY C 310 15.48 11.03 18.93
CA GLY C 310 15.59 10.43 17.61
C GLY C 310 14.66 11.04 16.58
N LYS C 311 14.50 10.35 15.46
CA LYS C 311 13.64 10.85 14.40
C LYS C 311 12.64 9.77 14.01
N TYR C 312 11.40 10.17 13.83
CA TYR C 312 10.38 9.26 13.35
C TYR C 312 10.56 8.98 11.87
N MET C 313 10.37 7.72 11.49
CA MET C 313 10.40 7.32 10.09
C MET C 313 9.04 6.84 9.61
N ALA C 314 8.07 6.65 10.51
CA ALA C 314 6.75 6.15 10.16
C ALA C 314 5.90 6.07 11.42
N CYS C 315 4.69 6.62 11.37
CA CYS C 315 3.73 6.49 12.46
C CYS C 315 2.46 5.82 11.96
N CYS C 316 2.09 4.73 12.62
CA CYS C 316 0.83 4.05 12.35
C CYS C 316 -0.05 4.11 13.59
N LEU C 317 -1.20 4.77 13.46
CA LEU C 317 -2.13 5.00 14.56
C LEU C 317 -3.39 4.16 14.36
N LEU C 318 -3.69 3.31 15.34
CA LEU C 318 -4.75 2.30 15.25
C LEU C 318 -5.82 2.63 16.28
N TYR C 319 -6.91 3.24 15.84
CA TYR C 319 -7.94 3.68 16.77
C TYR C 319 -9.02 2.62 16.90
N ARG C 320 -9.56 2.49 18.10
CA ARG C 320 -10.70 1.62 18.30
C ARG C 320 -11.71 2.32 19.19
N GLY C 321 -13.00 2.08 18.90
CA GLY C 321 -14.06 2.58 19.73
C GLY C 321 -14.87 3.71 19.12
N ASP C 322 -15.22 4.69 19.95
CA ASP C 322 -16.03 5.84 19.53
C ASP C 322 -15.09 6.93 19.04
N VAL C 323 -14.75 6.87 17.74
CA VAL C 323 -13.73 7.71 17.13
C VAL C 323 -14.16 8.03 15.70
N VAL C 324 -14.37 9.31 15.39
CA VAL C 324 -14.76 9.68 14.02
C VAL C 324 -13.53 10.18 13.27
N PRO C 325 -13.47 9.96 11.95
CA PRO C 325 -12.27 10.34 11.19
C PRO C 325 -11.91 11.81 11.28
N LYS C 326 -12.90 12.69 11.45
CA LYS C 326 -12.60 14.11 11.57
C LYS C 326 -11.70 14.39 12.77
N ASP C 327 -11.95 13.73 13.90
CA ASP C 327 -11.18 14.01 15.11
C ASP C 327 -9.76 13.49 15.01
N VAL C 328 -9.58 12.32 14.40
CA VAL C 328 -8.23 11.83 14.14
C VAL C 328 -7.47 12.83 13.27
N ASN C 329 -8.10 13.30 12.20
CA ASN C 329 -7.46 14.28 11.32
C ASN C 329 -7.01 15.50 12.10
N ALA C 330 -7.90 16.07 12.91
CA ALA C 330 -7.56 17.22 13.73
C ALA C 330 -6.50 16.87 14.77
N ALA C 331 -6.53 15.65 15.30
CA ALA C 331 -5.52 15.24 16.26
C ALA C 331 -4.15 15.14 15.60
N ILE C 332 -4.08 14.45 14.46
CA ILE C 332 -2.81 14.29 13.75
C ILE C 332 -2.31 15.62 13.22
N ALA C 333 -3.21 16.56 12.92
CA ALA C 333 -2.75 17.84 12.42
C ALA C 333 -2.02 18.62 13.52
N THR C 334 -2.49 18.51 14.76
CA THR C 334 -1.76 19.09 15.88
C THR C 334 -0.36 18.48 15.98
N ILE C 335 -0.29 17.14 15.90
CA ILE C 335 0.98 16.43 15.99
C ILE C 335 1.99 16.96 14.97
N LYS C 336 1.54 17.19 13.74
CA LYS C 336 2.46 17.61 12.69
C LYS C 336 3.10 18.97 13.00
N THR C 337 2.50 19.77 13.89
CA THR C 337 3.04 21.08 14.24
C THR C 337 4.00 21.06 15.42
N LYS C 338 4.09 19.97 16.17
CA LYS C 338 5.01 19.93 17.30
C LYS C 338 6.44 19.77 16.77
N ARG C 339 7.28 20.78 17.01
CA ARG C 339 8.68 20.72 16.56
C ARG C 339 9.47 19.66 17.30
N SER C 340 9.15 19.41 18.56
CA SER C 340 9.75 18.30 19.31
C SER C 340 9.34 16.89 18.79
N ILE C 341 8.60 16.76 17.69
CA ILE C 341 8.30 15.46 17.08
C ILE C 341 8.87 15.51 15.66
N GLN C 342 10.05 14.95 15.47
CA GLN C 342 10.86 15.20 14.30
C GLN C 342 10.89 13.99 13.39
N PHE C 343 10.63 14.21 12.10
CA PHE C 343 10.64 13.19 11.07
C PHE C 343 11.87 13.35 10.19
N VAL C 344 12.32 12.23 9.60
CA VAL C 344 13.52 12.25 8.77
C VAL C 344 13.29 13.07 7.50
N ASP C 345 14.41 13.53 6.93
CA ASP C 345 14.43 14.25 5.65
C ASP C 345 13.59 13.57 4.59
N TRP C 346 13.78 12.28 4.45
CA TRP C 346 13.33 11.53 3.30
C TRP C 346 11.92 10.96 3.47
N CYS C 347 11.11 11.53 4.36
CA CYS C 347 9.77 11.02 4.60
C CYS C 347 8.77 12.15 4.46
N PRO C 348 8.22 12.37 3.26
CA PRO C 348 7.24 13.46 3.10
C PRO C 348 5.96 13.26 3.88
N THR C 349 5.54 12.02 4.16
CA THR C 349 4.39 11.79 5.03
C THR C 349 4.52 10.44 5.71
N GLY C 350 4.29 10.41 7.02
CA GLY C 350 4.62 9.24 7.81
C GLY C 350 3.46 8.66 8.58
N PHE C 351 2.24 9.15 8.32
CA PHE C 351 1.08 8.76 9.11
C PHE C 351 0.18 7.78 8.36
N LYS C 352 -0.13 6.67 9.02
CA LYS C 352 -1.13 5.70 8.58
C LYS C 352 -2.12 5.51 9.72
N VAL C 353 -3.40 5.51 9.38
CA VAL C 353 -4.47 5.62 10.38
C VAL C 353 -5.47 4.49 10.18
N GLY C 354 -5.70 3.72 11.23
CA GLY C 354 -6.76 2.72 11.25
C GLY C 354 -7.80 3.10 12.29
N ILE C 355 -9.07 2.86 11.97
CA ILE C 355 -10.18 3.10 12.88
C ILE C 355 -11.08 1.88 12.84
N ASN C 356 -11.20 1.20 13.98
CA ASN C 356 -12.17 0.14 14.16
C ASN C 356 -13.16 0.58 15.23
N TYR C 357 -14.43 0.23 15.04
CA TYR C 357 -15.49 0.86 15.81
C TYR C 357 -15.93 0.07 17.03
N GLN C 358 -15.44 -1.14 17.21
CA GLN C 358 -15.76 -1.90 18.42
C GLN C 358 -14.87 -1.45 19.55
N PRO C 359 -15.42 -1.03 20.69
CA PRO C 359 -14.59 -0.48 21.77
C PRO C 359 -13.64 -1.53 22.28
N PRO C 360 -12.63 -1.13 23.05
CA PRO C 360 -11.77 -2.13 23.68
C PRO C 360 -12.54 -2.91 24.74
N THR C 361 -12.24 -4.19 24.85
CA THR C 361 -12.87 -5.07 25.81
C THR C 361 -11.85 -5.42 26.89
N VAL C 362 -12.33 -5.50 28.12
CA VAL C 362 -11.46 -5.80 29.25
C VAL C 362 -11.97 -7.07 29.92
N VAL C 363 -11.04 -7.85 30.46
CA VAL C 363 -11.43 -9.07 31.17
C VAL C 363 -12.04 -8.70 32.51
N PRO C 364 -13.24 -9.17 32.83
CA PRO C 364 -13.79 -8.99 34.17
C PRO C 364 -12.86 -9.55 35.24
N GLY C 365 -12.81 -8.85 36.38
CA GLY C 365 -11.83 -9.16 37.41
C GLY C 365 -10.45 -8.63 37.13
N GLY C 366 -10.27 -7.90 36.03
CA GLY C 366 -8.99 -7.33 35.68
C GLY C 366 -8.89 -5.87 36.11
N ASP C 367 -7.66 -5.37 36.06
CA ASP C 367 -7.32 -4.07 36.59
C ASP C 367 -7.55 -2.91 35.61
N LEU C 368 -7.72 -3.19 34.33
CA LEU C 368 -7.91 -2.12 33.35
C LEU C 368 -9.37 -1.67 33.30
N ALA C 369 -9.56 -0.36 33.22
CA ALA C 369 -10.90 0.21 33.17
C ALA C 369 -11.49 0.10 31.77
N LYS C 370 -12.82 0.02 31.71
CA LYS C 370 -13.54 0.04 30.46
C LYS C 370 -13.60 1.47 29.94
N VAL C 371 -13.19 1.66 28.68
CA VAL C 371 -13.14 3.00 28.09
C VAL C 371 -13.88 2.96 26.75
N GLN C 372 -14.38 4.13 26.36
CA GLN C 372 -15.18 4.23 25.15
C GLN C 372 -14.34 4.43 23.89
N ARG C 373 -13.05 4.72 24.03
CA ARG C 373 -12.16 4.83 22.88
C ARG C 373 -10.73 4.61 23.36
N ALA C 374 -9.88 4.19 22.43
CA ALA C 374 -8.48 3.91 22.70
C ALA C 374 -7.71 3.97 21.40
N VAL C 375 -6.39 4.08 21.51
CA VAL C 375 -5.51 4.14 20.34
C VAL C 375 -4.23 3.39 20.68
N CYS C 376 -3.68 2.70 19.68
CA CYS C 376 -2.37 2.08 19.76
C CYS C 376 -1.53 2.64 18.62
N MET C 377 -0.37 3.20 18.93
CA MET C 377 0.52 3.72 17.90
C MET C 377 1.71 2.80 17.72
N LEU C 378 2.00 2.47 16.47
CA LEU C 378 3.24 1.82 16.07
C LEU C 378 4.07 2.88 15.36
N SER C 379 5.22 3.20 15.93
CA SER C 379 6.10 4.18 15.34
C SER C 379 7.46 3.54 15.10
N ASN C 380 8.06 3.84 13.96
CA ASN C 380 9.42 3.40 13.67
C ASN C 380 10.33 4.62 13.86
N THR C 381 11.05 4.64 14.98
CA THR C 381 11.91 5.76 15.37
C THR C 381 13.36 5.30 15.52
N THR C 382 14.31 6.14 15.11
CA THR C 382 15.72 5.85 15.35
C THR C 382 16.03 5.69 16.83
N ALA C 383 15.14 6.12 17.71
CA ALA C 383 15.39 6.06 19.14
C ALA C 383 15.38 4.64 19.67
N ILE C 384 14.71 3.70 18.99
CA ILE C 384 14.76 2.29 19.36
C ILE C 384 16.20 1.81 19.49
N ALA C 385 17.12 2.39 18.72
CA ALA C 385 18.52 1.97 18.79
C ALA C 385 19.08 2.03 20.20
N GLU C 386 18.50 2.84 21.09
CA GLU C 386 18.98 2.90 22.47
C GLU C 386 18.76 1.58 23.18
N ALA C 387 17.62 0.92 22.93
CA ALA C 387 17.37 -0.38 23.53
C ALA C 387 18.33 -1.43 23.00
N TRP C 388 18.73 -1.34 21.73
CA TRP C 388 19.74 -2.27 21.22
C TRP C 388 21.09 -2.00 21.87
N ALA C 389 21.46 -0.71 22.02
CA ALA C 389 22.71 -0.36 22.67
C ALA C 389 22.76 -0.87 24.11
N ARG C 390 21.64 -0.80 24.85
CA ARG C 390 21.63 -1.31 26.23
C ARG C 390 21.89 -2.80 26.27
N LEU C 391 21.27 -3.53 25.35
CA LEU C 391 21.47 -4.98 25.26
C LEU C 391 22.90 -5.30 24.86
N ASP C 392 23.38 -4.67 23.79
CA ASP C 392 24.73 -4.97 23.31
C ASP C 392 25.78 -4.71 24.37
N HIS C 393 25.55 -3.71 25.22
CA HIS C 393 26.56 -3.38 26.23
C HIS C 393 26.62 -4.46 27.31
N LYS C 394 25.47 -4.98 27.71
CA LYS C 394 25.47 -6.10 28.66
C LYS C 394 26.14 -7.32 28.05
N PHE C 395 25.88 -7.57 26.77
CA PHE C 395 26.51 -8.68 26.05
C PHE C 395 28.03 -8.54 26.08
N ASP C 396 28.53 -7.32 25.79
CA ASP C 396 29.99 -7.11 25.76
C ASP C 396 30.63 -7.30 27.13
N LEU C 397 29.98 -6.84 28.20
CA LEU C 397 30.56 -6.98 29.54
C LEU C 397 30.90 -8.44 29.81
N MET C 398 29.93 -9.33 29.62
CA MET C 398 30.15 -10.76 29.83
C MET C 398 31.06 -11.34 28.76
N TYR C 399 30.81 -11.02 27.49
CA TYR C 399 31.52 -11.67 26.40
C TYR C 399 33.02 -11.36 26.44
N ALA C 400 33.39 -10.17 26.92
CA ALA C 400 34.81 -9.82 27.00
C ALA C 400 35.59 -10.78 27.89
N LYS C 401 34.90 -11.46 28.81
CA LYS C 401 35.53 -12.49 29.63
C LYS C 401 35.12 -13.89 29.20
N ARG C 402 34.30 -13.99 28.16
CA ARG C 402 33.71 -15.26 27.75
C ARG C 402 32.93 -15.93 28.89
N ALA C 403 32.42 -15.12 29.82
CA ALA C 403 31.59 -15.66 30.90
C ALA C 403 30.41 -16.40 30.28
N PHE C 404 30.16 -17.62 30.78
CA PHE C 404 29.08 -18.53 30.40
C PHE C 404 29.14 -19.07 28.95
N VAL C 405 30.14 -18.69 28.17
CA VAL C 405 30.12 -19.12 26.77
C VAL C 405 30.30 -20.64 26.66
N HIS C 406 30.93 -21.26 27.67
CA HIS C 406 31.15 -22.70 27.64
C HIS C 406 29.84 -23.48 27.59
N TRP C 407 28.77 -22.92 28.16
CA TRP C 407 27.48 -23.61 28.13
C TRP C 407 26.92 -23.70 26.71
N TYR C 408 27.21 -22.69 25.88
CA TYR C 408 26.73 -22.71 24.51
C TYR C 408 27.63 -23.57 23.64
N VAL C 409 28.95 -23.41 23.79
CA VAL C 409 29.91 -24.23 23.07
C VAL C 409 29.69 -25.71 23.38
N GLY C 410 29.37 -26.03 24.64
CA GLY C 410 29.13 -27.39 25.04
C GLY C 410 27.99 -28.04 24.26
N GLU C 411 27.04 -27.25 23.77
CA GLU C 411 25.90 -27.74 23.01
C GLU C 411 26.15 -27.67 21.50
N GLY C 412 27.40 -27.41 21.09
CA GLY C 412 27.82 -27.50 19.70
C GLY C 412 28.02 -26.17 19.00
N MET C 413 27.59 -25.07 19.59
CA MET C 413 27.83 -23.78 18.99
C MET C 413 29.31 -23.47 18.97
N GLU C 414 29.71 -22.59 18.06
CA GLU C 414 31.09 -22.13 18.02
C GLU C 414 31.15 -20.69 18.51
N GLU C 415 32.34 -20.28 18.95
CA GLU C 415 32.51 -18.89 19.37
C GLU C 415 32.32 -17.94 18.20
N GLY C 416 32.65 -18.39 17.00
CA GLY C 416 32.41 -17.57 15.82
C GLY C 416 30.98 -17.08 15.70
N GLU C 417 30.01 -17.86 16.18
CA GLU C 417 28.63 -17.41 16.08
C GLU C 417 28.38 -16.21 16.98
N PHE C 418 29.05 -16.15 18.14
CA PHE C 418 28.86 -15.04 19.07
C PHE C 418 29.35 -13.71 18.49
N SER C 419 30.57 -13.70 17.98
CA SER C 419 31.10 -12.47 17.40
C SER C 419 30.36 -12.12 16.12
N GLU C 420 29.99 -13.13 15.31
CA GLU C 420 29.20 -12.84 14.11
C GLU C 420 27.83 -12.27 14.48
N ALA C 421 27.18 -12.79 15.53
CA ALA C 421 25.96 -12.14 16.00
C ALA C 421 26.24 -10.73 16.52
N ARG C 422 27.32 -10.53 17.28
CA ARG C 422 27.54 -9.22 17.88
C ARG C 422 27.92 -8.17 16.83
N GLU C 423 28.66 -8.57 15.79
CA GLU C 423 29.01 -7.64 14.74
C GLU C 423 27.82 -7.35 13.83
N ASP C 424 26.86 -8.28 13.74
CA ASP C 424 25.61 -7.96 13.05
C ASP C 424 24.82 -6.90 13.83
N MET C 425 24.88 -6.96 15.18
CA MET C 425 24.19 -5.95 15.99
C MET C 425 24.89 -4.62 15.93
N ALA C 426 26.21 -4.61 15.78
CA ALA C 426 26.90 -3.34 15.62
C ALA C 426 26.53 -2.71 14.27
N ALA C 427 26.50 -3.52 13.21
CA ALA C 427 26.02 -3.02 11.93
C ALA C 427 24.60 -2.49 12.06
N LEU C 428 23.76 -3.20 12.82
CA LEU C 428 22.39 -2.72 13.02
C LEU C 428 22.36 -1.37 13.71
N GLU C 429 23.18 -1.20 14.76
CA GLU C 429 23.23 0.09 15.43
C GLU C 429 23.68 1.18 14.48
N LYS C 430 24.66 0.88 13.62
CA LYS C 430 25.15 1.88 12.68
C LYS C 430 24.12 2.17 11.59
N ASP C 431 23.29 1.18 11.21
CA ASP C 431 22.20 1.46 10.26
C ASP C 431 21.23 2.47 10.84
N TYR C 432 20.88 2.34 12.13
CA TYR C 432 19.98 3.32 12.73
C TYR C 432 20.57 4.72 12.69
N GLU C 433 21.89 4.84 12.89
CA GLU C 433 22.54 6.15 12.77
C GLU C 433 22.44 6.69 11.35
N GLU C 434 22.63 5.83 10.36
CA GLU C 434 22.71 6.29 8.98
C GLU C 434 21.35 6.76 8.47
N VAL C 435 20.27 6.04 8.82
CA VAL C 435 18.97 6.45 8.31
C VAL C 435 18.47 7.73 8.97
N GLY C 436 19.07 8.12 10.10
CA GLY C 436 18.74 9.38 10.74
C GLY C 436 19.49 10.60 10.23
N VAL C 437 20.53 10.41 9.42
CA VAL C 437 21.25 11.57 8.88
C VAL C 437 20.41 12.26 7.82
N ASP C 438 20.65 13.56 7.63
CA ASP C 438 19.88 14.36 6.68
C ASP C 438 20.33 14.18 5.24
N MET D 1 12.89 -32.53 33.39
CA MET D 1 13.56 -32.28 34.66
C MET D 1 12.66 -32.53 35.90
N ARG D 2 12.66 -33.75 36.40
CA ARG D 2 11.91 -34.00 37.63
C ARG D 2 12.80 -34.69 38.64
N GLU D 3 13.11 -35.96 38.40
CA GLU D 3 13.70 -36.80 39.42
C GLU D 3 15.17 -36.46 39.65
N ILE D 4 15.57 -36.49 40.92
CA ILE D 4 16.96 -36.47 41.31
C ILE D 4 17.26 -37.81 41.98
N VAL D 5 18.44 -38.36 41.72
CA VAL D 5 18.89 -39.56 42.39
C VAL D 5 19.93 -39.16 43.42
N HIS D 6 19.65 -39.44 44.69
CA HIS D 6 20.49 -39.04 45.80
C HIS D 6 21.39 -40.19 46.20
N ILE D 7 22.66 -39.89 46.46
CA ILE D 7 23.63 -40.89 46.88
C ILE D 7 24.36 -40.36 48.10
N GLN D 8 24.53 -41.21 49.12
CA GLN D 8 25.29 -40.81 50.31
C GLN D 8 26.34 -41.88 50.60
N ALA D 9 27.58 -41.45 50.82
CA ALA D 9 28.70 -42.37 50.89
C ALA D 9 29.59 -42.05 52.09
N GLY D 10 29.98 -43.09 52.81
CA GLY D 10 30.84 -42.94 53.96
C GLY D 10 30.04 -42.47 55.16
N GLN D 11 30.75 -42.31 56.27
CA GLN D 11 30.10 -41.94 57.51
C GLN D 11 29.48 -40.56 57.40
N CYS D 12 30.31 -39.55 57.18
CA CYS D 12 29.81 -38.20 57.04
C CYS D 12 28.66 -38.14 56.02
N GLY D 13 28.88 -38.75 54.84
CA GLY D 13 27.86 -38.76 53.81
C GLY D 13 26.53 -39.30 54.31
N ASN D 14 26.57 -40.44 55.00
CA ASN D 14 25.31 -41.06 55.42
C ASN D 14 24.67 -40.34 56.60
N GLN D 15 25.48 -39.72 57.45
CA GLN D 15 24.92 -38.97 58.59
C GLN D 15 24.30 -37.65 58.15
N ILE D 16 25.01 -36.86 57.33
CA ILE D 16 24.34 -35.66 56.84
C ILE D 16 23.21 -36.05 55.88
N GLY D 17 23.36 -37.15 55.15
CA GLY D 17 22.30 -37.56 54.22
C GLY D 17 21.05 -38.01 54.95
N ALA D 18 21.21 -38.77 56.04
CA ALA D 18 20.08 -39.15 56.87
C ALA D 18 19.38 -37.93 57.46
N LYS D 19 20.15 -36.98 57.99
CA LYS D 19 19.54 -35.76 58.52
C LYS D 19 18.77 -35.03 57.44
N PHE D 20 19.35 -34.90 56.25
CA PHE D 20 18.64 -34.27 55.14
C PHE D 20 17.27 -34.91 54.93
N TRP D 21 17.23 -36.26 54.95
CA TRP D 21 15.97 -36.94 54.66
C TRP D 21 14.96 -36.77 55.78
N GLU D 22 15.42 -36.77 57.04
CA GLU D 22 14.49 -36.49 58.13
C GLU D 22 13.91 -35.10 57.99
N VAL D 23 14.76 -34.12 57.69
CA VAL D 23 14.33 -32.74 57.65
C VAL D 23 13.32 -32.51 56.53
N ILE D 24 13.65 -32.93 55.30
CA ILE D 24 12.72 -32.62 54.22
C ILE D 24 11.48 -33.53 54.29
N SER D 25 11.63 -34.75 54.82
CA SER D 25 10.43 -35.57 55.01
C SER D 25 9.43 -34.86 55.91
N ASP D 26 9.91 -34.24 56.99
CA ASP D 26 8.99 -33.46 57.83
C ASP D 26 8.43 -32.25 57.10
N GLU D 27 9.23 -31.62 56.23
CA GLU D 27 8.70 -30.48 55.49
C GLU D 27 7.65 -30.90 54.48
N HIS D 28 7.72 -32.13 53.99
CA HIS D 28 6.78 -32.61 52.98
C HIS D 28 5.67 -33.46 53.56
N GLY D 29 5.64 -33.65 54.88
CA GLY D 29 4.55 -34.39 55.50
C GLY D 29 4.67 -35.89 55.42
N ILE D 30 5.89 -36.42 55.41
CA ILE D 30 6.13 -37.86 55.30
C ILE D 30 6.65 -38.36 56.64
N ASP D 31 6.05 -39.44 57.16
CA ASP D 31 6.49 -39.95 58.46
C ASP D 31 7.50 -41.08 58.23
N PRO D 32 8.07 -41.68 59.29
CA PRO D 32 9.07 -42.74 59.07
C PRO D 32 8.56 -44.00 58.38
N THR D 33 7.26 -44.10 58.10
CA THR D 33 6.73 -45.26 57.41
C THR D 33 6.37 -44.93 55.97
N GLY D 34 6.75 -43.76 55.48
CA GLY D 34 6.49 -43.40 54.10
C GLY D 34 5.11 -42.88 53.81
N SER D 35 4.27 -42.72 54.82
CA SER D 35 2.90 -42.24 54.60
C SER D 35 2.84 -40.72 54.71
N TYR D 36 2.01 -40.11 53.87
CA TYR D 36 1.83 -38.67 53.86
C TYR D 36 0.74 -38.27 54.84
N HIS D 37 1.11 -37.51 55.87
CA HIS D 37 0.17 -37.02 56.86
C HIS D 37 0.19 -35.49 56.95
N GLY D 38 0.50 -34.82 55.83
CA GLY D 38 0.57 -33.38 55.79
C GLY D 38 -0.75 -32.75 55.39
N ASP D 39 -0.82 -31.42 55.54
CA ASP D 39 -2.08 -30.70 55.40
C ASP D 39 -2.06 -29.70 54.26
N SER D 40 -1.16 -29.85 53.29
CA SER D 40 -1.09 -28.92 52.18
C SER D 40 -0.65 -29.64 50.92
N ASP D 41 -1.39 -29.41 49.82
CA ASP D 41 -1.03 -30.00 48.54
C ASP D 41 0.32 -29.50 48.03
N LEU D 42 0.71 -28.28 48.42
CA LEU D 42 2.01 -27.76 48.03
C LEU D 42 3.15 -28.67 48.45
N GLN D 43 2.96 -29.45 49.53
CA GLN D 43 3.97 -30.42 49.96
C GLN D 43 4.11 -31.57 48.98
N LEU D 44 3.13 -31.79 48.09
CA LEU D 44 3.15 -32.93 47.21
C LEU D 44 3.34 -32.57 45.74
N GLU D 45 3.22 -31.29 45.37
CA GLU D 45 3.25 -30.95 43.96
C GLU D 45 4.55 -31.36 43.29
N ARG D 46 5.68 -31.29 44.00
CA ARG D 46 6.96 -31.66 43.41
C ARG D 46 7.64 -32.77 44.20
N ILE D 47 6.86 -33.55 44.96
CA ILE D 47 7.40 -34.61 45.82
C ILE D 47 8.22 -35.62 45.01
N ASN D 48 7.90 -35.82 43.73
CA ASN D 48 8.59 -36.80 42.90
C ASN D 48 10.06 -36.44 42.68
N VAL D 49 10.45 -35.17 42.86
CA VAL D 49 11.84 -34.79 42.64
C VAL D 49 12.77 -35.66 43.48
N TYR D 50 12.38 -35.96 44.72
CA TYR D 50 13.18 -36.75 45.65
C TYR D 50 12.56 -38.09 46.07
N TYR D 51 11.26 -38.31 45.87
CA TYR D 51 10.60 -39.53 46.33
C TYR D 51 9.93 -40.30 45.19
N ASN D 52 10.02 -41.63 45.28
CA ASN D 52 9.23 -42.54 44.46
C ASN D 52 7.91 -42.84 45.16
N GLU D 53 6.86 -43.00 44.36
CA GLU D 53 5.55 -43.38 44.87
C GLU D 53 5.44 -44.90 44.85
N ALA D 54 5.15 -45.48 46.00
CA ALA D 54 5.15 -46.93 46.18
C ALA D 54 3.70 -47.46 46.22
N THR D 55 3.55 -48.67 46.75
CA THR D 55 2.27 -49.38 46.65
C THR D 55 1.22 -48.75 47.55
N GLY D 56 1.43 -48.83 48.87
CA GLY D 56 0.40 -48.42 49.81
C GLY D 56 0.28 -46.92 49.99
N ASN D 57 0.10 -46.19 48.89
CA ASN D 57 0.20 -44.73 48.86
C ASN D 57 1.41 -44.25 49.66
N LYS D 58 2.51 -44.98 49.57
CA LYS D 58 3.74 -44.68 50.29
C LYS D 58 4.69 -43.85 49.43
N TYR D 59 5.66 -43.22 50.09
CA TYR D 59 6.70 -42.46 49.43
C TYR D 59 8.05 -42.94 49.94
N VAL D 60 8.93 -43.32 49.03
CA VAL D 60 10.22 -43.90 49.36
C VAL D 60 11.30 -42.98 48.80
N PRO D 61 12.23 -42.49 49.62
CA PRO D 61 13.29 -41.62 49.09
C PRO D 61 14.06 -42.30 47.95
N ARG D 62 14.30 -41.55 46.89
CA ARG D 62 15.11 -42.05 45.79
C ARG D 62 16.58 -41.95 46.18
N ALA D 63 16.97 -42.84 47.09
CA ALA D 63 18.21 -42.68 47.86
C ALA D 63 19.02 -43.95 47.85
N ILE D 64 20.32 -43.81 47.62
CA ILE D 64 21.25 -44.94 47.59
C ILE D 64 22.28 -44.72 48.69
N LEU D 65 22.38 -45.69 49.59
CA LEU D 65 23.18 -45.56 50.81
C LEU D 65 24.39 -46.45 50.67
N VAL D 66 25.59 -45.86 50.76
CA VAL D 66 26.81 -46.57 50.42
C VAL D 66 27.83 -46.39 51.52
N ASP D 67 28.52 -47.47 51.89
CA ASP D 67 29.71 -47.37 52.73
C ASP D 67 30.55 -48.65 52.66
N LEU D 68 31.88 -48.48 52.72
CA LEU D 68 32.75 -49.66 52.81
C LEU D 68 32.72 -50.25 54.22
N GLU D 69 32.42 -49.43 55.21
CA GLU D 69 32.29 -49.86 56.59
C GLU D 69 30.87 -50.36 56.83
N PRO D 70 30.66 -51.59 57.27
CA PRO D 70 29.29 -52.13 57.34
C PRO D 70 28.45 -51.53 58.47
N GLY D 71 29.07 -51.01 59.53
CA GLY D 71 28.29 -50.57 60.68
C GLY D 71 27.50 -49.30 60.44
N THR D 72 27.93 -48.45 59.52
CA THR D 72 27.32 -47.13 59.41
C THR D 72 25.88 -47.22 58.95
N MET D 73 25.56 -48.20 58.09
CA MET D 73 24.19 -48.29 57.62
C MET D 73 23.28 -49.03 58.59
N ASP D 74 23.86 -49.88 59.46
CA ASP D 74 23.08 -50.35 60.60
C ASP D 74 22.70 -49.18 61.52
N SER D 75 23.57 -48.16 61.61
CA SER D 75 23.21 -46.93 62.29
C SER D 75 22.12 -46.16 61.56
N VAL D 76 22.12 -46.20 60.22
CA VAL D 76 21.06 -45.52 59.48
C VAL D 76 19.73 -46.22 59.72
N ARG D 77 19.70 -47.55 59.55
CA ARG D 77 18.49 -48.31 59.86
C ARG D 77 18.02 -48.06 61.28
N SER D 78 18.97 -47.89 62.20
CA SER D 78 18.65 -47.57 63.60
C SER D 78 18.13 -46.15 63.77
N GLY D 79 18.37 -45.26 62.80
CA GLY D 79 18.02 -43.86 62.92
C GLY D 79 16.52 -43.61 62.86
N PRO D 80 16.11 -42.38 63.19
CA PRO D 80 14.66 -42.07 63.23
C PRO D 80 13.91 -42.47 61.96
N PHE D 81 14.42 -42.13 60.78
CA PHE D 81 13.77 -42.46 59.54
C PHE D 81 14.41 -43.65 58.83
N GLY D 82 15.14 -44.50 59.55
CA GLY D 82 15.82 -45.62 58.92
C GLY D 82 14.89 -46.58 58.21
N GLN D 83 13.64 -46.68 58.66
CA GLN D 83 12.68 -47.56 58.03
C GLN D 83 12.15 -47.03 56.71
N ILE D 84 12.44 -45.78 56.35
CA ILE D 84 11.84 -45.19 55.17
C ILE D 84 12.59 -45.58 53.90
N PHE D 85 13.86 -45.97 54.01
CA PHE D 85 14.67 -46.22 52.82
C PHE D 85 14.37 -47.59 52.24
N ARG D 86 14.45 -47.69 50.92
CA ARG D 86 14.35 -48.97 50.24
C ARG D 86 15.44 -49.92 50.72
N PRO D 87 15.10 -51.07 51.30
CA PRO D 87 16.14 -51.95 51.88
C PRO D 87 17.19 -52.37 50.88
N ASP D 88 16.79 -52.61 49.64
CA ASP D 88 17.67 -53.01 48.55
C ASP D 88 18.63 -51.91 48.10
N ASN D 89 18.44 -50.67 48.53
CA ASN D 89 19.33 -49.58 48.16
C ASN D 89 20.49 -49.39 49.12
N PHE D 90 20.63 -50.24 50.14
CA PHE D 90 21.79 -50.18 51.02
C PHE D 90 22.90 -51.01 50.39
N VAL D 91 24.09 -50.42 50.21
CA VAL D 91 25.21 -51.13 49.62
C VAL D 91 26.40 -51.00 50.57
N PHE D 92 26.83 -52.12 51.14
CA PHE D 92 27.72 -52.21 52.28
C PHE D 92 28.88 -53.12 51.90
N GLY D 93 30.11 -52.71 52.27
CA GLY D 93 31.26 -53.58 52.23
C GLY D 93 31.60 -54.07 53.63
N GLN D 94 32.80 -54.65 53.75
CA GLN D 94 33.17 -55.29 55.01
C GLN D 94 34.26 -54.56 55.77
N SER D 95 35.09 -53.77 55.11
CA SER D 95 36.12 -53.00 55.80
C SER D 95 36.13 -51.57 55.28
N GLY D 96 36.12 -50.61 56.20
CA GLY D 96 36.35 -49.22 55.86
C GLY D 96 37.71 -49.00 55.21
N ALA D 97 37.91 -47.78 54.73
CA ALA D 97 39.11 -47.45 53.96
C ALA D 97 40.19 -46.79 54.80
N GLY D 98 40.02 -46.77 56.13
CA GLY D 98 41.02 -46.23 57.03
C GLY D 98 41.52 -44.85 56.67
N ASN D 99 40.59 -43.94 56.37
CA ASN D 99 40.90 -42.58 55.93
C ASN D 99 41.89 -42.56 54.79
N ASN D 100 41.87 -43.59 53.92
CA ASN D 100 42.82 -43.69 52.82
C ASN D 100 42.12 -43.51 51.48
N TRP D 101 42.34 -42.37 50.84
CA TRP D 101 41.70 -42.07 49.55
C TRP D 101 41.94 -43.18 48.54
N ALA D 102 43.16 -43.72 48.49
CA ALA D 102 43.47 -44.72 47.48
C ALA D 102 42.67 -45.99 47.71
N LYS D 103 42.41 -46.34 48.96
CA LYS D 103 41.54 -47.48 49.23
C LYS D 103 40.15 -47.24 48.66
N GLY D 104 39.56 -46.08 48.97
CA GLY D 104 38.23 -45.78 48.45
C GLY D 104 38.21 -45.68 46.93
N HIS D 105 39.22 -45.05 46.33
CA HIS D 105 39.15 -44.72 44.91
C HIS D 105 39.65 -45.84 44.00
N TYR D 106 40.70 -46.57 44.41
CA TYR D 106 41.40 -47.49 43.52
C TYR D 106 41.25 -48.96 43.87
N THR D 107 41.09 -49.30 45.14
CA THR D 107 41.10 -50.72 45.48
C THR D 107 39.76 -51.16 46.07
N GLU D 108 39.60 -51.13 47.40
CA GLU D 108 38.39 -51.65 48.01
C GLU D 108 37.13 -50.97 47.47
N GLY D 109 37.20 -49.66 47.24
CA GLY D 109 36.03 -48.96 46.73
C GLY D 109 35.66 -49.43 45.34
N ALA D 110 36.67 -49.74 44.51
CA ALA D 110 36.41 -50.18 43.15
C ALA D 110 35.73 -51.53 43.10
N GLU D 111 35.94 -52.37 44.11
CA GLU D 111 35.31 -53.69 44.13
C GLU D 111 33.86 -53.65 44.58
N LEU D 112 33.43 -52.55 45.19
CA LEU D 112 32.04 -52.38 45.61
C LEU D 112 31.21 -51.55 44.65
N VAL D 113 31.87 -50.82 43.73
CA VAL D 113 31.18 -49.74 43.03
C VAL D 113 30.23 -50.29 41.97
N ASP D 114 30.49 -51.47 41.41
CA ASP D 114 29.55 -52.09 40.49
C ASP D 114 28.24 -52.45 41.19
N SER D 115 28.32 -52.87 42.44
CA SER D 115 27.10 -53.07 43.21
C SER D 115 26.33 -51.77 43.39
N VAL D 116 27.03 -50.66 43.60
CA VAL D 116 26.35 -49.36 43.69
C VAL D 116 25.69 -49.02 42.37
N LEU D 117 26.39 -49.25 41.26
CA LEU D 117 25.84 -48.90 39.96
C LEU D 117 24.59 -49.71 39.63
N ASP D 118 24.52 -50.97 40.10
CA ASP D 118 23.28 -51.74 40.01
C ASP D 118 22.11 -50.92 40.51
N VAL D 119 22.22 -50.41 41.74
CA VAL D 119 21.13 -49.64 42.33
C VAL D 119 20.94 -48.31 41.61
N VAL D 120 22.04 -47.64 41.24
CA VAL D 120 21.91 -46.35 40.54
C VAL D 120 21.14 -46.52 39.24
N ARG D 121 21.44 -47.57 38.47
CA ARG D 121 20.78 -47.73 37.18
C ARG D 121 19.28 -47.95 37.36
N LYS D 122 18.90 -48.69 38.39
CA LYS D 122 17.49 -49.01 38.53
C LYS D 122 16.69 -47.80 39.02
N GLU D 123 17.28 -46.96 39.88
CA GLU D 123 16.59 -45.71 40.20
C GLU D 123 16.53 -44.79 38.99
N SER D 124 17.58 -44.77 38.15
CA SER D 124 17.64 -43.84 37.02
C SER D 124 16.73 -44.25 35.89
N GLU D 125 16.70 -45.55 35.56
CA GLU D 125 15.89 -46.00 34.44
C GLU D 125 14.41 -45.83 34.73
N SER D 126 14.03 -45.84 36.00
CA SER D 126 12.64 -45.65 36.37
C SER D 126 12.21 -44.18 36.37
N CYS D 127 13.12 -43.25 36.11
CA CYS D 127 12.77 -41.83 36.09
C CYS D 127 12.13 -41.46 34.76
N ASP D 128 11.07 -40.66 34.84
CA ASP D 128 10.47 -40.13 33.63
C ASP D 128 11.35 -39.03 33.01
N CYS D 129 11.92 -38.16 33.83
CA CYS D 129 12.79 -37.12 33.28
C CYS D 129 13.86 -36.80 34.32
N LEU D 130 14.93 -37.59 34.29
CA LEU D 130 16.01 -37.51 35.26
C LEU D 130 16.80 -36.20 35.12
N GLN D 131 16.77 -35.37 36.18
CA GLN D 131 17.64 -34.17 36.23
C GLN D 131 19.10 -34.56 36.42
N GLY D 132 19.37 -35.40 37.40
CA GLY D 132 20.71 -35.83 37.66
C GLY D 132 20.84 -36.33 39.09
N PHE D 133 22.03 -36.10 39.64
CA PHE D 133 22.49 -36.79 40.83
C PHE D 133 22.99 -35.80 41.86
N GLN D 134 22.71 -36.07 43.13
CA GLN D 134 23.35 -35.34 44.21
C GLN D 134 24.00 -36.34 45.16
N LEU D 135 25.26 -36.08 45.47
CA LEU D 135 26.06 -36.94 46.33
C LEU D 135 26.40 -36.16 47.60
N THR D 136 26.15 -36.76 48.76
CA THR D 136 26.70 -36.25 50.01
C THR D 136 27.88 -37.10 50.45
N HIS D 137 28.92 -36.45 50.95
CA HIS D 137 30.18 -37.12 51.29
C HIS D 137 31.11 -36.10 51.92
N SER D 138 32.13 -36.59 52.62
CA SER D 138 33.20 -35.73 53.11
C SER D 138 34.42 -35.90 52.22
N LEU D 139 35.33 -34.92 52.26
CA LEU D 139 36.53 -35.01 51.45
C LEU D 139 37.76 -35.49 52.20
N GLY D 140 37.70 -35.56 53.53
CA GLY D 140 38.87 -35.87 54.34
C GLY D 140 39.07 -37.34 54.67
N GLY D 141 38.01 -38.15 54.60
CA GLY D 141 38.09 -39.57 54.85
C GLY D 141 38.49 -40.34 53.61
N GLY D 142 38.14 -41.62 53.60
CA GLY D 142 38.56 -42.50 52.52
C GLY D 142 37.43 -42.95 51.62
N THR D 143 36.27 -43.22 52.19
CA THR D 143 35.18 -43.75 51.39
C THR D 143 34.41 -42.63 50.69
N GLY D 144 33.89 -41.68 51.47
CA GLY D 144 33.14 -40.58 50.88
C GLY D 144 33.93 -39.81 49.83
N SER D 145 35.23 -39.68 50.04
CA SER D 145 36.03 -38.86 49.16
C SER D 145 36.56 -39.67 48.00
N GLY D 146 37.17 -40.81 48.29
CA GLY D 146 37.77 -41.64 47.26
C GLY D 146 36.74 -42.43 46.48
N MET D 147 35.93 -43.24 47.18
CA MET D 147 34.88 -43.96 46.47
C MET D 147 33.81 -43.03 45.92
N GLY D 148 33.52 -41.94 46.65
CA GLY D 148 32.53 -40.99 46.18
C GLY D 148 32.91 -40.37 44.85
N THR D 149 34.17 -39.92 44.72
CA THR D 149 34.60 -39.38 43.43
C THR D 149 34.73 -40.46 42.37
N LEU D 150 35.07 -41.69 42.76
CA LEU D 150 35.04 -42.77 41.77
C LEU D 150 33.63 -42.97 41.25
N LEU D 151 32.65 -42.97 42.15
CA LEU D 151 31.25 -43.09 41.75
C LEU D 151 30.84 -41.98 40.80
N ILE D 152 31.19 -40.73 41.12
CA ILE D 152 30.83 -39.61 40.27
C ILE D 152 31.28 -39.88 38.85
N SER D 153 32.55 -40.22 38.68
CA SER D 153 33.09 -40.34 37.34
C SER D 153 32.49 -41.54 36.64
N LYS D 154 32.19 -42.62 37.37
CA LYS D 154 31.55 -43.77 36.72
C LYS D 154 30.12 -43.45 36.32
N ILE D 155 29.39 -42.72 37.16
CA ILE D 155 28.03 -42.32 36.81
C ILE D 155 28.05 -41.38 35.61
N ARG D 156 29.01 -40.46 35.58
CA ARG D 156 29.11 -39.52 34.47
C ARG D 156 29.26 -40.27 33.15
N GLU D 157 29.97 -41.40 33.18
CA GLU D 157 30.21 -42.16 31.97
C GLU D 157 28.92 -42.68 31.36
N GLU D 158 27.98 -43.11 32.21
CA GLU D 158 26.72 -43.65 31.70
C GLU D 158 25.66 -42.58 31.52
N TYR D 159 25.73 -41.49 32.27
CA TYR D 159 24.79 -40.38 32.16
C TYR D 159 25.50 -39.05 31.88
N PRO D 160 26.21 -38.94 30.76
CA PRO D 160 27.04 -37.74 30.51
C PRO D 160 26.27 -36.44 30.34
N ASP D 161 24.97 -36.50 30.08
CA ASP D 161 24.15 -35.33 29.82
C ASP D 161 23.29 -34.92 31.01
N ARG D 162 23.50 -35.52 32.19
CA ARG D 162 22.73 -35.12 33.36
C ARG D 162 23.60 -34.26 34.29
N ILE D 163 22.96 -33.58 35.21
CA ILE D 163 23.68 -32.67 36.10
C ILE D 163 24.22 -33.46 37.28
N MET D 164 25.47 -33.16 37.64
CA MET D 164 26.17 -33.86 38.71
C MET D 164 26.48 -32.85 39.80
N ASN D 165 25.92 -33.08 40.97
CA ASN D 165 25.87 -32.10 42.04
C ASN D 165 26.33 -32.79 43.32
N THR D 166 27.08 -32.08 44.17
CA THR D 166 27.54 -32.64 45.44
C THR D 166 27.38 -31.67 46.60
N PHE D 167 27.21 -32.23 47.79
CA PHE D 167 27.40 -31.53 49.05
C PHE D 167 28.68 -32.11 49.64
N SER D 168 29.75 -31.33 49.67
CA SER D 168 31.07 -31.85 49.98
C SER D 168 31.57 -31.18 51.25
N VAL D 169 31.84 -31.99 52.27
CA VAL D 169 32.28 -31.51 53.58
C VAL D 169 33.80 -31.47 53.60
N MET D 170 34.35 -30.25 53.75
CA MET D 170 35.80 -30.01 53.81
C MET D 170 36.30 -30.19 55.23
N PRO D 171 37.47 -30.82 55.33
CA PRO D 171 38.04 -31.12 56.66
C PRO D 171 38.62 -29.88 57.32
N SER D 172 38.74 -29.98 58.65
CA SER D 172 39.34 -28.97 59.48
C SER D 172 40.08 -29.63 60.63
N PRO D 173 41.32 -29.21 60.91
CA PRO D 173 42.00 -29.73 62.11
C PRO D 173 41.25 -29.43 63.40
N LYS D 174 40.31 -28.49 63.40
CA LYS D 174 39.57 -28.21 64.62
C LYS D 174 38.59 -29.31 64.97
N VAL D 175 38.22 -30.15 64.00
CA VAL D 175 37.15 -31.11 64.17
C VAL D 175 37.66 -32.54 64.06
N SER D 176 38.64 -32.79 63.21
CA SER D 176 39.25 -34.10 63.13
C SER D 176 40.75 -33.98 63.24
N ASP D 177 41.36 -34.89 64.01
CA ASP D 177 42.81 -34.93 64.18
C ASP D 177 43.51 -35.76 63.10
N THR D 178 42.77 -36.32 62.14
CA THR D 178 43.37 -37.22 61.17
C THR D 178 44.27 -36.44 60.24
N VAL D 179 45.56 -36.82 60.24
CA VAL D 179 46.59 -35.97 59.66
C VAL D 179 46.54 -35.97 58.14
N VAL D 180 46.12 -37.08 57.52
CA VAL D 180 46.17 -37.15 56.07
C VAL D 180 44.98 -36.49 55.39
N GLU D 181 44.02 -35.95 56.15
CA GLU D 181 42.85 -35.34 55.54
C GLU D 181 43.17 -34.29 54.48
N PRO D 182 44.22 -33.47 54.59
CA PRO D 182 44.51 -32.55 53.48
C PRO D 182 44.93 -33.27 52.21
N TYR D 183 45.48 -34.48 52.31
CA TYR D 183 45.76 -35.27 51.12
C TYR D 183 44.47 -35.73 50.48
N ASN D 184 43.58 -36.31 51.29
CA ASN D 184 42.32 -36.82 50.77
C ASN D 184 41.49 -35.70 50.17
N ALA D 185 41.47 -34.55 50.82
CA ALA D 185 40.68 -33.44 50.28
C ALA D 185 41.26 -32.93 48.97
N THR D 186 42.60 -32.86 48.87
CA THR D 186 43.21 -32.35 47.65
C THR D 186 43.05 -33.34 46.49
N LEU D 187 43.19 -34.65 46.75
CA LEU D 187 42.93 -35.63 45.70
C LEU D 187 41.46 -35.59 45.26
N SER D 188 40.55 -35.38 46.21
CA SER D 188 39.13 -35.33 45.85
C SER D 188 38.79 -34.07 45.07
N VAL D 189 39.34 -32.92 45.46
CA VAL D 189 39.01 -31.66 44.79
C VAL D 189 39.42 -31.72 43.32
N HIS D 190 40.54 -32.37 43.04
CA HIS D 190 40.98 -32.63 41.67
C HIS D 190 39.87 -33.29 40.85
N GLN D 191 39.27 -34.35 41.40
CA GLN D 191 38.16 -35.02 40.75
C GLN D 191 36.96 -34.12 40.60
N LEU D 192 36.62 -33.36 41.64
CA LEU D 192 35.42 -32.53 41.57
C LEU D 192 35.55 -31.40 40.54
N VAL D 193 36.75 -30.84 40.38
CA VAL D 193 36.95 -29.75 39.42
C VAL D 193 36.63 -30.26 38.02
N GLU D 194 37.02 -31.49 37.71
CA GLU D 194 36.83 -32.05 36.38
C GLU D 194 35.44 -32.68 36.17
N ASN D 195 34.79 -33.25 37.20
CA ASN D 195 33.67 -34.13 36.94
C ASN D 195 32.33 -33.73 37.56
N THR D 196 32.25 -32.64 38.32
CA THR D 196 30.96 -32.17 38.81
C THR D 196 30.60 -30.83 38.18
N ASP D 197 29.29 -30.55 38.14
CA ASP D 197 28.76 -29.31 37.62
C ASP D 197 28.48 -28.30 38.71
N GLU D 198 28.14 -28.78 39.92
CA GLU D 198 27.82 -27.93 41.05
C GLU D 198 28.28 -28.66 42.32
N THR D 199 29.04 -27.96 43.16
CA THR D 199 29.47 -28.47 44.45
C THR D 199 29.21 -27.40 45.49
N TYR D 200 28.45 -27.75 46.52
CA TYR D 200 28.30 -26.89 47.69
C TYR D 200 29.42 -27.17 48.67
N CYS D 201 30.22 -26.16 48.98
CA CYS D 201 31.33 -26.31 49.92
C CYS D 201 30.82 -26.17 51.34
N ILE D 202 30.76 -27.30 52.05
CA ILE D 202 30.37 -27.34 53.46
C ILE D 202 31.66 -27.54 54.25
N ASP D 203 32.06 -26.55 55.04
CA ASP D 203 33.41 -26.51 55.62
C ASP D 203 33.29 -26.83 57.11
N ASN D 204 33.88 -27.96 57.55
CA ASN D 204 33.86 -28.24 58.99
C ASN D 204 34.53 -27.14 59.79
N GLU D 205 35.46 -26.40 59.19
CA GLU D 205 36.05 -25.29 59.93
C GLU D 205 34.99 -24.25 60.25
N ALA D 206 34.14 -23.92 59.28
CA ALA D 206 33.14 -22.89 59.51
C ALA D 206 32.06 -23.39 60.45
N LEU D 207 31.66 -24.66 60.32
CA LEU D 207 30.65 -25.23 61.21
C LEU D 207 31.13 -25.23 62.66
N TYR D 208 32.38 -25.64 62.89
CA TYR D 208 32.94 -25.55 64.23
C TYR D 208 32.95 -24.11 64.71
N ASP D 209 33.39 -23.17 63.86
CA ASP D 209 33.49 -21.77 64.29
C ASP D 209 32.12 -21.22 64.66
N ILE D 210 31.08 -21.58 63.91
CA ILE D 210 29.74 -21.11 64.25
C ILE D 210 29.29 -21.71 65.58
N CYS D 211 29.50 -23.01 65.74
CA CYS D 211 29.11 -23.68 66.98
C CYS D 211 29.86 -23.12 68.17
N PHE D 212 31.18 -22.97 68.06
CA PHE D 212 31.98 -22.49 69.20
C PHE D 212 31.74 -21.00 69.47
N ARG D 213 31.82 -20.16 68.44
CA ARG D 213 31.78 -18.71 68.64
C ARG D 213 30.36 -18.16 68.72
N THR D 214 29.44 -18.60 67.87
CA THR D 214 28.12 -17.98 67.89
C THR D 214 27.13 -18.73 68.76
N LEU D 215 27.14 -20.05 68.72
CA LEU D 215 26.25 -20.85 69.54
C LEU D 215 26.81 -21.13 70.94
N LYS D 216 28.05 -20.69 71.22
CA LYS D 216 28.68 -20.83 72.53
C LYS D 216 28.74 -22.29 72.99
N LEU D 217 29.04 -23.18 72.05
CA LEU D 217 29.20 -24.60 72.33
C LEU D 217 30.67 -24.89 72.57
N THR D 218 31.03 -25.23 73.80
CA THR D 218 32.44 -25.38 74.13
C THR D 218 33.06 -26.55 73.39
N THR D 219 32.34 -27.66 73.27
CA THR D 219 32.83 -28.87 72.61
C THR D 219 31.77 -29.36 71.65
N PRO D 220 31.71 -28.81 70.44
CA PRO D 220 30.66 -29.23 69.49
C PRO D 220 30.84 -30.67 69.05
N THR D 221 29.73 -31.38 68.93
CA THR D 221 29.73 -32.70 68.32
C THR D 221 29.26 -32.61 66.88
N TYR D 222 29.44 -33.74 66.16
CA TYR D 222 28.90 -33.86 64.81
C TYR D 222 27.40 -33.60 64.77
N GLY D 223 26.68 -33.91 65.85
CA GLY D 223 25.27 -33.58 65.89
C GLY D 223 25.05 -32.08 65.82
N ASP D 224 25.88 -31.31 66.54
CA ASP D 224 25.82 -29.84 66.45
C ASP D 224 26.18 -29.35 65.06
N LEU D 225 27.24 -29.89 64.44
CA LEU D 225 27.61 -29.43 63.12
C LEU D 225 26.56 -29.81 62.09
N ASN D 226 25.99 -31.03 62.20
CA ASN D 226 25.05 -31.50 61.18
C ASN D 226 23.72 -30.77 61.26
N HIS D 227 23.37 -30.20 62.42
CA HIS D 227 22.21 -29.32 62.46
C HIS D 227 22.38 -28.14 61.50
N LEU D 228 23.58 -27.56 61.44
CA LEU D 228 23.78 -26.46 60.50
C LEU D 228 23.78 -26.98 59.06
N VAL D 229 24.34 -28.18 58.84
CA VAL D 229 24.33 -28.73 57.49
C VAL D 229 22.92 -29.02 57.02
N SER D 230 22.06 -29.57 57.89
CA SER D 230 20.75 -29.97 57.40
C SER D 230 19.89 -28.73 57.12
N ALA D 231 19.99 -27.71 57.97
CA ALA D 231 19.29 -26.45 57.71
C ALA D 231 19.71 -25.86 56.37
N THR D 232 21.01 -25.94 56.03
CA THR D 232 21.49 -25.39 54.76
C THR D 232 21.00 -26.23 53.59
N MET D 233 21.05 -27.56 53.73
CA MET D 233 20.62 -28.42 52.64
C MET D 233 19.14 -28.23 52.35
N SER D 234 18.33 -28.12 53.39
CA SER D 234 16.92 -27.80 53.18
C SER D 234 16.77 -26.46 52.47
N GLY D 235 17.55 -25.45 52.89
CA GLY D 235 17.41 -24.13 52.30
C GLY D 235 17.78 -24.11 50.83
N VAL D 236 18.90 -24.74 50.46
CA VAL D 236 19.33 -24.63 49.07
C VAL D 236 18.43 -25.45 48.15
N THR D 237 17.83 -26.53 48.64
CA THR D 237 16.96 -27.32 47.77
C THR D 237 15.51 -26.84 47.78
N THR D 238 15.20 -25.78 48.54
CA THR D 238 13.84 -25.26 48.61
C THR D 238 13.20 -25.11 47.23
N CYS D 239 13.92 -24.52 46.29
CA CYS D 239 13.33 -24.25 44.98
C CYS D 239 13.28 -25.48 44.08
N LEU D 240 13.95 -26.57 44.45
CA LEU D 240 13.74 -27.82 43.75
C LEU D 240 12.47 -28.51 44.23
N ARG D 241 12.07 -28.27 45.47
CA ARG D 241 11.10 -29.10 46.15
C ARG D 241 9.73 -28.47 46.24
N PHE D 242 9.63 -27.16 46.03
CA PHE D 242 8.34 -26.53 46.15
C PHE D 242 7.97 -25.77 44.89
N PRO D 243 6.66 -25.67 44.62
CA PRO D 243 6.22 -24.86 43.47
C PRO D 243 6.55 -23.40 43.72
N GLY D 244 7.33 -22.84 42.83
CA GLY D 244 7.68 -21.44 42.91
C GLY D 244 7.44 -20.76 41.57
N GLN D 245 7.56 -19.43 41.59
CA GLN D 245 7.41 -18.67 40.35
C GLN D 245 8.49 -19.05 39.34
N LEU D 246 9.69 -19.35 39.80
CA LEU D 246 10.70 -19.94 38.92
C LEU D 246 10.63 -21.45 39.07
N ASN D 247 10.62 -22.14 37.93
CA ASN D 247 10.66 -23.60 37.89
C ASN D 247 12.14 -23.99 37.94
N ALA D 248 12.71 -23.91 39.15
CA ALA D 248 14.15 -24.12 39.29
C ALA D 248 14.47 -25.60 39.11
N ASP D 249 15.62 -25.86 38.50
CA ASP D 249 16.12 -27.21 38.39
C ASP D 249 17.64 -27.15 38.39
N LEU D 250 18.27 -28.32 38.44
CA LEU D 250 19.72 -28.38 38.59
C LEU D 250 20.43 -27.72 37.42
N ARG D 251 19.91 -27.89 36.20
CA ARG D 251 20.62 -27.35 35.02
C ARG D 251 20.50 -25.84 34.95
N LYS D 252 19.32 -25.31 35.23
CA LYS D 252 19.17 -23.85 35.21
C LYS D 252 20.00 -23.19 36.31
N LEU D 253 20.17 -23.85 37.45
CA LEU D 253 21.10 -23.31 38.45
C LEU D 253 22.51 -23.24 37.89
N ALA D 254 23.00 -24.34 37.32
CA ALA D 254 24.39 -24.32 36.84
C ALA D 254 24.57 -23.25 35.77
N VAL D 255 23.63 -23.19 34.81
CA VAL D 255 23.77 -22.28 33.68
C VAL D 255 23.92 -20.84 34.16
N ASN D 256 23.10 -20.44 35.13
CA ASN D 256 23.12 -19.07 35.63
C ASN D 256 24.17 -18.82 36.71
N MET D 257 24.63 -19.84 37.43
CA MET D 257 25.58 -19.60 38.51
C MET D 257 27.04 -19.80 38.15
N VAL D 258 27.34 -20.53 37.06
CA VAL D 258 28.70 -20.99 36.79
C VAL D 258 29.24 -20.34 35.51
N PRO D 259 29.97 -19.22 35.60
CA PRO D 259 30.40 -18.56 34.37
C PRO D 259 31.58 -19.22 33.71
N PHE D 260 32.34 -20.04 34.43
CA PHE D 260 33.45 -20.79 33.86
C PHE D 260 33.41 -22.19 34.46
N PRO D 261 33.57 -23.23 33.64
CA PRO D 261 33.23 -24.59 34.09
C PRO D 261 33.87 -25.01 35.40
N ARG D 262 35.14 -24.63 35.62
CA ARG D 262 35.83 -25.06 36.83
C ARG D 262 35.37 -24.30 38.06
N LEU D 263 34.82 -23.09 37.90
CA LEU D 263 34.44 -22.27 39.06
C LEU D 263 33.00 -22.58 39.47
N HIS D 264 32.82 -23.80 39.98
CA HIS D 264 31.50 -24.27 40.38
C HIS D 264 31.45 -24.70 41.85
N PHE D 265 32.25 -24.07 42.71
CA PHE D 265 32.25 -24.34 44.14
C PHE D 265 31.54 -23.19 44.85
N PHE D 266 30.36 -23.47 45.37
CA PHE D 266 29.51 -22.44 45.95
C PHE D 266 29.75 -22.33 47.45
N MET D 267 29.70 -21.09 47.91
CA MET D 267 29.72 -20.75 49.32
C MET D 267 28.27 -20.66 49.82
N PRO D 268 27.78 -21.61 50.62
CA PRO D 268 26.42 -21.47 51.15
C PRO D 268 26.40 -20.64 52.42
N GLY D 269 25.29 -19.95 52.63
CA GLY D 269 25.10 -19.16 53.84
C GLY D 269 23.69 -19.38 54.36
N PHE D 270 23.51 -19.17 55.66
CA PHE D 270 22.20 -19.40 56.25
C PHE D 270 21.95 -18.39 57.36
N ALA D 271 20.69 -17.97 57.50
CA ALA D 271 20.25 -17.21 58.65
C ALA D 271 18.79 -17.52 58.94
N PRO D 272 18.40 -17.60 60.22
CA PRO D 272 19.24 -17.44 61.41
C PRO D 272 20.07 -18.67 61.74
N LEU D 273 21.16 -18.46 62.47
CA LEU D 273 21.94 -19.56 63.01
C LEU D 273 21.30 -19.99 64.33
N THR D 274 21.05 -21.29 64.51
CA THR D 274 20.43 -21.79 65.72
C THR D 274 21.13 -23.04 66.19
N SER D 275 21.00 -23.33 67.49
CA SER D 275 21.41 -24.63 68.02
C SER D 275 20.33 -25.67 67.72
N ARG D 276 20.74 -26.94 67.69
CA ARG D 276 19.78 -27.99 67.41
C ARG D 276 18.78 -28.11 68.55
N GLY D 277 17.56 -28.49 68.18
CA GLY D 277 16.44 -28.66 69.10
C GLY D 277 16.28 -27.55 70.13
N SER D 278 16.27 -26.30 69.69
CA SER D 278 16.17 -25.19 70.62
C SER D 278 15.03 -24.28 70.19
N GLN D 279 14.10 -24.03 71.11
CA GLN D 279 13.05 -23.07 70.88
C GLN D 279 13.63 -21.74 70.40
N GLN D 280 12.98 -21.13 69.41
CA GLN D 280 13.35 -19.79 68.95
C GLN D 280 12.31 -18.82 69.47
N TYR D 281 12.76 -17.90 70.34
CA TYR D 281 11.86 -17.01 71.08
C TYR D 281 11.35 -15.84 70.24
N ARG D 282 12.14 -15.33 69.29
CA ARG D 282 11.69 -14.26 68.41
C ARG D 282 12.27 -14.47 67.01
N ALA D 283 11.43 -14.25 66.00
CA ALA D 283 11.85 -14.42 64.61
C ALA D 283 12.86 -13.34 64.23
N LEU D 284 13.18 -13.27 62.94
CA LEU D 284 14.08 -12.25 62.41
C LEU D 284 13.34 -11.39 61.40
N THR D 285 13.84 -10.18 61.18
CA THR D 285 13.21 -9.27 60.23
C THR D 285 13.83 -9.44 58.85
N VAL D 286 13.10 -8.98 57.83
CA VAL D 286 13.61 -9.08 56.46
C VAL D 286 14.95 -8.38 56.28
N PRO D 287 15.12 -7.11 56.65
CA PRO D 287 16.45 -6.52 56.49
C PRO D 287 17.50 -7.18 57.34
N GLU D 288 17.11 -7.76 58.48
CA GLU D 288 18.05 -8.57 59.25
C GLU D 288 18.56 -9.73 58.40
N LEU D 289 17.63 -10.55 57.90
CA LEU D 289 17.98 -11.71 57.08
C LEU D 289 18.86 -11.32 55.91
N THR D 290 18.53 -10.21 55.25
CA THR D 290 19.26 -9.79 54.06
C THR D 290 20.71 -9.44 54.36
N GLN D 291 20.97 -8.91 55.56
CA GLN D 291 22.32 -8.42 55.89
C GLN D 291 23.32 -9.57 55.99
N GLN D 292 22.86 -10.74 56.43
CA GLN D 292 23.73 -11.92 56.58
C GLN D 292 24.31 -12.43 55.27
N MET D 293 23.94 -11.83 54.13
CA MET D 293 24.57 -12.22 52.87
C MET D 293 26.06 -11.90 52.85
N PHE D 294 26.47 -10.82 53.52
CA PHE D 294 27.88 -10.44 53.60
C PHE D 294 28.46 -10.73 54.95
N ASP D 295 27.72 -11.44 55.78
CA ASP D 295 28.17 -11.75 57.13
C ASP D 295 29.01 -13.01 57.05
N SER D 296 30.32 -12.88 57.29
CA SER D 296 31.18 -14.04 57.28
C SER D 296 30.75 -15.06 58.33
N LYS D 297 30.08 -14.60 59.38
CA LYS D 297 29.63 -15.45 60.47
C LYS D 297 28.53 -16.40 60.05
N ASN D 298 27.89 -16.17 58.92
CA ASN D 298 26.75 -16.98 58.49
C ASN D 298 27.10 -17.89 57.31
N MET D 299 28.37 -17.98 56.95
CA MET D 299 28.81 -18.74 55.81
C MET D 299 29.23 -20.14 56.25
N MET D 300 28.82 -21.14 55.48
CA MET D 300 29.14 -22.55 55.74
C MET D 300 30.49 -22.94 55.18
N ALA D 301 31.20 -21.99 54.59
CA ALA D 301 32.59 -22.16 54.23
C ALA D 301 33.39 -21.03 54.88
N ALA D 302 34.53 -21.37 55.48
CA ALA D 302 35.28 -20.44 56.32
C ALA D 302 36.02 -19.45 55.41
N CYS D 303 35.24 -18.55 54.84
CA CYS D 303 35.70 -17.50 53.96
C CYS D 303 34.93 -16.25 54.32
N ASP D 304 35.60 -15.11 54.23
CA ASP D 304 34.92 -13.84 54.40
C ASP D 304 34.51 -13.36 53.01
N PRO D 305 33.21 -13.27 52.71
CA PRO D 305 32.81 -12.80 51.39
C PRO D 305 33.33 -11.40 51.08
N ARG D 306 33.70 -10.62 52.09
CA ARG D 306 34.24 -9.29 51.80
C ARG D 306 35.69 -9.34 51.39
N HIS D 307 36.32 -10.50 51.41
CA HIS D 307 37.67 -10.67 50.91
C HIS D 307 37.73 -10.90 49.41
N GLY D 308 36.60 -11.00 48.75
CA GLY D 308 36.56 -11.22 47.32
C GLY D 308 35.34 -10.57 46.75
N ARG D 309 34.88 -11.09 45.61
CA ARG D 309 33.72 -10.56 44.92
C ARG D 309 32.82 -11.71 44.53
N TYR D 310 31.52 -11.50 44.61
CA TYR D 310 30.57 -12.49 44.09
C TYR D 310 30.52 -12.43 42.56
N LEU D 311 30.69 -13.59 41.92
CA LEU D 311 30.38 -13.70 40.50
C LEU D 311 28.87 -13.77 40.27
N THR D 312 28.18 -14.55 41.09
CA THR D 312 26.74 -14.76 41.00
C THR D 312 26.24 -15.13 42.39
N VAL D 313 24.99 -14.80 42.68
CA VAL D 313 24.36 -15.10 43.96
C VAL D 313 22.93 -15.55 43.73
N ALA D 314 22.49 -16.57 44.47
CA ALA D 314 21.10 -16.97 44.54
C ALA D 314 20.67 -16.96 45.99
N ALA D 315 19.57 -16.29 46.29
CA ALA D 315 19.11 -16.16 47.66
C ALA D 315 17.67 -16.65 47.73
N ILE D 316 17.35 -17.49 48.69
CA ILE D 316 16.00 -17.96 48.89
C ILE D 316 15.54 -17.56 50.28
N PHE D 317 14.40 -16.88 50.35
CA PHE D 317 13.78 -16.44 51.59
C PHE D 317 12.57 -17.31 51.90
N ARG D 318 12.44 -17.76 53.15
CA ARG D 318 11.36 -18.67 53.49
C ARG D 318 10.56 -18.13 54.67
N GLY D 319 9.24 -18.15 54.52
CA GLY D 319 8.31 -17.66 55.51
C GLY D 319 7.29 -16.74 54.88
N ARG D 320 6.39 -16.24 55.70
CA ARG D 320 5.39 -15.28 55.21
C ARG D 320 5.97 -13.88 55.36
N MET D 321 6.16 -13.20 54.23
CA MET D 321 6.81 -11.90 54.25
C MET D 321 6.53 -11.21 52.92
N SER D 322 6.66 -9.89 52.93
CA SER D 322 6.44 -9.09 51.73
C SER D 322 7.54 -9.34 50.71
N MET D 323 7.14 -9.69 49.49
CA MET D 323 8.12 -9.79 48.42
C MET D 323 8.53 -8.43 47.88
N LYS D 324 7.74 -7.39 48.14
CA LYS D 324 8.20 -6.05 47.84
C LYS D 324 9.32 -5.64 48.79
N GLU D 325 9.11 -5.84 50.10
CA GLU D 325 10.14 -5.53 51.07
C GLU D 325 11.41 -6.37 50.84
N VAL D 326 11.25 -7.66 50.55
CA VAL D 326 12.40 -8.48 50.18
C VAL D 326 13.14 -7.86 49.00
N ASP D 327 12.41 -7.44 47.97
CA ASP D 327 13.08 -6.92 46.79
C ASP D 327 13.81 -5.61 47.09
N GLU D 328 13.28 -4.80 48.00
CA GLU D 328 13.90 -3.52 48.33
C GLU D 328 15.17 -3.72 49.15
N GLN D 329 15.15 -4.65 50.11
CA GLN D 329 16.35 -4.94 50.88
C GLN D 329 17.43 -5.56 50.01
N MET D 330 17.05 -6.44 49.09
CA MET D 330 18.06 -7.09 48.26
C MET D 330 18.68 -6.09 47.28
N LEU D 331 17.88 -5.15 46.78
CA LEU D 331 18.45 -4.08 45.97
C LEU D 331 19.43 -3.24 46.76
N ASN D 332 19.09 -2.91 48.01
CA ASN D 332 19.93 -1.98 48.76
C ASN D 332 21.20 -2.64 49.30
N VAL D 333 21.19 -3.93 49.62
CA VAL D 333 22.46 -4.55 50.00
C VAL D 333 23.38 -4.57 48.81
N GLN D 334 22.82 -4.63 47.59
CA GLN D 334 23.66 -4.63 46.40
C GLN D 334 24.18 -3.22 46.11
N ASN D 335 23.30 -2.22 46.21
CA ASN D 335 23.71 -0.84 45.96
C ASN D 335 24.83 -0.42 46.89
N LYS D 336 24.66 -0.66 48.18
CA LYS D 336 25.65 -0.18 49.13
C LYS D 336 26.92 -1.03 49.11
N ASN D 337 26.82 -2.29 48.74
CA ASN D 337 27.98 -3.18 48.73
C ASN D 337 28.42 -3.49 47.32
N SER D 338 28.34 -2.49 46.43
CA SER D 338 28.58 -2.73 45.00
C SER D 338 29.98 -3.23 44.72
N SER D 339 30.94 -2.96 45.62
CA SER D 339 32.32 -3.35 45.41
C SER D 339 32.57 -4.83 45.63
N TYR D 340 31.57 -5.59 46.07
CA TYR D 340 31.76 -7.02 46.26
C TYR D 340 31.04 -7.86 45.22
N PHE D 341 30.59 -7.23 44.14
CA PHE D 341 29.95 -7.89 43.01
C PHE D 341 30.71 -7.53 41.75
N VAL D 342 31.08 -8.53 40.95
CA VAL D 342 31.74 -8.21 39.70
C VAL D 342 30.78 -7.36 38.86
N GLU D 343 31.34 -6.34 38.23
CA GLU D 343 30.57 -5.44 37.39
C GLU D 343 30.27 -6.04 36.03
N TRP D 344 31.08 -6.99 35.58
CA TRP D 344 30.96 -7.54 34.24
C TRP D 344 30.06 -8.76 34.14
N ILE D 345 29.27 -9.07 35.18
CA ILE D 345 28.16 -10.01 35.05
C ILE D 345 26.90 -9.26 35.48
N PRO D 346 26.25 -8.54 34.58
CA PRO D 346 25.10 -7.72 34.98
C PRO D 346 23.99 -8.58 35.59
N ASN D 347 23.35 -8.05 36.65
CA ASN D 347 22.13 -8.68 37.15
C ASN D 347 22.40 -10.08 37.72
N ASN D 348 23.50 -10.20 38.46
CA ASN D 348 24.01 -11.50 38.86
C ASN D 348 23.48 -11.98 40.21
N VAL D 349 22.45 -11.33 40.76
CA VAL D 349 21.79 -11.75 42.00
C VAL D 349 20.34 -12.04 41.70
N LYS D 350 19.89 -13.26 42.00
CA LYS D 350 18.51 -13.67 41.78
C LYS D 350 17.91 -14.20 43.07
N THR D 351 16.67 -13.79 43.34
CA THR D 351 15.99 -13.98 44.62
C THR D 351 14.69 -14.75 44.41
N ALA D 352 14.39 -15.65 45.34
CA ALA D 352 13.09 -16.33 45.35
C ALA D 352 12.52 -16.23 46.76
N VAL D 353 11.19 -16.37 46.85
CA VAL D 353 10.50 -16.35 48.13
C VAL D 353 9.54 -17.53 48.18
N CYS D 354 9.68 -18.38 49.18
CA CYS D 354 8.77 -19.49 49.43
C CYS D 354 8.05 -19.25 50.75
N ASP D 355 6.73 -19.35 50.74
CA ASP D 355 5.92 -19.02 51.90
C ASP D 355 5.97 -20.08 53.00
N ILE D 356 6.62 -21.22 52.76
CA ILE D 356 6.69 -22.28 53.76
C ILE D 356 8.04 -22.19 54.45
N PRO D 357 8.08 -21.87 55.75
CA PRO D 357 9.36 -21.78 56.46
C PRO D 357 9.78 -23.16 56.94
N PRO D 358 11.07 -23.36 57.21
CA PRO D 358 11.52 -24.66 57.72
C PRO D 358 11.02 -24.87 59.15
N ARG D 359 11.00 -26.13 59.58
CA ARG D 359 10.47 -26.42 60.90
C ARG D 359 11.29 -25.74 61.98
N GLY D 360 10.61 -25.04 62.88
CA GLY D 360 11.25 -24.39 64.00
C GLY D 360 11.46 -22.90 63.83
N LEU D 361 11.36 -22.37 62.60
CA LEU D 361 11.63 -20.97 62.35
C LEU D 361 10.46 -20.33 61.62
N LYS D 362 10.16 -19.09 61.98
CA LYS D 362 9.09 -18.37 61.30
C LYS D 362 9.60 -17.73 60.01
N MET D 363 10.85 -17.30 59.98
CA MET D 363 11.45 -16.79 58.76
C MET D 363 12.90 -17.26 58.66
N SER D 364 13.39 -17.38 57.44
CA SER D 364 14.75 -17.87 57.24
C SER D 364 15.26 -17.40 55.88
N ALA D 365 16.58 -17.45 55.72
CA ALA D 365 17.20 -16.99 54.50
C ALA D 365 18.36 -17.92 54.18
N THR D 366 18.48 -18.31 52.92
CA THR D 366 19.58 -19.16 52.50
C THR D 366 20.24 -18.52 51.29
N PHE D 367 21.57 -18.47 51.31
CA PHE D 367 22.34 -17.86 50.25
C PHE D 367 23.21 -18.92 49.59
N ILE D 368 23.26 -18.87 48.27
CA ILE D 368 24.14 -19.71 47.48
C ILE D 368 24.98 -18.74 46.68
N GLY D 369 26.26 -18.68 46.96
CA GLY D 369 27.12 -17.67 46.37
C GLY D 369 28.26 -18.30 45.61
N ASN D 370 28.53 -17.78 44.41
CA ASN D 370 29.75 -18.10 43.68
C ASN D 370 30.70 -16.91 43.86
N SER D 371 31.54 -17.01 44.89
CA SER D 371 32.41 -15.93 45.32
C SER D 371 33.86 -16.29 45.08
N THR D 372 34.63 -15.33 44.59
CA THR D 372 36.05 -15.58 44.48
C THR D 372 36.72 -15.77 45.84
N ALA D 373 36.05 -15.38 46.93
CA ALA D 373 36.62 -15.59 48.25
C ALA D 373 36.73 -17.07 48.61
N ILE D 374 36.05 -17.96 47.88
CA ILE D 374 36.14 -19.39 48.15
C ILE D 374 37.58 -19.86 48.01
N GLN D 375 38.42 -19.07 47.34
CA GLN D 375 39.83 -19.41 47.23
C GLN D 375 40.53 -19.48 48.59
N GLU D 376 40.01 -18.83 49.64
CA GLU D 376 40.64 -18.97 50.95
C GLU D 376 40.50 -20.39 51.48
N LEU D 377 39.38 -21.05 51.20
CA LEU D 377 39.23 -22.45 51.58
C LEU D 377 40.27 -23.33 50.89
N PHE D 378 40.46 -23.16 49.56
CA PHE D 378 41.43 -24.03 48.85
C PHE D 378 42.87 -23.68 49.18
N LYS D 379 43.17 -22.39 49.44
CA LYS D 379 44.49 -22.03 49.94
C LYS D 379 44.77 -22.70 51.28
N ARG D 380 43.78 -22.72 52.17
CA ARG D 380 44.00 -23.33 53.47
C ARG D 380 44.29 -24.82 53.31
N ILE D 381 43.50 -25.50 52.48
CA ILE D 381 43.77 -26.91 52.23
C ILE D 381 45.14 -27.08 51.60
N SER D 382 45.50 -26.20 50.67
CA SER D 382 46.74 -26.36 49.92
C SER D 382 47.97 -26.16 50.79
N GLU D 383 47.92 -25.20 51.73
CA GLU D 383 49.03 -25.03 52.67
C GLU D 383 49.19 -26.26 53.57
N GLN D 384 48.08 -26.83 54.04
CA GLN D 384 48.17 -28.03 54.87
C GLN D 384 48.70 -29.21 54.09
N PHE D 385 48.29 -29.33 52.82
CA PHE D 385 48.81 -30.39 51.96
C PHE D 385 50.32 -30.30 51.85
N THR D 386 50.82 -29.10 51.52
CA THR D 386 52.24 -28.87 51.28
C THR D 386 53.08 -29.16 52.51
N ALA D 387 52.61 -28.73 53.69
CA ALA D 387 53.40 -28.93 54.90
C ALA D 387 53.70 -30.42 55.09
N MET D 388 52.76 -31.28 54.72
CA MET D 388 52.99 -32.72 54.78
C MET D 388 53.76 -33.23 53.58
N PHE D 389 53.36 -32.80 52.37
CA PHE D 389 53.94 -33.36 51.16
C PHE D 389 55.43 -33.04 51.02
N ARG D 390 55.87 -31.88 51.53
CA ARG D 390 57.27 -31.51 51.41
C ARG D 390 58.16 -32.51 52.15
N ARG D 391 57.62 -33.12 53.20
CA ARG D 391 58.25 -34.16 53.99
C ARG D 391 57.89 -35.57 53.49
N LYS D 392 57.04 -35.67 52.46
CA LYS D 392 56.51 -36.96 52.02
C LYS D 392 55.88 -37.75 53.18
N ALA D 393 55.29 -37.03 54.13
CA ALA D 393 54.70 -37.68 55.29
C ALA D 393 53.52 -38.54 54.85
N PHE D 394 53.47 -39.78 55.37
CA PHE D 394 52.35 -40.71 55.19
C PHE D 394 52.18 -41.18 53.75
N LEU D 395 53.11 -40.88 52.85
CA LEU D 395 52.91 -41.20 51.44
C LEU D 395 52.86 -42.71 51.20
N HIS D 396 53.53 -43.50 52.05
CA HIS D 396 53.49 -44.96 51.86
C HIS D 396 52.11 -45.53 52.12
N TRP D 397 51.26 -44.84 52.91
CA TRP D 397 49.87 -45.26 53.00
C TRP D 397 49.22 -45.34 51.64
N TYR D 398 49.65 -44.47 50.71
CA TYR D 398 49.03 -44.34 49.40
C TYR D 398 49.78 -45.11 48.32
N THR D 399 51.11 -45.08 48.32
CA THR D 399 51.85 -45.92 47.39
C THR D 399 51.67 -47.41 47.71
N GLY D 400 51.49 -47.77 48.98
CA GLY D 400 51.18 -49.16 49.31
C GLY D 400 49.95 -49.70 48.59
N GLU D 401 49.04 -48.84 48.18
CA GLU D 401 47.86 -49.26 47.45
C GLU D 401 48.03 -49.11 45.95
N GLY D 402 49.21 -48.70 45.48
CA GLY D 402 49.52 -48.63 44.07
C GLY D 402 49.67 -47.24 43.49
N MET D 403 49.39 -46.16 44.24
CA MET D 403 49.52 -44.80 43.73
C MET D 403 50.99 -44.42 43.57
N ASP D 404 51.21 -43.31 42.85
CA ASP D 404 52.51 -42.73 42.61
C ASP D 404 52.55 -41.31 43.17
N GLU D 405 53.77 -40.82 43.47
CA GLU D 405 53.94 -39.43 43.89
C GLU D 405 53.35 -38.44 42.88
N MET D 406 53.53 -38.72 41.58
CA MET D 406 53.16 -37.73 40.57
C MET D 406 51.67 -37.39 40.61
N GLU D 407 50.84 -38.33 41.02
CA GLU D 407 49.40 -38.06 41.14
C GLU D 407 49.12 -37.07 42.27
N PHE D 408 49.97 -37.04 43.29
CA PHE D 408 49.86 -36.03 44.34
C PHE D 408 50.27 -34.66 43.81
N THR D 409 51.43 -34.59 43.16
CA THR D 409 51.90 -33.33 42.58
C THR D 409 50.87 -32.74 41.62
N GLU D 410 50.23 -33.60 40.82
CA GLU D 410 49.24 -33.14 39.84
C GLU D 410 48.02 -32.54 40.53
N ALA D 411 47.50 -33.22 41.56
CA ALA D 411 46.30 -32.69 42.21
C ALA D 411 46.58 -31.38 42.91
N GLU D 412 47.79 -31.23 43.45
CA GLU D 412 48.17 -29.99 44.12
C GLU D 412 48.30 -28.86 43.11
N SER D 413 48.87 -29.15 41.95
CA SER D 413 48.91 -28.16 40.86
C SER D 413 47.52 -27.77 40.40
N ASN D 414 46.62 -28.75 40.23
CA ASN D 414 45.27 -28.41 39.76
C ASN D 414 44.56 -27.49 40.75
N MET D 415 44.75 -27.72 42.05
CA MET D 415 44.07 -26.91 43.05
C MET D 415 44.70 -25.52 43.14
N ASN D 416 46.04 -25.42 43.06
CA ASN D 416 46.67 -24.11 43.01
C ASN D 416 46.29 -23.38 41.72
N ASP D 417 45.98 -24.11 40.63
CA ASP D 417 45.46 -23.46 39.43
C ASP D 417 44.08 -22.91 39.69
N LEU D 418 43.21 -23.71 40.31
CA LEU D 418 41.90 -23.22 40.72
C LEU D 418 42.02 -21.92 41.52
N VAL D 419 43.01 -21.84 42.41
CA VAL D 419 43.20 -20.64 43.22
C VAL D 419 43.56 -19.46 42.34
N SER D 420 44.52 -19.63 41.42
CA SER D 420 44.88 -18.57 40.48
C SER D 420 43.68 -18.06 39.70
N GLU D 421 42.82 -18.96 39.23
CA GLU D 421 41.77 -18.42 38.39
C GLU D 421 40.66 -17.77 39.18
N TYR D 422 40.43 -18.17 40.45
CA TYR D 422 39.60 -17.32 41.30
C TYR D 422 40.23 -15.94 41.44
N GLN D 423 41.55 -15.88 41.62
CA GLN D 423 42.22 -14.60 41.76
C GLN D 423 42.14 -13.79 40.47
N GLN D 424 42.37 -14.43 39.32
CA GLN D 424 42.22 -13.74 38.03
C GLN D 424 40.89 -13.01 37.96
N TYR D 425 39.79 -13.69 38.30
CA TYR D 425 38.51 -13.02 38.09
C TYR D 425 38.18 -12.06 39.21
N GLN D 426 38.77 -12.23 40.38
CA GLN D 426 38.61 -11.25 41.45
C GLN D 426 39.23 -9.92 41.07
N ASP D 427 40.32 -9.93 40.28
CA ASP D 427 41.03 -8.73 39.88
C ASP D 427 40.64 -8.20 38.50
N ALA D 428 39.86 -8.96 37.73
CA ALA D 428 39.53 -8.54 36.38
C ALA D 428 38.67 -7.29 36.40
N THR D 429 38.91 -6.42 35.44
CA THR D 429 38.21 -5.16 35.29
C THR D 429 37.20 -5.25 34.16
N ALA D 430 36.12 -4.47 34.25
CA ALA D 430 35.26 -4.29 33.08
C ALA D 430 35.92 -3.39 32.04
N ASP D 431 36.84 -2.52 32.47
CA ASP D 431 37.55 -1.63 31.55
C ASP D 431 38.88 -2.24 31.13
N GLU E 5 -24.43 52.47 -72.35
CA GLU E 5 -24.80 51.51 -73.38
C GLU E 5 -25.59 50.34 -72.80
N VAL E 6 -26.84 50.18 -73.26
CA VAL E 6 -27.74 49.11 -72.82
C VAL E 6 -27.90 48.11 -73.95
N ILE E 7 -27.68 46.83 -73.64
CA ILE E 7 -27.78 45.77 -74.63
C ILE E 7 -28.66 44.67 -74.03
N GLU E 8 -29.85 44.48 -74.60
CA GLU E 8 -30.74 43.42 -74.12
C GLU E 8 -30.21 42.05 -74.53
N LEU E 9 -30.40 41.07 -73.64
CA LEU E 9 -29.86 39.72 -73.80
C LEU E 9 -30.93 38.67 -74.04
N ASN E 10 -32.03 38.72 -73.31
CA ASN E 10 -33.01 37.64 -73.34
C ASN E 10 -34.28 38.09 -72.65
N LYS E 11 -35.40 37.49 -73.06
CA LYS E 11 -36.68 37.65 -72.39
C LYS E 11 -37.37 36.29 -72.34
N ALA E 12 -38.02 35.99 -71.22
CA ALA E 12 -38.63 34.70 -70.98
C ALA E 12 -39.91 34.90 -70.18
N THR E 13 -40.62 33.79 -69.90
CA THR E 13 -41.93 33.91 -69.26
C THR E 13 -41.83 34.46 -67.84
N SER E 14 -40.73 34.24 -67.15
CA SER E 14 -40.63 34.68 -65.76
C SER E 14 -39.48 35.67 -65.53
N GLY E 15 -39.06 36.38 -66.56
CA GLY E 15 -38.03 37.37 -66.37
C GLY E 15 -37.43 37.87 -67.66
N GLN E 16 -36.61 38.89 -67.52
CA GLN E 16 -35.85 39.46 -68.62
C GLN E 16 -34.46 39.80 -68.13
N SER E 17 -33.55 40.03 -69.08
CA SER E 17 -32.17 40.30 -68.75
C SER E 17 -31.58 41.19 -69.82
N TRP E 18 -30.71 42.11 -69.40
CA TRP E 18 -29.94 42.96 -70.30
C TRP E 18 -28.55 43.19 -69.72
N GLU E 19 -27.73 43.94 -70.43
CA GLU E 19 -26.38 44.23 -70.00
C GLU E 19 -26.17 45.72 -70.09
N VAL E 20 -25.74 46.34 -68.99
CA VAL E 20 -25.45 47.78 -68.96
C VAL E 20 -23.94 47.94 -68.96
N ILE E 21 -23.40 48.61 -69.98
CA ILE E 21 -21.98 48.84 -70.12
C ILE E 21 -21.72 50.32 -69.86
N LEU E 22 -20.83 50.60 -68.91
CA LEU E 22 -20.52 51.98 -68.55
C LEU E 22 -19.21 52.47 -69.14
N LYS E 23 -18.28 51.56 -69.46
CA LYS E 23 -17.13 51.93 -70.26
C LYS E 23 -16.51 50.65 -70.80
N PRO E 24 -16.12 50.61 -72.07
CA PRO E 24 -15.52 49.40 -72.62
C PRO E 24 -14.17 49.13 -71.99
N PRO E 25 -13.64 47.92 -72.14
CA PRO E 25 -12.35 47.61 -71.51
C PRO E 25 -11.21 48.37 -72.16
N SER E 26 -10.24 48.77 -71.32
CA SER E 26 -9.07 49.48 -71.83
C SER E 26 -8.19 48.57 -72.68
N PHE E 27 -8.09 47.31 -72.29
CA PHE E 27 -7.25 46.32 -72.94
C PHE E 27 -8.13 45.29 -73.63
N ASP E 28 -7.78 44.93 -74.87
CA ASP E 28 -8.61 44.10 -75.73
C ASP E 28 -8.14 42.64 -75.69
N GLY E 29 -9.00 41.77 -75.22
CA GLY E 29 -8.66 40.39 -74.95
C GLY E 29 -8.51 40.15 -73.45
N VAL E 30 -8.16 38.91 -73.13
CA VAL E 30 -7.91 38.48 -71.75
C VAL E 30 -6.45 38.05 -71.65
N PRO E 31 -5.68 38.58 -70.71
CA PRO E 31 -4.30 38.09 -70.52
C PRO E 31 -4.30 36.63 -70.08
N GLU E 32 -3.24 35.92 -70.45
CA GLU E 32 -3.10 34.52 -70.04
C GLU E 32 -2.60 34.42 -68.58
N PRO E 43 -6.65 13.89 -61.65
CA PRO E 43 -6.57 12.67 -60.84
C PRO E 43 -7.54 11.58 -61.30
N SER E 44 -6.99 10.45 -61.74
CA SER E 44 -7.80 9.34 -62.21
C SER E 44 -8.36 8.56 -61.02
N LEU E 45 -9.28 7.64 -61.34
CA LEU E 45 -9.86 6.78 -60.31
C LEU E 45 -8.77 5.93 -59.63
N GLU E 46 -7.83 5.41 -60.42
CA GLU E 46 -6.74 4.63 -59.84
C GLU E 46 -5.84 5.50 -58.97
N GLU E 47 -5.55 6.73 -59.39
CA GLU E 47 -4.68 7.58 -58.60
C GLU E 47 -5.35 7.96 -57.28
N ILE E 48 -6.66 8.17 -57.30
CA ILE E 48 -7.38 8.45 -56.07
C ILE E 48 -7.38 7.22 -55.16
N GLN E 49 -7.70 6.06 -55.73
CA GLN E 49 -7.79 4.85 -54.93
C GLN E 49 -6.44 4.47 -54.34
N LYS E 50 -5.35 4.69 -55.07
CA LYS E 50 -4.04 4.39 -54.52
C LYS E 50 -3.67 5.34 -53.39
N LYS E 51 -4.15 6.58 -53.44
CA LYS E 51 -3.84 7.51 -52.36
C LYS E 51 -4.65 7.18 -51.10
N LEU E 52 -5.91 6.77 -51.27
CA LEU E 52 -6.71 6.34 -50.12
C LEU E 52 -6.15 5.08 -49.48
N GLU E 53 -5.75 4.11 -50.31
CA GLU E 53 -5.17 2.88 -49.78
C GLU E 53 -3.83 3.15 -49.11
N ALA E 54 -3.08 4.15 -49.59
CA ALA E 54 -1.80 4.47 -48.94
C ALA E 54 -2.02 5.01 -47.55
N ALA E 55 -3.01 5.90 -47.39
CA ALA E 55 -3.30 6.42 -46.07
C ALA E 55 -3.80 5.30 -45.15
N GLU E 56 -4.56 4.36 -45.71
CA GLU E 56 -5.04 3.25 -44.90
C GLU E 56 -3.89 2.40 -44.37
N GLU E 57 -2.90 2.12 -45.23
CA GLU E 57 -1.76 1.33 -44.75
C GLU E 57 -0.99 2.10 -43.68
N ARG E 58 -0.91 3.42 -43.80
CA ARG E 58 -0.23 4.20 -42.74
C ARG E 58 -1.01 4.13 -41.44
N ARG E 59 -2.34 4.23 -41.50
CA ARG E 59 -3.16 3.95 -40.31
C ARG E 59 -2.82 2.60 -39.72
N LYS E 60 -2.88 1.55 -40.53
CA LYS E 60 -2.72 0.21 -40.00
C LYS E 60 -1.31 -0.01 -39.46
N TYR E 61 -0.30 0.53 -40.14
CA TYR E 61 1.06 0.43 -39.63
C TYR E 61 1.18 1.07 -38.26
N GLN E 62 0.55 2.24 -38.07
CA GLN E 62 0.61 2.88 -36.76
C GLN E 62 -0.11 2.03 -35.71
N GLU E 63 -1.29 1.52 -36.01
CA GLU E 63 -1.99 0.67 -35.04
C GLU E 63 -1.17 -0.57 -34.69
N ALA E 64 -0.55 -1.19 -35.69
CA ALA E 64 0.32 -2.34 -35.43
C ALA E 64 1.53 -1.96 -34.57
N GLU E 65 2.05 -0.74 -34.72
CA GLU E 65 3.17 -0.32 -33.90
C GLU E 65 2.74 -0.07 -32.47
N LEU E 66 1.52 0.44 -32.28
CA LEU E 66 0.99 0.61 -30.92
C LEU E 66 0.79 -0.74 -30.25
N LEU E 67 0.18 -1.69 -30.96
CA LEU E 67 -0.08 -3.00 -30.36
C LEU E 67 1.20 -3.75 -30.06
N LYS E 68 2.23 -3.58 -30.91
CA LYS E 68 3.50 -4.22 -30.62
C LYS E 68 4.17 -3.63 -29.37
N HIS E 69 3.99 -2.33 -29.12
CA HIS E 69 4.54 -1.78 -27.88
C HIS E 69 3.77 -2.26 -26.66
N LEU E 70 2.46 -2.46 -26.80
CA LEU E 70 1.68 -2.99 -25.68
C LEU E 70 2.01 -4.45 -25.43
N ALA E 71 2.23 -5.23 -26.48
CA ALA E 71 2.61 -6.63 -26.27
C ALA E 71 3.99 -6.74 -25.65
N GLU E 72 4.88 -5.78 -25.95
CA GLU E 72 6.18 -5.71 -25.30
C GLU E 72 6.04 -5.45 -23.79
N LYS E 73 5.03 -4.66 -23.40
CA LYS E 73 4.79 -4.46 -21.99
C LYS E 73 4.10 -5.67 -21.34
N ARG E 74 3.25 -6.41 -22.08
CA ARG E 74 2.73 -7.67 -21.55
C ARG E 74 3.87 -8.62 -21.19
N GLU E 75 4.92 -8.65 -22.00
CA GLU E 75 5.99 -9.59 -21.71
C GLU E 75 6.90 -9.10 -20.59
N HIS E 76 7.09 -7.78 -20.46
CA HIS E 76 7.79 -7.27 -19.30
C HIS E 76 7.06 -7.63 -18.01
N GLU E 77 5.72 -7.51 -18.01
CA GLU E 77 4.93 -7.90 -16.85
C GLU E 77 5.11 -9.38 -16.53
N ARG E 78 5.19 -10.22 -17.57
CA ARG E 78 5.47 -11.63 -17.31
C ARG E 78 6.86 -11.80 -16.73
N GLU E 79 7.83 -11.01 -17.19
CA GLU E 79 9.19 -11.13 -16.69
C GLU E 79 9.29 -10.63 -15.25
N VAL E 80 8.55 -9.58 -14.92
CA VAL E 80 8.50 -9.12 -13.54
C VAL E 80 7.93 -10.20 -12.63
N ILE E 81 6.80 -10.77 -13.01
CA ILE E 81 6.14 -11.77 -12.16
C ILE E 81 7.01 -13.01 -12.01
N GLN E 82 7.66 -13.43 -13.09
CA GLN E 82 8.56 -14.58 -12.97
C GLN E 82 9.75 -14.26 -12.08
N LYS E 83 10.32 -13.07 -12.22
CA LYS E 83 11.50 -12.70 -11.42
C LYS E 83 11.19 -12.78 -9.93
N ALA E 84 9.98 -12.35 -9.54
CA ALA E 84 9.59 -12.44 -8.13
C ALA E 84 9.48 -13.90 -7.69
N ILE E 85 9.01 -14.78 -8.59
CA ILE E 85 8.93 -16.19 -8.25
C ILE E 85 10.32 -16.81 -8.13
N GLU E 86 11.26 -16.36 -8.95
CA GLU E 86 12.64 -16.86 -8.83
C GLU E 86 13.31 -16.35 -7.56
N GLU E 87 13.01 -15.11 -7.16
CA GLU E 87 13.60 -14.59 -5.93
C GLU E 87 13.10 -15.39 -4.74
N ASN E 88 11.82 -15.77 -4.77
CA ASN E 88 11.25 -16.56 -3.68
C ASN E 88 11.89 -17.93 -3.63
N ASN E 89 12.03 -18.58 -4.79
CA ASN E 89 12.61 -19.92 -4.79
C ASN E 89 14.06 -19.89 -4.35
N ASN E 90 14.81 -18.86 -4.73
CA ASN E 90 16.21 -18.80 -4.30
C ASN E 90 16.33 -18.48 -2.83
N PHE E 91 15.39 -17.70 -2.27
CA PHE E 91 15.36 -17.48 -0.84
C PHE E 91 15.18 -18.81 -0.11
N ILE E 92 14.14 -19.55 -0.48
CA ILE E 92 13.92 -20.90 0.04
C ILE E 92 15.18 -21.74 -0.08
N LYS E 93 15.77 -21.79 -1.27
CA LYS E 93 16.91 -22.68 -1.50
C LYS E 93 18.10 -22.32 -0.61
N MET E 94 18.33 -21.03 -0.37
CA MET E 94 19.51 -20.66 0.42
C MET E 94 19.24 -20.75 1.91
N ALA E 95 18.01 -20.48 2.36
CA ALA E 95 17.61 -20.78 3.73
C ALA E 95 17.78 -22.27 4.03
N LYS E 96 17.42 -23.13 3.08
CA LYS E 96 17.48 -24.55 3.36
C LYS E 96 18.91 -25.04 3.42
N GLU E 97 19.78 -24.55 2.55
CA GLU E 97 21.15 -25.05 2.56
C GLU E 97 21.91 -24.53 3.76
N LYS E 98 21.60 -23.31 4.21
CA LYS E 98 22.27 -22.76 5.38
C LYS E 98 21.78 -23.44 6.65
N LEU E 99 20.48 -23.72 6.75
CA LEU E 99 19.95 -24.41 7.93
C LEU E 99 20.56 -25.81 8.06
N ALA E 100 20.64 -26.55 6.96
CA ALA E 100 21.25 -27.88 7.02
C ALA E 100 22.73 -27.79 7.35
N GLN E 101 23.42 -26.76 6.85
CA GLN E 101 24.84 -26.60 7.18
C GLN E 101 25.03 -26.32 8.66
N LYS E 102 24.25 -25.38 9.20
CA LYS E 102 24.32 -25.08 10.62
C LYS E 102 24.03 -26.34 11.45
N MET E 103 22.92 -27.01 11.16
CA MET E 103 22.53 -28.16 11.99
C MET E 103 23.56 -29.29 11.92
N GLU E 104 24.23 -29.47 10.77
CA GLU E 104 25.22 -30.53 10.71
C GLU E 104 26.50 -30.16 11.45
N SER E 105 26.93 -28.91 11.35
CA SER E 105 28.14 -28.48 12.06
C SER E 105 27.93 -28.53 13.56
N ASN E 106 26.72 -28.19 14.03
CA ASN E 106 26.42 -28.27 15.45
C ASN E 106 26.37 -29.71 15.94
N LYS E 107 25.74 -30.60 15.16
CA LYS E 107 25.70 -32.01 15.53
C LYS E 107 27.11 -32.56 15.68
N GLU E 108 27.94 -32.40 14.65
CA GLU E 108 29.33 -32.83 14.73
C GLU E 108 30.01 -32.27 15.96
N ASN E 109 29.95 -30.95 16.16
CA ASN E 109 30.60 -30.33 17.31
C ASN E 109 30.15 -30.97 18.62
N ARG E 110 28.84 -31.19 18.76
CA ARG E 110 28.31 -31.67 20.04
C ARG E 110 28.75 -33.10 20.30
N GLU E 111 28.69 -33.95 19.28
CA GLU E 111 29.17 -35.32 19.43
C GLU E 111 30.67 -35.35 19.72
N ALA E 112 31.42 -34.40 19.16
CA ALA E 112 32.85 -34.34 19.41
C ALA E 112 33.14 -33.94 20.85
N HIS E 113 32.37 -32.98 21.40
CA HIS E 113 32.54 -32.63 22.81
C HIS E 113 32.20 -33.81 23.71
N LEU E 114 31.09 -34.49 23.40
CA LEU E 114 30.68 -35.62 24.21
C LEU E 114 31.71 -36.74 24.16
N ALA E 115 32.26 -37.02 22.97
CA ALA E 115 33.23 -38.09 22.84
C ALA E 115 34.52 -37.77 23.58
N ALA E 116 35.00 -36.52 23.49
CA ALA E 116 36.18 -36.14 24.25
C ALA E 116 35.97 -36.32 25.75
N MET E 117 34.78 -35.93 26.25
CA MET E 117 34.48 -36.08 27.67
C MET E 117 34.49 -37.54 28.11
N LEU E 118 34.01 -38.44 27.25
CA LEU E 118 34.05 -39.87 27.57
C LEU E 118 35.45 -40.43 27.40
N GLU E 119 36.21 -39.95 26.42
CA GLU E 119 37.58 -40.41 26.26
C GLU E 119 38.43 -40.06 27.48
N ARG E 120 38.20 -38.90 28.09
CA ARG E 120 38.98 -38.53 29.27
C ARG E 120 38.61 -39.40 30.48
N LEU E 121 37.32 -39.64 30.70
CA LEU E 121 36.91 -40.52 31.78
C LEU E 121 37.43 -41.94 31.59
N GLN E 122 37.49 -42.41 30.33
CA GLN E 122 38.01 -43.76 30.10
C GLN E 122 39.52 -43.83 30.29
N GLU E 123 40.23 -42.73 30.06
CA GLU E 123 41.66 -42.72 30.34
C GLU E 123 41.91 -42.78 31.85
N LYS E 124 41.09 -42.06 32.65
CA LYS E 124 41.11 -42.29 34.09
C LYS E 124 40.89 -43.76 34.40
N ASP E 125 40.01 -44.42 33.63
CA ASP E 125 39.69 -45.82 33.92
C ASP E 125 40.89 -46.72 33.65
N LYS E 126 41.65 -46.44 32.58
CA LYS E 126 42.86 -47.20 32.33
C LYS E 126 43.91 -46.95 33.43
N HIS E 127 44.05 -45.69 33.84
CA HIS E 127 44.98 -45.37 34.92
C HIS E 127 44.65 -46.14 36.19
N ALA E 128 43.36 -46.33 36.48
CA ALA E 128 42.97 -47.08 37.68
C ALA E 128 43.44 -48.53 37.60
N GLU E 129 43.42 -49.12 36.41
CA GLU E 129 43.91 -50.49 36.29
C GLU E 129 45.43 -50.54 36.43
N GLU E 130 46.11 -49.47 36.02
CA GLU E 130 47.56 -49.42 36.19
C GLU E 130 47.93 -49.24 37.66
N VAL E 131 47.14 -48.44 38.40
CA VAL E 131 47.33 -48.32 39.84
C VAL E 131 47.11 -49.65 40.53
N ARG E 132 46.05 -50.38 40.13
CA ARG E 132 45.78 -51.68 40.75
C ARG E 132 46.86 -52.70 40.40
N LYS E 133 47.42 -52.61 39.18
CA LYS E 133 48.52 -53.49 38.80
C LYS E 133 49.77 -53.19 39.64
N ASN E 134 50.12 -51.91 39.75
CA ASN E 134 51.28 -51.51 40.54
C ASN E 134 51.21 -52.05 41.97
N LYS E 135 50.00 -52.17 42.53
CA LYS E 135 49.87 -52.64 43.90
C LYS E 135 50.23 -54.12 44.02
N GLU E 136 49.66 -54.98 43.15
CA GLU E 136 50.00 -56.40 43.22
C GLU E 136 51.46 -56.63 42.87
N LEU E 137 52.01 -55.82 41.96
CA LEU E 137 53.41 -55.92 41.58
C LEU E 137 54.35 -55.74 42.77
N LYS E 138 53.93 -54.98 43.77
CA LYS E 138 54.71 -54.82 44.99
C LYS E 138 54.05 -55.55 46.17
PG GTP F . -17.77 16.53 -37.75
O1G GTP F . -16.53 17.32 -37.81
O2G GTP F . -18.00 16.06 -36.24
O3G GTP F . -17.74 15.25 -38.74
O3B GTP F . -19.04 17.40 -38.16
PB GTP F . -19.36 18.19 -39.52
O1B GTP F . -18.27 18.00 -40.48
O2B GTP F . -20.80 17.77 -40.07
O3A GTP F . -19.42 19.70 -39.04
PA GTP F . -20.10 21.01 -39.63
O1A GTP F . -20.45 20.74 -41.03
O2A GTP F . -21.38 21.39 -38.74
O5' GTP F . -18.91 22.09 -39.50
C5' GTP F . -18.79 22.96 -38.37
C4' GTP F . -18.75 24.35 -39.01
O4' GTP F . -20.00 24.59 -39.68
C3' GTP F . -18.62 25.41 -37.91
O3' GTP F . -18.03 26.59 -38.46
C2' GTP F . -20.09 25.64 -37.54
O2' GTP F . -20.29 26.94 -36.98
C1' GTP F . -20.74 25.59 -38.94
N9 GTP F . -22.14 25.18 -38.91
C8 GTP F . -22.62 24.03 -38.34
N7 GTP F . -23.92 23.98 -38.50
C5 GTP F . -24.35 25.08 -39.17
C6 GTP F . -25.62 25.54 -39.62
O6 GTP F . -26.67 24.91 -39.45
N1 GTP F . -25.65 26.73 -40.24
C2 GTP F . -24.51 27.44 -40.47
N2 GTP F . -24.61 28.63 -41.14
N3 GTP F . -23.33 27.02 -40.08
C4 GTP F . -23.21 25.86 -39.43
S SO4 G . -10.67 36.56 -34.37
O1 SO4 G . -9.53 35.98 -33.67
O2 SO4 G . -10.40 37.96 -34.66
O3 SO4 G . -10.92 35.84 -35.61
O4 SO4 G . -11.87 36.50 -33.52
PB GDP H . -6.21 1.82 -3.09
O1B GDP H . -5.01 0.78 -2.97
O2B GDP H . -7.63 1.27 -2.56
O3B GDP H . -6.41 2.22 -4.52
O3A GDP H . -5.79 3.09 -2.22
PA GDP H . -6.56 4.47 -2.00
O1A GDP H . -7.13 4.60 -0.50
O2A GDP H . -7.68 4.54 -2.96
O5' GDP H . -5.37 5.52 -2.31
C5' GDP H . -4.81 6.39 -1.32
C4' GDP H . -4.91 7.78 -1.93
O4' GDP H . -6.30 8.05 -2.23
C3' GDP H . -4.43 8.86 -0.95
O3' GDP H . -3.88 9.92 -1.72
C2' GDP H . -5.76 9.27 -0.28
O2' GDP H . -5.75 10.60 0.21
C1' GDP H . -6.71 9.22 -1.50
N9 GDP H . -8.11 8.97 -1.18
C8 GDP H . -8.63 7.81 -0.62
N7 GDP H . -9.91 7.95 -0.53
C5 GDP H . -10.29 9.16 -1.02
C6 GDP H . -11.52 9.82 -1.19
O6 GDP H . -12.55 9.29 -0.84
N1 GDP H . -11.51 11.07 -1.73
C2 GDP H . -10.33 11.64 -2.13
N2 GDP H . -10.34 12.88 -2.69
N3 GDP H . -9.18 11.04 -1.98
C4 GDP H . -9.13 9.81 -1.44
C02 JUL I . -16.28 19.94 -28.92
C03 JUL I . -15.97 19.26 -27.56
C05 JUL I . -16.17 20.14 -25.30
C07 JUL I . -16.99 18.80 -23.64
C09 JUL I . -17.00 16.38 -24.18
C10 JUL I . -16.02 15.34 -23.62
C12 JUL I . -16.48 16.04 -21.37
C13 JUL I . -17.46 17.12 -21.84
C15 JUL I . -17.28 21.06 -23.38
C16 JUL I . -16.64 21.25 -24.61
C17 JUL I . -16.58 22.77 -24.96
C18 JUL I . -17.50 23.43 -23.95
C19 JUL I . -17.68 22.43 -22.83
C20 JUL I . -14.53 21.21 -26.93
C21 JUL I . -13.58 21.71 -26.00
C22 JUL I . -12.66 22.68 -26.41
C23 JUL I . -12.67 23.16 -27.74
C25 JUL I . -10.73 24.44 -27.25
C26 JUL I . -13.61 22.66 -28.65
C27 JUL I . -14.53 21.68 -28.23
N04 JUL I . -15.51 20.18 -26.57
N06 JUL I . -16.38 18.96 -24.79
N08 JUL I . -17.11 17.50 -23.21
N14 JUL I . -17.43 19.82 -22.91
N28 JUL I . -15.53 21.15 -29.20
O01 JUL I . -17.07 19.52 -29.70
O11 JUL I . -16.46 14.95 -22.32
O24 JUL I . -11.75 24.14 -28.17
S SO4 J . -17.63 12.70 6.66
O1 SO4 J . -16.39 12.26 6.01
O2 SO4 J . -17.49 14.03 7.22
O3 SO4 J . -18.72 12.71 5.69
O4 SO4 J . -17.96 11.76 7.73
PG GTP K . 13.36 -21.97 28.72
O1G GTP K . 14.69 -21.46 29.09
O2G GTP K . 13.43 -23.34 27.87
O3G GTP K . 12.35 -22.11 29.94
O3B GTP K . 12.78 -20.84 27.72
PB GTP K . 11.47 -19.93 27.79
O1B GTP K . 11.13 -19.47 26.42
O2B GTP K . 10.20 -20.73 28.38
O3A GTP K . 11.76 -18.77 28.81
PA GTP K . 10.93 -17.43 29.10
O1A GTP K . 9.92 -17.16 28.04
O2A GTP K . 10.21 -17.57 30.52
O5' GTP K . 12.03 -16.28 29.07
C5' GTP K . 12.25 -15.48 30.21
C4' GTP K . 11.98 -14.07 29.71
O4' GTP K . 10.58 -13.97 29.37
C3' GTP K . 12.26 -13.15 30.90
O3' GTP K . 12.64 -11.88 30.40
C2' GTP K . 10.87 -13.07 31.57
O2' GTP K . 10.72 -11.86 32.28
C1' GTP K . 9.95 -13.08 30.32
N9 GTP K . 8.64 -13.65 30.58
C8 GTP K . 8.42 -14.95 30.98
N7 GTP K . 7.13 -15.14 31.11
C5 GTP K . 6.47 -14.00 30.79
C6 GTP K . 5.11 -13.63 30.73
O6 GTP K . 4.21 -14.42 31.00
N1 GTP K . 4.79 -12.37 30.36
C2 GTP K . 5.78 -11.48 30.05
N2 GTP K . 5.43 -10.20 29.67
N3 GTP K . 7.05 -11.82 30.10
C4 GTP K . 7.43 -13.04 30.45
MG MG L . 10.31 -22.16 30.01
PG GTP M . 36.44 -44.25 55.90
O1G GTP M . 37.86 -43.86 56.03
O2G GTP M . 35.67 -44.29 57.33
O3G GTP M . 36.28 -45.70 55.19
O3B GTP M . 35.74 -43.15 54.98
PB GTP M . 34.55 -42.18 55.38
O1B GTP M . 33.92 -41.59 54.17
O2B GTP M . 33.43 -42.94 56.22
O3A GTP M . 35.21 -41.11 56.33
PA GTP M . 34.51 -39.93 57.11
O1A GTP M . 33.20 -39.66 56.50
O2A GTP M . 34.34 -40.27 58.66
O5' GTP M . 35.57 -38.76 56.85
C5' GTP M . 36.26 -38.13 57.92
C4' GTP M . 36.02 -36.67 57.64
O4' GTP M . 34.60 -36.43 57.69
C3' GTP M . 36.62 -35.81 58.74
O3' GTP M . 36.85 -34.55 58.14
C2' GTP M . 35.49 -35.78 59.78
O2' GTP M . 35.51 -34.60 60.54
C1' GTP M . 34.28 -35.63 58.85
N9 GTP M . 33.02 -36.15 59.36
C8 GTP M . 32.73 -37.46 59.68
N7 GTP M . 31.47 -37.53 60.07
C5 GTP M . 30.91 -36.28 60.02
C6 GTP M . 29.62 -35.75 60.29
O6 GTP M . 28.69 -36.45 60.67
N1 GTP M . 29.40 -34.42 60.10
C2 GTP M . 30.40 -33.62 59.64
N2 GTP M . 30.13 -32.27 59.49
N3 GTP M . 31.60 -34.10 59.38
C4 GTP M . 31.89 -35.40 59.55
C02 JUL N . 16.96 -20.38 37.75
C03 JUL N . 17.58 -21.25 38.89
C05 JUL N . 17.95 -20.99 41.30
C07 JUL N . 17.87 -22.84 42.66
C09 JUL N . 17.87 -25.16 41.67
C10 JUL N . 19.03 -26.16 41.80
C12 JUL N . 19.08 -25.85 44.18
C13 JUL N . 17.91 -24.86 44.09
C15 JUL N . 17.54 -20.81 43.67
C16 JUL N . 17.69 -20.20 42.43
C17 JUL N . 17.52 -18.66 42.63
C18 JUL N . 16.84 -18.53 43.98
C19 JUL N . 17.28 -19.74 44.75
C20 JUL N . 18.94 -19.33 39.61
C21 JUL N . 20.00 -18.91 40.44
C22 JUL N . 20.77 -17.78 40.06
C23 JUL N . 20.50 -17.08 38.87
C25 JUL N . 22.23 -15.49 39.42
C26 JUL N . 19.44 -17.51 38.07
C27 JUL N . 18.66 -18.64 38.44
N04 JUL N . 18.11 -20.47 39.96
N06 JUL N . 18.02 -22.29 41.46
N08 JUL N . 17.97 -24.21 42.78
N14 JUL N . 17.64 -22.12 43.75
N28 JUL N . 17.55 -19.07 37.57
O01 JUL N . 16.07 -20.77 37.08
O11 JUL N . 19.00 -26.77 43.09
O24 JUL N . 21.27 -15.97 38.48
S SO4 O . 25.28 -35.65 70.81
O1 SO4 O . 25.84 -36.92 71.28
O2 SO4 O . 25.76 -34.60 71.71
O3 SO4 O . 25.70 -35.43 69.43
O4 SO4 O . 23.82 -35.72 70.82
S SO4 P . 18.19 -31.48 64.80
O1 SO4 P . 19.03 -32.30 65.65
O2 SO4 P . 17.59 -30.38 65.57
O3 SO4 P . 18.96 -30.92 63.68
O4 SO4 P . 17.13 -32.33 64.26
#